data_2M0A
#
_entry.id   2M0A
#
_entity_poly.entity_id   1
_entity_poly.type   'polypeptide(L)'
_entity_poly.pdbx_seq_one_letter_code
;GKKVEFNDKPKVRKIPSTRKIKITFALDATFDSVLSKACSEFEVDKDVTLDELLDVVLDAVESTLSPCKEHDVIGTKVCA
LLDRLAGDYVYLFDEGGDEVIAPRMYCSFSAPDD
;
_entity_poly.pdbx_strand_id   A
#
# COMPACT_ATOMS: atom_id res chain seq x y z
N GLY A 1 0.50 7.41 -35.48
CA GLY A 1 0.28 6.05 -34.90
C GLY A 1 1.29 5.81 -33.78
N LYS A 2 1.27 4.59 -33.23
CA LYS A 2 2.17 4.20 -32.14
C LYS A 2 1.55 4.53 -30.79
N LYS A 3 1.61 5.83 -30.40
CA LYS A 3 1.10 6.32 -29.12
C LYS A 3 2.17 7.13 -28.40
N VAL A 4 2.31 6.94 -27.08
CA VAL A 4 3.32 7.65 -26.27
C VAL A 4 3.20 7.36 -24.80
N GLU A 5 2.66 6.19 -24.47
CA GLU A 5 2.51 5.80 -23.08
C GLU A 5 2.53 4.29 -22.94
N PHE A 6 3.12 3.64 -23.94
CA PHE A 6 3.21 2.20 -23.98
C PHE A 6 3.73 1.63 -22.64
N ASN A 7 3.70 0.28 -22.49
CA ASN A 7 4.22 -0.39 -21.29
C ASN A 7 5.40 -1.23 -21.70
N ASP A 8 6.00 -2.05 -20.83
CA ASP A 8 7.18 -2.84 -21.22
C ASP A 8 8.30 -1.87 -21.42
N LYS A 9 9.55 -2.36 -21.61
CA LYS A 9 10.71 -1.47 -21.81
C LYS A 9 10.24 -0.21 -22.43
N PRO A 10 10.87 0.99 -21.99
CA PRO A 10 10.65 2.98 -22.49
C PRO A 10 10.75 3.63 -23.87
N LYS A 11 10.51 4.94 -23.76
CA LYS A 11 10.52 5.83 -24.90
C LYS A 11 9.78 5.14 -26.04
N VAL A 12 10.51 4.71 -27.06
CA VAL A 12 9.89 3.97 -28.15
C VAL A 12 9.06 2.91 -27.48
N ARG A 13 9.49 2.56 -26.26
CA ARG A 13 8.83 1.59 -25.43
C ARG A 13 9.46 1.54 -24.03
N LYS A 14 8.67 1.94 -22.91
CA LYS A 14 9.01 1.82 -21.32
C LYS A 14 7.94 2.35 -20.43
N ILE A 15 8.27 2.32 -19.15
CA ILE A 15 7.44 2.90 -18.13
C ILE A 15 8.31 3.56 -17.07
N PRO A 16 7.74 4.42 -16.26
CA PRO A 16 8.50 5.11 -15.18
C PRO A 16 9.47 4.17 -14.46
N SER A 17 10.61 4.73 -14.03
CA SER A 17 11.64 3.95 -13.31
C SER A 17 11.08 3.38 -11.99
N THR A 18 9.76 3.34 -11.92
CA THR A 18 9.07 2.83 -10.75
C THR A 18 8.26 1.59 -11.10
N ARG A 19 7.96 0.79 -10.09
CA ARG A 19 7.18 -0.43 -10.29
C ARG A 19 5.75 -0.20 -9.85
N LYS A 20 4.81 -0.70 -10.63
CA LYS A 20 3.40 -0.53 -10.29
C LYS A 20 2.88 -1.75 -9.55
N ILE A 21 2.51 -1.53 -8.29
CA ILE A 21 1.97 -2.60 -7.46
C ILE A 21 0.45 -2.49 -7.38
N LYS A 22 -0.20 -3.66 -7.27
CA LYS A 22 -1.66 -3.71 -7.19
C LYS A 22 -2.10 -4.67 -6.08
N ILE A 23 -1.16 -5.10 -5.24
CA ILE A 23 -1.47 -6.03 -4.15
C ILE A 23 -1.70 -5.27 -2.86
N THR A 24 -2.96 -5.28 -2.40
CA THR A 24 -3.32 -4.61 -1.16
C THR A 24 -3.92 -5.60 -0.17
N PHE A 25 -3.42 -5.57 1.07
CA PHE A 25 -3.92 -6.49 2.09
C PHE A 25 -5.25 -6.00 2.64
N ALA A 26 -6.30 -6.78 2.37
CA ALA A 26 -7.64 -6.43 2.83
C ALA A 26 -7.95 -7.11 4.15
N LEU A 27 -7.97 -6.31 5.22
CA LEU A 27 -8.27 -6.84 6.55
C LEU A 27 -9.72 -7.29 6.62
N ASP A 28 -10.60 -6.50 6.00
CA ASP A 28 -12.02 -6.80 5.98
C ASP A 28 -12.66 -6.17 4.76
N ALA A 29 -13.91 -6.52 4.50
CA ALA A 29 -14.63 -5.98 3.35
C ALA A 29 -14.56 -4.45 3.36
N THR A 30 -14.47 -3.88 4.57
CA THR A 30 -14.39 -2.44 4.70
C THR A 30 -13.19 -1.89 3.96
N PHE A 31 -11.96 -2.24 4.38
CA PHE A 31 -10.77 -1.77 3.71
C PHE A 31 -10.57 -2.53 2.40
N ASP A 32 -11.62 -3.19 1.96
CA ASP A 32 -11.58 -3.92 0.71
C ASP A 32 -11.97 -2.97 -0.40
N SER A 33 -13.22 -2.53 -0.37
CA SER A 33 -13.70 -1.60 -1.38
C SER A 33 -13.11 -0.22 -1.12
N VAL A 34 -12.90 0.10 0.16
CA VAL A 34 -12.34 1.40 0.52
C VAL A 34 -10.86 1.50 0.14
N LEU A 35 -10.06 0.49 0.54
CA LEU A 35 -8.64 0.54 0.23
C LEU A 35 -8.43 0.50 -1.28
N SER A 36 -9.20 -0.36 -1.97
CA SER A 36 -9.07 -0.48 -3.42
C SER A 36 -9.42 0.84 -4.11
N LYS A 37 -10.52 1.45 -3.69
CA LYS A 37 -10.95 2.73 -4.28
C LYS A 37 -9.95 3.85 -4.02
N ALA A 38 -9.38 3.88 -2.82
CA ALA A 38 -8.42 4.91 -2.45
C ALA A 38 -7.04 4.56 -2.96
N CYS A 39 -6.79 3.26 -3.09
CA CYS A 39 -5.49 2.79 -3.57
C CYS A 39 -5.60 1.49 -4.38
N SER A 40 -5.88 1.65 -5.67
CA SER A 40 -6.00 0.49 -6.57
C SER A 40 -4.67 0.27 -7.31
N GLU A 41 -3.83 1.31 -7.28
CA GLU A 41 -2.52 1.26 -7.94
C GLU A 41 -1.50 2.15 -7.27
N PHE A 42 -0.25 1.70 -7.25
CA PHE A 42 0.83 2.48 -6.65
C PHE A 42 2.13 2.34 -7.43
N GLU A 43 2.87 3.45 -7.54
CA GLU A 43 4.14 3.45 -8.26
C GLU A 43 5.31 3.51 -7.28
N VAL A 44 6.10 2.44 -7.26
CA VAL A 44 7.22 2.36 -6.33
C VAL A 44 8.58 2.22 -7.04
N ASP A 45 9.38 3.29 -6.91
CA ASP A 45 10.74 3.33 -7.49
C ASP A 45 11.52 2.17 -6.91
N LYS A 46 12.73 1.84 -7.37
CA LYS A 46 13.46 0.72 -6.79
C LYS A 46 14.28 1.17 -5.60
N ASP A 47 13.79 2.19 -4.90
CA ASP A 47 14.47 2.72 -3.73
C ASP A 47 13.48 2.89 -2.58
N VAL A 48 12.21 2.63 -2.88
CA VAL A 48 11.16 2.76 -1.87
C VAL A 48 11.16 1.54 -0.96
N THR A 49 11.25 1.79 0.34
CA THR A 49 11.25 0.72 1.32
C THR A 49 9.89 0.60 1.99
N LEU A 50 9.50 -0.63 2.30
CA LEU A 50 8.21 -0.90 2.95
C LEU A 50 7.79 0.29 3.82
N ASP A 51 8.77 0.94 4.46
CA ASP A 51 8.48 2.09 5.32
C ASP A 51 7.83 3.21 4.51
N GLU A 52 8.43 3.55 3.37
CA GLU A 52 7.89 4.60 2.50
C GLU A 52 6.56 4.16 1.91
N LEU A 53 6.46 2.89 1.55
CA LEU A 53 5.23 2.37 0.96
C LEU A 53 4.09 2.52 1.96
N LEU A 54 4.35 2.13 3.21
CA LEU A 54 3.36 2.24 4.27
C LEU A 54 2.99 3.69 4.51
N ASP A 55 4.00 4.56 4.49
CA ASP A 55 3.77 5.98 4.70
C ASP A 55 2.84 6.55 3.64
N VAL A 56 3.16 6.31 2.36
CA VAL A 56 2.33 6.83 1.27
C VAL A 56 0.98 6.15 1.24
N VAL A 57 0.96 4.87 1.59
CA VAL A 57 -0.28 4.11 1.60
C VAL A 57 -1.23 4.67 2.66
N LEU A 58 -0.70 4.87 3.87
CA LEU A 58 -1.50 5.40 4.96
C LEU A 58 -1.96 6.82 4.65
N ASP A 59 -1.04 7.62 4.12
CA ASP A 59 -1.36 9.00 3.77
C ASP A 59 -2.39 9.06 2.66
N ALA A 60 -2.24 8.19 1.66
CA ALA A 60 -3.16 8.16 0.54
C ALA A 60 -4.57 7.83 1.01
N VAL A 61 -4.69 6.75 1.78
CA VAL A 61 -5.99 6.32 2.30
C VAL A 61 -6.59 7.39 3.20
N GLU A 62 -5.75 8.01 4.01
CA GLU A 62 -6.20 9.06 4.92
C GLU A 62 -6.67 10.28 4.13
N SER A 63 -5.97 10.57 3.03
CA SER A 63 -6.31 11.72 2.19
C SER A 63 -7.64 11.48 1.47
N THR A 64 -7.83 10.28 0.95
CA THR A 64 -9.06 9.95 0.24
C THR A 64 -10.23 9.78 1.20
N LEU A 65 -10.01 9.01 2.26
CA LEU A 65 -11.05 8.77 3.25
C LEU A 65 -10.75 9.54 4.52
N SER A 66 -10.91 10.86 4.47
CA SER A 66 -10.67 11.71 5.62
C SER A 66 -11.85 11.65 6.60
N PRO A 67 -13.05 11.82 6.10
CA PRO A 67 -14.28 11.78 6.95
C PRO A 67 -14.69 10.36 7.34
N CYS A 68 -13.83 9.70 8.09
CA CYS A 68 -14.10 8.33 8.54
C CYS A 68 -14.80 8.34 9.89
N LYS A 69 -14.48 9.33 10.71
CA LYS A 69 -15.07 9.47 12.04
C LYS A 69 -16.57 9.74 11.93
N GLU A 70 -17.01 10.16 10.75
CA GLU A 70 -18.43 10.47 10.54
C GLU A 70 -19.26 9.19 10.50
N HIS A 71 -18.73 8.15 9.86
CA HIS A 71 -19.44 6.89 9.77
C HIS A 71 -19.16 6.02 10.99
N ASP A 72 -20.20 5.71 11.75
CA ASP A 72 -20.03 4.89 12.95
C ASP A 72 -19.47 3.52 12.60
N VAL A 73 -19.96 2.94 11.50
CA VAL A 73 -19.51 1.62 11.07
C VAL A 73 -18.00 1.66 10.78
N ILE A 74 -17.58 2.66 10.03
CA ILE A 74 -16.17 2.79 9.69
C ILE A 74 -15.41 3.48 10.81
N GLY A 75 -16.10 4.35 11.56
CA GLY A 75 -15.47 5.08 12.67
C GLY A 75 -14.22 4.37 13.16
N THR A 76 -14.43 3.28 13.91
CA THR A 76 -13.32 2.48 14.46
C THR A 76 -12.04 2.63 13.64
N LYS A 77 -12.17 2.75 12.32
CA LYS A 77 -11.01 2.90 11.46
C LYS A 77 -10.15 4.08 11.92
N VAL A 78 -10.77 5.08 12.53
CA VAL A 78 -10.05 6.24 13.02
C VAL A 78 -9.16 5.86 14.20
N CYS A 79 -9.74 5.11 15.14
CA CYS A 79 -8.99 4.68 16.33
C CYS A 79 -7.82 3.80 15.92
N ALA A 80 -8.08 2.87 15.00
CA ALA A 80 -7.03 1.98 14.52
C ALA A 80 -5.98 2.76 13.74
N LEU A 81 -6.43 3.73 12.96
CA LEU A 81 -5.53 4.55 12.16
C LEU A 81 -4.61 5.35 13.08
N LEU A 82 -5.19 5.94 14.12
CA LEU A 82 -4.42 6.74 15.06
C LEU A 82 -3.41 5.85 15.79
N ASP A 83 -3.85 4.67 16.20
CA ASP A 83 -2.98 3.73 16.90
C ASP A 83 -1.83 3.29 15.99
N ARG A 84 -2.14 3.06 14.72
CA ARG A 84 -1.12 2.65 13.76
C ARG A 84 -0.10 3.76 13.56
N LEU A 85 -0.58 5.00 13.50
CA LEU A 85 0.29 6.14 13.31
C LEU A 85 1.05 6.45 14.61
N ALA A 86 0.54 5.95 15.73
CA ALA A 86 1.17 6.19 17.03
C ALA A 86 2.57 5.59 17.07
N GLY A 87 2.70 4.34 16.58
CA GLY A 87 3.99 3.68 16.58
C GLY A 87 3.92 2.31 15.91
N ASP A 88 3.02 1.46 16.41
CA ASP A 88 2.86 0.12 15.85
C ASP A 88 1.93 0.16 14.65
N TYR A 89 2.48 -0.11 13.46
CA TYR A 89 1.68 -0.09 12.23
C TYR A 89 1.47 -1.51 11.71
N VAL A 90 2.10 -1.82 10.59
CA VAL A 90 1.99 -3.15 9.99
C VAL A 90 3.26 -3.45 9.20
N TYR A 91 4.01 -4.46 9.65
CA TYR A 91 5.26 -4.83 8.98
C TYR A 91 4.95 -5.54 7.67
N LEU A 92 5.85 -5.53 6.70
CA LEU A 92 5.58 -6.22 5.44
C LEU A 92 6.89 -6.85 4.95
N PHE A 93 6.81 -8.09 4.50
CA PHE A 93 8.01 -8.78 4.01
C PHE A 93 7.68 -9.70 2.84
N ASP A 94 8.70 -10.12 2.11
CA ASP A 94 8.52 -10.99 0.97
C ASP A 94 8.33 -12.44 1.43
N GLU A 95 8.24 -13.36 0.47
CA GLU A 95 8.06 -14.77 0.79
C GLU A 95 9.37 -15.38 1.29
N GLY A 96 9.99 -14.72 2.27
CA GLY A 96 11.24 -15.20 2.84
C GLY A 96 11.41 -14.71 4.27
N GLY A 97 11.35 -13.39 4.45
CA GLY A 97 11.49 -12.79 5.77
C GLY A 97 12.24 -11.47 5.68
N ASP A 98 12.97 -11.29 4.58
CA ASP A 98 13.73 -10.07 4.38
C ASP A 98 12.80 -8.91 4.07
N GLU A 99 13.07 -7.76 4.67
CA GLU A 99 12.25 -6.57 4.45
C GLU A 99 12.55 -5.98 3.07
N VAL A 100 11.80 -6.45 2.07
CA VAL A 100 11.98 -5.96 0.71
C VAL A 100 10.66 -6.00 -0.06
N ILE A 101 10.52 -5.09 -1.01
CA ILE A 101 9.30 -5.02 -1.82
C ILE A 101 9.45 -5.91 -3.05
N ALA A 102 8.51 -6.84 -3.21
CA ALA A 102 8.53 -7.75 -4.35
C ALA A 102 7.12 -8.00 -4.87
N PRO A 103 6.98 -8.76 -5.91
CA PRO A 103 5.65 -9.09 -6.50
C PRO A 103 4.67 -9.62 -5.46
N ARG A 104 5.19 -10.40 -4.51
CA ARG A 104 4.36 -10.97 -3.46
C ARG A 104 4.88 -10.57 -2.09
N MET A 105 4.28 -9.54 -1.51
CA MET A 105 4.70 -9.06 -0.20
C MET A 105 3.57 -9.24 0.82
N TYR A 106 3.92 -9.75 2.00
CA TYR A 106 2.94 -9.96 3.06
C TYR A 106 2.92 -8.77 4.00
N CYS A 107 1.86 -7.96 3.89
CA CYS A 107 1.72 -6.77 4.74
C CYS A 107 0.79 -7.06 5.92
N SER A 108 1.31 -6.90 7.13
CA SER A 108 0.53 -7.15 8.33
C SER A 108 1.34 -6.83 9.59
N PHE A 109 0.67 -6.75 10.73
CA PHE A 109 1.34 -6.46 11.98
C PHE A 109 1.88 -7.76 12.60
N SER A 110 2.15 -8.75 11.74
CA SER A 110 2.67 -10.02 12.21
C SER A 110 4.03 -10.31 11.59
N ALA A 111 5.03 -10.49 12.45
CA ALA A 111 6.39 -10.77 11.99
C ALA A 111 6.40 -11.97 11.05
N PRO A 112 7.44 -12.13 10.27
CA PRO A 112 7.56 -13.26 9.30
C PRO A 112 7.28 -14.61 9.96
N ASP A 113 7.90 -14.85 11.10
CA ASP A 113 7.70 -16.11 11.83
C ASP A 113 6.32 -16.14 12.47
N ASP A 114 5.91 -14.97 12.97
CA ASP A 114 4.61 -14.82 13.62
C ASP A 114 4.48 -15.84 14.76
N GLY A 1 11.16 16.04 -8.84
CA GLY A 1 12.25 16.84 -9.47
C GLY A 1 11.66 17.75 -10.55
N LYS A 2 10.34 17.81 -10.60
CA LYS A 2 9.67 18.65 -11.58
C LYS A 2 9.73 20.11 -11.17
N LYS A 3 9.86 20.99 -12.16
CA LYS A 3 9.92 22.44 -11.90
C LYS A 3 9.00 23.18 -12.84
N VAL A 4 8.38 22.47 -13.78
CA VAL A 4 7.48 23.09 -14.74
C VAL A 4 6.13 23.38 -14.10
N GLU A 5 5.55 22.36 -13.49
CA GLU A 5 4.25 22.49 -12.83
C GLU A 5 4.11 21.47 -11.71
N PHE A 6 3.32 21.82 -10.70
CA PHE A 6 3.10 20.93 -9.55
C PHE A 6 1.73 20.27 -9.67
N ASN A 7 1.73 18.94 -9.61
CA ASN A 7 0.49 18.19 -9.71
C ASN A 7 0.74 16.71 -9.45
N ASP A 8 1.38 16.41 -8.32
CA ASP A 8 1.68 15.02 -7.96
C ASP A 8 2.20 14.26 -9.17
N LYS A 9 2.26 12.95 -9.05
CA LYS A 9 2.76 12.11 -10.14
C LYS A 9 2.14 12.54 -11.48
N PRO A 10 2.80 12.23 -12.57
CA PRO A 10 2.30 12.58 -13.92
C PRO A 10 1.07 11.77 -14.32
N LYS A 11 0.27 12.31 -15.23
CA LYS A 11 -0.94 11.63 -15.70
C LYS A 11 -0.95 11.56 -17.22
N VAL A 12 -1.48 10.46 -17.74
CA VAL A 12 -1.55 10.25 -19.18
C VAL A 12 -0.16 10.33 -19.80
N ARG A 13 0.78 9.62 -19.20
CA ARG A 13 2.16 9.61 -19.70
C ARG A 13 2.85 8.30 -19.33
N LYS A 14 3.80 7.88 -20.16
CA LYS A 14 4.53 6.65 -19.92
C LYS A 14 5.22 6.70 -18.56
N ILE A 15 5.04 5.64 -17.78
CA ILE A 15 5.65 5.57 -16.46
C ILE A 15 7.17 5.52 -16.55
N PRO A 16 7.86 5.96 -15.54
CA PRO A 16 9.35 5.95 -15.50
C PRO A 16 9.90 4.52 -15.41
N SER A 17 11.17 4.42 -15.05
CA SER A 17 11.83 3.12 -14.93
C SER A 17 11.38 2.40 -13.67
N THR A 18 10.47 3.03 -12.94
CA THR A 18 9.96 2.45 -11.70
C THR A 18 8.80 1.51 -11.99
N ARG A 19 8.39 0.75 -10.99
CA ARG A 19 7.29 -0.21 -11.16
C ARG A 19 6.09 0.22 -10.32
N LYS A 20 4.96 -0.46 -10.52
CA LYS A 20 3.74 -0.14 -9.78
C LYS A 20 3.38 -1.28 -8.85
N ILE A 21 2.78 -0.92 -7.71
CA ILE A 21 2.38 -1.91 -6.72
C ILE A 21 0.87 -2.06 -6.69
N LYS A 22 0.41 -3.30 -6.67
CA LYS A 22 -1.03 -3.59 -6.64
C LYS A 22 -1.33 -4.72 -5.66
N ILE A 23 -0.29 -5.29 -5.05
CA ILE A 23 -0.46 -6.39 -4.12
C ILE A 23 -0.33 -5.89 -2.69
N THR A 24 -1.38 -6.12 -1.89
CA THR A 24 -1.38 -5.68 -0.50
C THR A 24 -2.18 -6.65 0.36
N PHE A 25 -1.72 -6.86 1.59
CA PHE A 25 -2.41 -7.77 2.50
C PHE A 25 -3.58 -7.08 3.15
N ALA A 26 -4.79 -7.60 2.93
CA ALA A 26 -6.00 -7.02 3.50
C ALA A 26 -6.43 -7.79 4.75
N LEU A 27 -6.84 -7.04 5.77
CA LEU A 27 -7.27 -7.66 7.03
C LEU A 27 -8.52 -8.49 6.80
N ASP A 28 -9.44 -7.97 6.00
CA ASP A 28 -10.68 -8.68 5.72
C ASP A 28 -11.26 -8.22 4.39
N ALA A 29 -12.45 -8.72 4.06
CA ALA A 29 -13.11 -8.36 2.82
C ALA A 29 -13.38 -6.86 2.78
N THR A 30 -13.85 -6.32 3.89
CA THR A 30 -14.15 -4.89 3.97
C THR A 30 -12.89 -4.07 3.78
N PHE A 31 -11.83 -4.45 4.49
CA PHE A 31 -10.56 -3.74 4.38
C PHE A 31 -9.97 -3.90 2.98
N ASP A 32 -10.21 -5.07 2.38
CA ASP A 32 -9.70 -5.34 1.04
C ASP A 32 -10.35 -4.40 0.02
N SER A 33 -11.68 -4.35 0.03
CA SER A 33 -12.42 -3.50 -0.90
C SER A 33 -12.09 -2.03 -0.66
N VAL A 34 -12.09 -1.64 0.61
CA VAL A 34 -11.80 -0.26 0.96
C VAL A 34 -10.38 0.12 0.54
N LEU A 35 -9.43 -0.74 0.85
CA LEU A 35 -8.05 -0.49 0.51
C LEU A 35 -7.88 -0.45 -1.01
N SER A 36 -8.51 -1.40 -1.69
CA SER A 36 -8.41 -1.47 -3.15
C SER A 36 -8.99 -0.21 -3.78
N LYS A 37 -10.16 0.20 -3.30
CA LYS A 37 -10.82 1.39 -3.82
C LYS A 37 -9.99 2.64 -3.52
N ALA A 38 -9.50 2.73 -2.29
CA ALA A 38 -8.70 3.88 -1.89
C ALA A 38 -7.35 3.87 -2.60
N CYS A 39 -6.63 2.75 -2.47
CA CYS A 39 -5.31 2.61 -3.09
C CYS A 39 -5.32 1.46 -4.09
N SER A 40 -5.86 1.71 -5.28
CA SER A 40 -5.93 0.69 -6.31
C SER A 40 -4.52 0.30 -6.77
N GLU A 41 -3.64 1.28 -6.84
CA GLU A 41 -2.27 1.03 -7.26
C GLU A 41 -1.41 2.28 -7.09
N PHE A 42 -0.12 2.08 -6.84
CA PHE A 42 0.80 3.22 -6.65
C PHE A 42 2.16 2.92 -7.28
N GLU A 43 2.90 3.98 -7.60
CA GLU A 43 4.21 3.82 -8.20
C GLU A 43 5.27 3.64 -7.11
N VAL A 44 6.03 2.55 -7.20
CA VAL A 44 7.07 2.26 -6.21
C VAL A 44 8.42 2.06 -6.91
N ASP A 45 9.46 2.67 -6.34
CA ASP A 45 10.79 2.56 -6.89
C ASP A 45 11.37 1.17 -6.61
N LYS A 46 12.49 0.86 -7.26
CA LYS A 46 13.14 -0.43 -7.07
C LYS A 46 13.82 -0.49 -5.73
N ASP A 47 14.11 -1.70 -5.27
CA ASP A 47 14.78 -1.89 -3.99
C ASP A 47 13.98 -1.25 -2.86
N VAL A 48 12.65 -1.26 -3.00
CA VAL A 48 11.78 -0.68 -1.98
C VAL A 48 11.71 -1.58 -0.76
N THR A 49 11.71 -0.98 0.41
CA THR A 49 11.63 -1.74 1.65
C THR A 49 10.19 -1.94 2.08
N LEU A 50 9.55 -0.86 2.53
CA LEU A 50 8.16 -0.91 2.99
C LEU A 50 7.75 0.42 3.62
N ASP A 51 8.73 1.16 4.14
CA ASP A 51 8.45 2.43 4.79
C ASP A 51 7.69 3.36 3.84
N GLU A 52 8.13 3.41 2.59
CA GLU A 52 7.48 4.26 1.59
C GLU A 52 6.06 3.78 1.34
N LEU A 53 5.90 2.46 1.26
CA LEU A 53 4.58 1.89 1.02
C LEU A 53 3.63 2.22 2.16
N LEU A 54 4.11 2.10 3.38
CA LEU A 54 3.27 2.38 4.53
C LEU A 54 2.86 3.84 4.55
N ASP A 55 3.82 4.72 4.27
CA ASP A 55 3.55 6.15 4.27
C ASP A 55 2.60 6.53 3.12
N VAL A 56 2.85 5.97 1.94
CA VAL A 56 2.02 6.26 0.78
C VAL A 56 0.64 5.62 0.92
N VAL A 57 0.62 4.34 1.23
CA VAL A 57 -0.63 3.62 1.34
C VAL A 57 -1.52 4.29 2.38
N LEU A 58 -0.95 4.58 3.54
CA LEU A 58 -1.72 5.22 4.60
C LEU A 58 -2.15 6.62 4.16
N ASP A 59 -1.17 7.44 3.79
CA ASP A 59 -1.45 8.80 3.38
C ASP A 59 -2.53 8.82 2.30
N ALA A 60 -2.42 7.88 1.37
CA ALA A 60 -3.40 7.79 0.29
C ALA A 60 -4.79 7.50 0.84
N VAL A 61 -4.86 6.59 1.81
CA VAL A 61 -6.15 6.23 2.40
C VAL A 61 -6.76 7.43 3.12
N GLU A 62 -5.94 8.14 3.89
CA GLU A 62 -6.41 9.30 4.63
C GLU A 62 -6.80 10.42 3.68
N SER A 63 -5.97 10.63 2.66
CA SER A 63 -6.23 11.69 1.68
C SER A 63 -7.55 11.45 0.97
N THR A 64 -7.70 10.27 0.38
CA THR A 64 -8.92 9.94 -0.35
C THR A 64 -10.12 10.01 0.59
N LEU A 65 -9.97 9.43 1.78
CA LEU A 65 -11.05 9.43 2.77
C LEU A 65 -10.70 10.38 3.92
N SER A 66 -10.95 11.66 3.71
CA SER A 66 -10.68 12.67 4.72
C SER A 66 -11.77 12.62 5.81
N PRO A 67 -13.02 12.56 5.42
CA PRO A 67 -14.16 12.53 6.37
C PRO A 67 -14.41 11.13 6.93
N CYS A 68 -14.04 10.91 8.18
CA CYS A 68 -14.23 9.61 8.83
C CYS A 68 -14.85 9.80 10.22
N LYS A 69 -14.35 10.79 10.95
CA LYS A 69 -14.85 11.07 12.29
C LYS A 69 -16.30 11.56 12.23
N GLU A 70 -16.69 12.09 11.08
CA GLU A 70 -18.04 12.61 10.92
C GLU A 70 -19.05 11.47 10.84
N HIS A 71 -18.66 10.39 10.16
CA HIS A 71 -19.55 9.22 10.03
C HIS A 71 -19.19 8.17 11.06
N ASP A 72 -20.18 7.76 11.84
CA ASP A 72 -19.95 6.76 12.89
C ASP A 72 -19.49 5.45 12.26
N VAL A 73 -20.01 5.15 11.08
CA VAL A 73 -19.65 3.91 10.40
C VAL A 73 -18.15 3.89 10.12
N ILE A 74 -17.62 5.01 9.62
CA ILE A 74 -16.19 5.11 9.33
C ILE A 74 -15.44 5.60 10.55
N GLY A 75 -16.15 6.27 11.45
CA GLY A 75 -15.52 6.79 12.67
C GLY A 75 -14.46 5.83 13.21
N THR A 76 -14.87 4.59 13.47
CA THR A 76 -13.96 3.58 13.99
C THR A 76 -12.65 3.58 13.21
N LYS A 77 -12.70 4.14 12.00
CA LYS A 77 -11.51 4.20 11.15
C LYS A 77 -10.42 5.03 11.82
N VAL A 78 -10.79 6.18 12.35
CA VAL A 78 -9.84 7.06 13.00
C VAL A 78 -9.22 6.37 14.22
N CYS A 79 -10.06 5.73 15.02
CA CYS A 79 -9.59 5.04 16.21
C CYS A 79 -8.62 3.92 15.84
N ALA A 80 -9.02 3.09 14.89
CA ALA A 80 -8.17 1.98 14.45
C ALA A 80 -6.91 2.51 13.78
N LEU A 81 -7.08 3.52 12.96
CA LEU A 81 -5.95 4.10 12.24
C LEU A 81 -4.95 4.70 13.22
N LEU A 82 -5.47 5.43 14.21
CA LEU A 82 -4.60 6.05 15.20
C LEU A 82 -3.85 4.98 15.99
N ASP A 83 -4.55 3.93 16.37
CA ASP A 83 -3.94 2.86 17.13
C ASP A 83 -2.84 2.19 16.31
N ARG A 84 -3.12 1.94 15.05
CA ARG A 84 -2.14 1.31 14.18
C ARG A 84 -0.95 2.23 13.94
N LEU A 85 -1.24 3.52 13.83
CA LEU A 85 -0.19 4.49 13.59
C LEU A 85 0.81 4.54 14.74
N ALA A 86 0.30 4.58 15.97
CA ALA A 86 1.15 4.63 17.16
C ALA A 86 1.08 3.33 17.96
N GLY A 87 -0.13 2.89 18.25
CA GLY A 87 -0.34 1.68 19.01
C GLY A 87 0.08 0.44 18.22
N ASP A 88 -0.90 -0.19 17.57
CA ASP A 88 -0.63 -1.38 16.78
C ASP A 88 0.18 -1.03 15.54
N TYR A 89 0.35 -2.01 14.65
CA TYR A 89 1.10 -1.80 13.43
C TYR A 89 1.27 -3.12 12.68
N VAL A 90 1.86 -3.03 11.49
CA VAL A 90 2.08 -4.22 10.66
C VAL A 90 3.48 -4.19 10.06
N TYR A 91 4.15 -5.35 10.06
CA TYR A 91 5.50 -5.44 9.51
C TYR A 91 5.48 -6.25 8.22
N LEU A 92 6.42 -5.96 7.33
CA LEU A 92 6.50 -6.66 6.05
C LEU A 92 7.93 -7.11 5.78
N PHE A 93 8.07 -8.42 5.55
CA PHE A 93 9.40 -9.00 5.29
C PHE A 93 9.35 -9.92 4.06
N ASP A 94 10.50 -10.08 3.41
CA ASP A 94 10.59 -10.93 2.23
C ASP A 94 10.75 -12.39 2.64
N GLU A 95 10.78 -13.28 1.65
CA GLU A 95 10.94 -14.70 1.91
C GLU A 95 12.40 -15.01 2.27
N GLY A 96 13.10 -14.02 2.79
CA GLY A 96 14.51 -14.21 3.16
C GLY A 96 14.85 -13.42 4.42
N GLY A 97 13.88 -12.64 4.89
CA GLY A 97 14.09 -11.82 6.09
C GLY A 97 14.59 -10.42 5.73
N ASP A 98 14.88 -10.22 4.44
CA ASP A 98 15.37 -8.92 3.97
C ASP A 98 14.21 -8.01 3.64
N GLU A 99 14.10 -6.90 4.36
CA GLU A 99 13.01 -5.95 4.13
C GLU A 99 13.00 -5.51 2.67
N VAL A 100 12.33 -6.28 1.83
CA VAL A 100 12.24 -5.96 0.41
C VAL A 100 11.00 -6.63 -0.22
N ILE A 101 10.26 -5.87 -1.00
CA ILE A 101 9.07 -6.40 -1.65
C ILE A 101 9.46 -7.42 -2.70
N ALA A 102 8.81 -8.58 -2.66
CA ALA A 102 9.09 -9.63 -3.63
C ALA A 102 7.82 -10.42 -3.97
N PRO A 103 7.89 -11.30 -4.94
CA PRO A 103 6.73 -12.13 -5.35
C PRO A 103 6.11 -12.86 -4.16
N ARG A 104 6.94 -13.27 -3.20
CA ARG A 104 6.47 -13.98 -2.01
C ARG A 104 6.81 -13.19 -0.75
N MET A 105 6.07 -12.11 -0.54
CA MET A 105 6.28 -11.27 0.64
C MET A 105 5.19 -11.51 1.66
N TYR A 106 5.53 -11.36 2.94
CA TYR A 106 4.58 -11.57 4.03
C TYR A 106 4.37 -10.27 4.79
N CYS A 107 3.11 -9.84 4.90
CA CYS A 107 2.76 -8.61 5.60
C CYS A 107 1.75 -8.89 6.71
N SER A 108 2.21 -8.76 7.95
CA SER A 108 1.33 -9.00 9.10
C SER A 108 1.99 -8.54 10.39
N PHE A 109 1.20 -8.49 11.46
CA PHE A 109 1.72 -8.07 12.76
C PHE A 109 2.82 -9.02 13.23
N SER A 110 2.55 -10.32 13.14
CA SER A 110 3.53 -11.32 13.57
C SER A 110 4.81 -11.18 12.78
N ALA A 111 5.94 -11.46 13.44
CA ALA A 111 7.23 -11.35 12.78
C ALA A 111 7.52 -12.59 11.94
N PRO A 112 8.57 -12.57 11.15
CA PRO A 112 8.95 -13.71 10.28
C PRO A 112 9.04 -15.03 11.08
N ASP A 113 9.62 -14.95 12.27
CA ASP A 113 9.76 -16.13 13.12
C ASP A 113 8.40 -16.67 13.53
N ASP A 114 7.50 -15.76 13.85
CA ASP A 114 6.15 -16.14 14.27
C ASP A 114 6.20 -17.29 15.27
N GLY A 1 -4.11 4.25 -15.94
CA GLY A 1 -3.55 4.24 -14.56
C GLY A 1 -3.64 5.64 -13.95
N LYS A 2 -3.08 6.62 -14.66
CA LYS A 2 -3.10 8.00 -14.19
C LYS A 2 -4.44 8.66 -14.54
N LYS A 3 -4.76 9.74 -13.82
CA LYS A 3 -6.01 10.46 -14.07
C LYS A 3 -6.25 10.62 -15.57
N VAL A 4 -5.19 11.01 -16.30
CA VAL A 4 -5.29 11.19 -17.75
C VAL A 4 -4.80 9.95 -18.48
N GLU A 5 -5.62 9.41 -19.36
CA GLU A 5 -5.26 8.22 -20.12
C GLU A 5 -3.93 8.44 -20.84
N PHE A 6 -3.48 7.43 -21.56
CA PHE A 6 -2.22 7.50 -22.30
C PHE A 6 -2.19 6.47 -23.41
N ASN A 7 -3.14 6.58 -24.34
CA ASN A 7 -3.22 5.65 -25.47
C ASN A 7 -2.74 4.25 -25.08
N ASP A 8 -1.44 4.00 -25.26
CA ASP A 8 -0.85 2.72 -24.91
C ASP A 8 0.55 2.90 -24.36
N LYS A 9 1.26 1.79 -24.17
CA LYS A 9 2.62 1.85 -23.64
C LYS A 9 3.62 2.20 -24.75
N PRO A 10 4.69 2.89 -24.42
CA PRO A 10 5.73 3.29 -25.42
C PRO A 10 6.53 2.10 -25.92
N LYS A 11 5.94 1.32 -26.81
CA LYS A 11 6.62 0.15 -27.37
C LYS A 11 7.88 0.58 -28.10
N VAL A 12 7.80 1.70 -28.82
CA VAL A 12 8.93 2.20 -29.57
C VAL A 12 9.99 2.76 -28.62
N ARG A 13 9.71 3.93 -28.05
CA ARG A 13 10.65 4.56 -27.13
C ARG A 13 10.97 3.63 -25.98
N LYS A 14 11.95 4.03 -25.17
CA LYS A 14 12.37 3.23 -24.03
C LYS A 14 11.21 2.98 -23.09
N ILE A 15 11.13 1.76 -22.57
CA ILE A 15 10.04 1.42 -21.67
C ILE A 15 10.17 2.19 -20.35
N PRO A 16 9.09 2.27 -19.59
CA PRO A 16 9.11 2.97 -18.27
C PRO A 16 10.20 2.42 -17.35
N SER A 17 10.79 3.32 -16.55
CA SER A 17 11.84 2.93 -15.61
C SER A 17 11.28 2.82 -14.19
N THR A 18 9.95 2.91 -14.07
CA THR A 18 9.30 2.82 -12.77
C THR A 18 8.49 1.53 -12.66
N ARG A 19 7.85 1.34 -11.51
CA ARG A 19 7.05 0.14 -11.27
C ARG A 19 5.75 0.49 -10.56
N LYS A 20 4.82 -0.47 -10.52
CA LYS A 20 3.54 -0.26 -9.86
C LYS A 20 3.39 -1.20 -8.68
N ILE A 21 2.68 -0.73 -7.64
CA ILE A 21 2.46 -1.52 -6.44
C ILE A 21 0.98 -1.51 -6.07
N LYS A 22 0.39 -2.70 -5.99
CA LYS A 22 -1.02 -2.83 -5.64
C LYS A 22 -1.17 -3.18 -4.18
N ILE A 23 -1.87 -2.33 -3.43
CA ILE A 23 -2.08 -2.56 -2.00
C ILE A 23 -3.42 -3.21 -1.75
N THR A 24 -3.41 -4.43 -1.25
CA THR A 24 -4.62 -5.16 -0.96
C THR A 24 -4.40 -6.20 0.12
N PHE A 25 -5.09 -6.05 1.25
CA PHE A 25 -4.95 -6.99 2.36
C PHE A 25 -6.32 -7.37 2.90
N ALA A 26 -6.48 -8.65 3.22
CA ALA A 26 -7.75 -9.15 3.74
C ALA A 26 -8.07 -8.49 5.08
N LEU A 27 -9.35 -8.21 5.31
CA LEU A 27 -9.78 -7.56 6.55
C LEU A 27 -11.08 -8.18 7.04
N ASP A 28 -12.19 -7.75 6.45
CA ASP A 28 -13.50 -8.27 6.84
C ASP A 28 -14.50 -8.09 5.70
N ALA A 29 -14.76 -6.84 5.32
CA ALA A 29 -15.70 -6.57 4.25
C ALA A 29 -15.77 -5.06 3.98
N THR A 30 -16.32 -4.32 4.94
CA THR A 30 -16.45 -2.88 4.80
C THR A 30 -15.08 -2.22 4.66
N PHE A 31 -14.18 -2.55 5.59
CA PHE A 31 -12.84 -1.98 5.57
C PHE A 31 -12.06 -2.54 4.39
N ASP A 32 -12.48 -3.69 3.88
CA ASP A 32 -11.82 -4.32 2.75
C ASP A 32 -12.04 -3.52 1.47
N SER A 33 -13.31 -3.26 1.17
CA SER A 33 -13.66 -2.50 -0.03
C SER A 33 -13.20 -1.05 0.10
N VAL A 34 -13.40 -0.48 1.28
CA VAL A 34 -13.00 0.90 1.52
C VAL A 34 -11.49 1.05 1.39
N LEU A 35 -10.76 0.12 1.99
CA LEU A 35 -9.31 0.15 1.92
C LEU A 35 -8.83 0.01 0.48
N SER A 36 -9.45 -0.90 -0.25
CA SER A 36 -9.07 -1.15 -1.63
C SER A 36 -9.24 0.13 -2.45
N LYS A 37 -10.36 0.80 -2.26
CA LYS A 37 -10.64 2.05 -2.98
C LYS A 37 -9.63 3.13 -2.61
N ALA A 38 -9.31 3.20 -1.32
CA ALA A 38 -8.36 4.19 -0.83
C ALA A 38 -7.00 4.02 -1.52
N CYS A 39 -6.74 2.81 -1.99
CA CYS A 39 -5.47 2.52 -2.66
C CYS A 39 -5.58 1.23 -3.48
N SER A 40 -6.46 1.24 -4.48
CA SER A 40 -6.64 0.07 -5.32
C SER A 40 -5.40 -0.19 -6.17
N GLU A 41 -4.57 0.83 -6.32
CA GLU A 41 -3.35 0.72 -7.10
C GLU A 41 -2.51 1.99 -6.99
N PHE A 42 -1.20 1.83 -6.87
CA PHE A 42 -0.29 2.97 -6.76
C PHE A 42 0.87 2.82 -7.74
N GLU A 43 1.48 3.94 -8.11
CA GLU A 43 2.61 3.95 -9.02
C GLU A 43 3.83 4.54 -8.34
N VAL A 44 4.86 3.71 -8.13
CA VAL A 44 6.08 4.15 -7.47
C VAL A 44 7.29 3.90 -8.38
N ASP A 45 8.15 4.91 -8.49
CA ASP A 45 9.35 4.80 -9.32
C ASP A 45 10.54 4.34 -8.49
N LYS A 46 11.36 3.47 -9.08
CA LYS A 46 12.54 2.96 -8.38
C LYS A 46 13.29 4.11 -7.72
N ASP A 47 13.10 4.26 -6.42
CA ASP A 47 13.76 5.32 -5.65
C ASP A 47 13.06 5.53 -4.31
N VAL A 48 12.46 4.47 -3.76
CA VAL A 48 11.76 4.57 -2.48
C VAL A 48 12.03 3.33 -1.64
N THR A 49 12.28 3.55 -0.34
CA THR A 49 12.55 2.45 0.57
C THR A 49 11.25 1.99 1.22
N LEU A 50 11.24 0.73 1.67
CA LEU A 50 10.05 0.18 2.31
C LEU A 50 9.45 1.19 3.28
N ASP A 51 10.30 1.93 3.96
CA ASP A 51 9.83 2.92 4.92
C ASP A 51 8.96 3.97 4.22
N GLU A 52 9.42 4.41 3.05
CA GLU A 52 8.68 5.40 2.28
C GLU A 52 7.36 4.82 1.80
N LEU A 53 7.35 3.54 1.47
CA LEU A 53 6.15 2.89 1.01
C LEU A 53 5.07 2.94 2.09
N LEU A 54 5.45 2.59 3.31
CA LEU A 54 4.49 2.61 4.40
C LEU A 54 3.99 4.03 4.65
N ASP A 55 4.91 4.99 4.59
CA ASP A 55 4.55 6.37 4.81
C ASP A 55 3.58 6.86 3.74
N VAL A 56 3.86 6.49 2.49
CA VAL A 56 3.00 6.89 1.37
C VAL A 56 1.66 6.17 1.43
N VAL A 57 1.72 4.86 1.67
CA VAL A 57 0.50 4.07 1.71
C VAL A 57 -0.44 4.62 2.78
N LEU A 58 0.09 4.86 3.96
CA LEU A 58 -0.72 5.39 5.03
C LEU A 58 -1.23 6.78 4.66
N ASP A 59 -0.30 7.66 4.30
CA ASP A 59 -0.66 9.02 3.94
C ASP A 59 -1.79 9.01 2.91
N ALA A 60 -1.68 8.11 1.95
CA ALA A 60 -2.69 7.97 0.92
C ALA A 60 -4.05 7.70 1.57
N VAL A 61 -4.09 6.73 2.48
CA VAL A 61 -5.33 6.39 3.15
C VAL A 61 -5.84 7.60 3.95
N GLU A 62 -4.94 8.21 4.72
CA GLU A 62 -5.31 9.37 5.53
C GLU A 62 -6.13 10.34 4.71
N SER A 63 -5.61 10.73 3.56
CA SER A 63 -6.32 11.66 2.70
C SER A 63 -7.67 11.08 2.28
N THR A 64 -7.67 9.81 1.91
CA THR A 64 -8.90 9.15 1.47
C THR A 64 -9.68 8.60 2.67
N LEU A 65 -9.32 9.04 3.86
CA LEU A 65 -10.00 8.62 5.09
C LEU A 65 -11.19 9.53 5.37
N SER A 66 -11.14 10.76 4.84
CA SER A 66 -12.20 11.74 5.06
C SER A 66 -13.57 11.06 4.98
N PRO A 67 -13.81 10.31 3.93
CA PRO A 67 -15.11 9.61 3.74
C PRO A 67 -15.50 8.76 4.95
N CYS A 68 -14.51 8.10 5.55
CA CYS A 68 -14.76 7.25 6.70
C CYS A 68 -15.15 8.09 7.91
N LYS A 69 -14.57 9.28 8.00
CA LYS A 69 -14.86 10.18 9.11
C LYS A 69 -16.34 10.55 9.12
N GLU A 70 -16.95 10.57 7.94
CA GLU A 70 -18.36 10.93 7.83
C GLU A 70 -19.24 9.78 8.35
N HIS A 71 -18.77 8.55 8.14
CA HIS A 71 -19.52 7.37 8.61
C HIS A 71 -18.97 6.90 9.95
N ASP A 72 -19.83 6.92 10.97
CA ASP A 72 -19.43 6.49 12.30
C ASP A 72 -19.18 4.99 12.33
N VAL A 73 -19.96 4.24 11.56
CA VAL A 73 -19.80 2.79 11.52
C VAL A 73 -18.41 2.42 11.00
N ILE A 74 -18.01 3.03 9.90
CA ILE A 74 -16.70 2.75 9.31
C ILE A 74 -15.64 3.65 9.92
N GLY A 75 -16.03 4.88 10.26
CA GLY A 75 -15.10 5.85 10.85
C GLY A 75 -14.17 5.17 11.85
N THR A 76 -14.60 4.02 12.37
CA THR A 76 -13.79 3.27 13.34
C THR A 76 -12.40 3.01 12.78
N LYS A 77 -12.31 2.89 11.47
CA LYS A 77 -11.03 2.64 10.82
C LYS A 77 -10.03 3.71 11.19
N VAL A 78 -10.53 4.94 11.38
CA VAL A 78 -9.66 6.05 11.72
C VAL A 78 -8.97 5.80 13.07
N CYS A 79 -9.75 5.37 14.04
CA CYS A 79 -9.22 5.09 15.36
C CYS A 79 -8.21 3.94 15.29
N ALA A 80 -8.51 2.94 14.47
CA ALA A 80 -7.61 1.81 14.31
C ALA A 80 -6.27 2.25 13.74
N LEU A 81 -6.32 3.11 12.73
CA LEU A 81 -5.10 3.61 12.10
C LEU A 81 -4.27 4.40 13.10
N LEU A 82 -4.95 5.21 13.91
CA LEU A 82 -4.26 6.01 14.90
C LEU A 82 -3.55 5.12 15.92
N ASP A 83 -4.24 4.06 16.33
CA ASP A 83 -3.66 3.13 17.29
C ASP A 83 -2.40 2.48 16.73
N ARG A 84 -2.47 2.07 15.47
CA ARG A 84 -1.33 1.44 14.81
C ARG A 84 -0.22 2.46 14.58
N LEU A 85 -0.60 3.67 14.25
CA LEU A 85 0.39 4.71 14.00
C LEU A 85 1.21 4.97 15.26
N ALA A 86 0.53 5.03 16.41
CA ALA A 86 1.22 5.28 17.68
C ALA A 86 1.49 3.97 18.40
N GLY A 87 0.85 2.89 17.93
CA GLY A 87 1.02 1.58 18.54
C GLY A 87 1.59 0.58 17.55
N ASP A 88 2.76 0.91 17.01
CA ASP A 88 3.44 0.05 16.05
C ASP A 88 2.60 -0.10 14.79
N TYR A 89 2.96 0.68 13.77
CA TYR A 89 2.25 0.64 12.50
C TYR A 89 2.21 -0.79 11.95
N VAL A 90 3.10 -1.07 11.00
CA VAL A 90 3.17 -2.39 10.40
C VAL A 90 4.60 -2.68 9.95
N TYR A 91 4.90 -3.96 9.71
CA TYR A 91 6.23 -4.36 9.28
C TYR A 91 6.15 -4.97 7.89
N LEU A 92 7.14 -4.65 7.06
CA LEU A 92 7.19 -5.16 5.68
C LEU A 92 8.40 -6.05 5.49
N PHE A 93 8.18 -7.21 4.88
CA PHE A 93 9.27 -8.15 4.63
C PHE A 93 9.10 -8.81 3.26
N ASP A 94 10.20 -9.27 2.68
CA ASP A 94 10.16 -9.92 1.38
C ASP A 94 9.86 -11.40 1.53
N GLU A 95 10.14 -12.17 0.48
CA GLU A 95 9.88 -13.61 0.52
C GLU A 95 10.90 -14.31 1.42
N GLY A 96 11.04 -13.81 2.64
CA GLY A 96 11.98 -14.40 3.58
C GLY A 96 11.92 -13.69 4.93
N GLY A 97 12.74 -12.67 5.08
CA GLY A 97 12.78 -11.90 6.32
C GLY A 97 13.47 -10.54 6.12
N ASP A 98 14.40 -10.49 5.17
CA ASP A 98 15.12 -9.25 4.88
C ASP A 98 14.15 -8.18 4.41
N GLU A 99 14.37 -6.95 4.88
CA GLU A 99 13.51 -5.83 4.51
C GLU A 99 13.90 -5.29 3.14
N VAL A 100 13.28 -5.84 2.09
CA VAL A 100 13.57 -5.40 0.72
C VAL A 100 12.31 -5.50 -0.13
N ILE A 101 12.10 -4.50 -0.97
CA ILE A 101 10.93 -4.47 -1.84
C ILE A 101 11.08 -5.51 -2.94
N ALA A 102 10.03 -6.30 -3.14
CA ALA A 102 10.06 -7.35 -4.17
C ALA A 102 8.68 -7.52 -4.80
N PRO A 103 8.58 -8.31 -5.83
CA PRO A 103 7.29 -8.59 -6.52
C PRO A 103 6.19 -9.03 -5.54
N ARG A 104 6.60 -9.80 -4.52
CA ARG A 104 5.66 -10.29 -3.52
C ARG A 104 6.20 -10.06 -2.11
N MET A 105 5.68 -9.04 -1.44
CA MET A 105 6.11 -8.70 -0.09
C MET A 105 4.93 -8.73 0.87
N TYR A 106 5.20 -9.08 2.13
CA TYR A 106 4.14 -9.14 3.13
C TYR A 106 4.21 -7.91 4.02
N CYS A 107 3.11 -7.15 4.04
CA CYS A 107 3.03 -5.92 4.84
C CYS A 107 1.89 -6.03 5.86
N SER A 108 2.26 -6.08 7.13
CA SER A 108 1.26 -6.19 8.20
C SER A 108 1.94 -6.16 9.56
N PHE A 109 1.14 -6.02 10.62
CA PHE A 109 1.65 -5.99 11.97
C PHE A 109 2.33 -7.32 12.32
N SER A 110 1.67 -8.42 11.97
CA SER A 110 2.21 -9.75 12.26
C SER A 110 3.56 -9.92 11.58
N ALA A 111 4.45 -10.68 12.22
CA ALA A 111 5.78 -10.91 11.66
C ALA A 111 5.76 -12.11 10.71
N PRO A 112 6.83 -12.33 9.99
CA PRO A 112 6.95 -13.47 9.04
C PRO A 112 6.57 -14.80 9.71
N ASP A 113 7.06 -15.01 10.92
CA ASP A 113 6.76 -16.24 11.66
C ASP A 113 5.51 -16.09 12.50
N ASP A 114 5.34 -14.91 13.07
CA ASP A 114 4.17 -14.63 13.89
C ASP A 114 2.95 -14.37 13.03
N GLY A 1 -12.07 1.05 -30.48
CA GLY A 1 -12.11 0.58 -29.08
C GLY A 1 -11.20 -0.63 -28.92
N LYS A 2 -10.10 -0.45 -28.20
CA LYS A 2 -9.15 -1.54 -27.98
C LYS A 2 -9.79 -2.65 -27.15
N LYS A 3 -9.91 -2.41 -25.85
CA LYS A 3 -10.50 -3.39 -24.95
C LYS A 3 -9.62 -4.64 -24.86
N VAL A 4 -8.60 -4.70 -25.72
CA VAL A 4 -7.70 -5.85 -25.74
C VAL A 4 -6.58 -5.65 -24.72
N GLU A 5 -5.51 -6.42 -24.88
CA GLU A 5 -4.36 -6.33 -23.96
C GLU A 5 -3.16 -5.74 -24.68
N PHE A 6 -2.30 -5.07 -23.92
CA PHE A 6 -1.10 -4.44 -24.47
C PHE A 6 -0.05 -4.27 -23.39
N ASN A 7 0.68 -5.34 -23.09
CA ASN A 7 1.73 -5.30 -22.08
C ASN A 7 2.85 -6.27 -22.41
N ASP A 8 3.79 -5.82 -23.24
CA ASP A 8 4.92 -6.65 -23.62
C ASP A 8 5.82 -6.90 -22.43
N LYS A 9 6.87 -7.71 -22.62
CA LYS A 9 7.80 -8.03 -21.54
C LYS A 9 9.11 -7.26 -21.73
N PRO A 10 9.80 -7.00 -20.66
CA PRO A 10 11.11 -6.28 -20.70
C PRO A 10 12.20 -7.09 -21.38
N LYS A 11 12.95 -7.83 -20.58
CA LYS A 11 14.04 -8.65 -21.08
C LYS A 11 14.82 -7.91 -22.15
N VAL A 12 14.38 -8.03 -23.40
CA VAL A 12 15.04 -7.37 -24.52
C VAL A 12 14.79 -5.86 -24.46
N ARG A 13 14.45 -5.35 -23.28
CA ARG A 13 14.19 -3.94 -23.11
C ARG A 13 14.40 -3.52 -21.66
N LYS A 14 14.68 -2.24 -21.45
CA LYS A 14 14.91 -1.71 -20.11
C LYS A 14 13.65 -1.83 -19.27
N ILE A 15 13.83 -2.21 -18.01
CA ILE A 15 12.69 -2.38 -17.11
C ILE A 15 12.14 -1.03 -16.67
N PRO A 16 10.92 -1.00 -16.21
CA PRO A 16 10.28 0.27 -15.73
C PRO A 16 11.14 0.99 -14.69
N SER A 17 11.14 2.32 -14.76
CA SER A 17 11.92 3.13 -13.82
C SER A 17 11.18 3.25 -12.50
N THR A 18 10.06 2.54 -12.37
CA THR A 18 9.27 2.56 -11.16
C THR A 18 8.32 1.37 -11.11
N ARG A 19 7.95 0.96 -9.90
CA ARG A 19 7.04 -0.17 -9.72
C ARG A 19 5.66 0.33 -9.32
N LYS A 20 4.63 -0.31 -9.85
CA LYS A 20 3.24 0.08 -9.54
C LYS A 20 2.62 -0.95 -8.60
N ILE A 21 1.71 -0.47 -7.76
CA ILE A 21 1.02 -1.35 -6.80
C ILE A 21 -0.48 -1.17 -6.91
N LYS A 22 -1.20 -2.30 -6.93
CA LYS A 22 -2.65 -2.27 -7.04
C LYS A 22 -3.30 -3.29 -6.09
N ILE A 23 -2.63 -4.43 -5.91
CA ILE A 23 -3.12 -5.48 -5.03
C ILE A 23 -2.67 -5.24 -3.60
N THR A 24 -3.56 -5.51 -2.66
CA THR A 24 -3.25 -5.33 -1.25
C THR A 24 -4.12 -6.23 -0.39
N PHE A 25 -3.56 -6.73 0.71
CA PHE A 25 -4.29 -7.60 1.60
C PHE A 25 -5.55 -6.91 2.12
N ALA A 26 -6.65 -7.65 2.16
CA ALA A 26 -7.92 -7.09 2.63
C ALA A 26 -8.00 -7.15 4.15
N LEU A 27 -8.06 -5.98 4.78
CA LEU A 27 -8.13 -5.91 6.24
C LEU A 27 -9.40 -6.57 6.73
N ASP A 28 -10.51 -6.32 6.06
CA ASP A 28 -11.79 -6.91 6.45
C ASP A 28 -12.76 -6.90 5.27
N ALA A 29 -12.22 -6.81 4.07
CA ALA A 29 -13.05 -6.80 2.87
C ALA A 29 -13.76 -5.45 2.71
N THR A 30 -14.45 -5.03 3.77
CA THR A 30 -15.19 -3.77 3.73
C THR A 30 -14.25 -2.60 3.48
N PHE A 31 -13.22 -2.50 4.31
CA PHE A 31 -12.24 -1.43 4.17
C PHE A 31 -11.39 -1.67 2.93
N ASP A 32 -11.24 -2.93 2.56
CA ASP A 32 -10.44 -3.27 1.38
C ASP A 32 -11.02 -2.64 0.14
N SER A 33 -12.35 -2.72 0.00
CA SER A 33 -13.02 -2.14 -1.15
C SER A 33 -12.99 -0.61 -1.06
N VAL A 34 -13.22 -0.08 0.13
CA VAL A 34 -13.21 1.37 0.31
C VAL A 34 -11.83 1.94 -0.03
N LEU A 35 -10.80 1.34 0.53
CA LEU A 35 -9.44 1.79 0.28
C LEU A 35 -9.08 1.59 -1.18
N SER A 36 -9.50 0.47 -1.74
CA SER A 36 -9.20 0.19 -3.14
C SER A 36 -9.73 1.32 -4.02
N LYS A 37 -10.94 1.77 -3.74
CA LYS A 37 -11.53 2.86 -4.51
C LYS A 37 -10.75 4.16 -4.29
N ALA A 38 -10.34 4.39 -3.06
CA ALA A 38 -9.58 5.60 -2.72
C ALA A 38 -8.13 5.47 -3.15
N CYS A 39 -7.79 4.35 -3.78
CA CYS A 39 -6.43 4.12 -4.24
C CYS A 39 -6.36 2.82 -5.06
N SER A 40 -7.19 2.72 -6.08
CA SER A 40 -7.22 1.53 -6.92
C SER A 40 -5.86 1.29 -7.56
N GLU A 41 -5.21 2.37 -7.95
CA GLU A 41 -3.89 2.28 -8.58
C GLU A 41 -2.94 3.33 -8.01
N PHE A 42 -1.79 2.88 -7.52
CA PHE A 42 -0.81 3.80 -6.95
C PHE A 42 0.57 3.55 -7.55
N GLU A 43 1.23 4.63 -7.97
CA GLU A 43 2.56 4.51 -8.56
C GLU A 43 3.63 4.66 -7.50
N VAL A 44 4.53 3.69 -7.42
CA VAL A 44 5.61 3.72 -6.43
C VAL A 44 6.96 3.66 -7.13
N ASP A 45 7.83 4.62 -6.81
CA ASP A 45 9.14 4.68 -7.42
C ASP A 45 9.83 3.31 -7.34
N LYS A 46 10.83 3.12 -8.17
CA LYS A 46 11.56 1.85 -8.19
C LYS A 46 12.19 1.56 -6.83
N ASP A 47 12.91 2.53 -6.29
CA ASP A 47 13.57 2.37 -5.01
C ASP A 47 12.67 2.84 -3.87
N VAL A 48 11.88 1.91 -3.34
CA VAL A 48 10.98 2.22 -2.24
C VAL A 48 10.81 1.02 -1.33
N THR A 49 11.02 1.22 -0.03
CA THR A 49 10.88 0.14 0.94
C THR A 49 9.44 0.08 1.47
N LEU A 50 9.01 -1.11 1.86
CA LEU A 50 7.66 -1.28 2.38
C LEU A 50 7.36 -0.22 3.44
N ASP A 51 8.39 0.18 4.18
CA ASP A 51 8.20 1.18 5.23
C ASP A 51 7.68 2.49 4.61
N GLU A 52 8.37 2.96 3.57
CA GLU A 52 7.96 4.19 2.92
C GLU A 52 6.61 3.98 2.27
N LEU A 53 6.43 2.83 1.66
CA LEU A 53 5.18 2.58 1.00
C LEU A 53 4.03 2.59 2.01
N LEU A 54 4.20 1.85 3.09
CA LEU A 54 3.16 1.78 4.11
C LEU A 54 2.76 3.19 4.52
N ASP A 55 3.74 4.06 4.65
CA ASP A 55 3.46 5.43 5.04
C ASP A 55 2.78 6.20 3.88
N VAL A 56 3.18 5.88 2.66
CA VAL A 56 2.62 6.54 1.49
C VAL A 56 1.16 6.13 1.27
N VAL A 57 0.92 4.83 1.24
CA VAL A 57 -0.42 4.32 1.03
C VAL A 57 -1.34 4.79 2.15
N LEU A 58 -0.84 4.73 3.38
CA LEU A 58 -1.65 5.16 4.50
C LEU A 58 -2.04 6.62 4.35
N ASP A 59 -1.05 7.47 4.17
CA ASP A 59 -1.29 8.90 4.02
C ASP A 59 -2.30 9.14 2.90
N ALA A 60 -2.14 8.40 1.81
CA ALA A 60 -3.04 8.53 0.68
C ALA A 60 -4.48 8.27 1.10
N VAL A 61 -4.69 7.20 1.86
CA VAL A 61 -6.03 6.86 2.33
C VAL A 61 -6.57 7.94 3.25
N GLU A 62 -5.71 8.42 4.16
CA GLU A 62 -6.11 9.46 5.10
C GLU A 62 -6.49 10.74 4.36
N SER A 63 -5.68 11.10 3.36
CA SER A 63 -5.94 12.30 2.58
C SER A 63 -7.27 12.18 1.84
N THR A 64 -7.50 11.02 1.23
CA THR A 64 -8.74 10.79 0.49
C THR A 64 -9.93 10.75 1.43
N LEU A 65 -9.96 9.73 2.29
CA LEU A 65 -11.06 9.57 3.25
C LEU A 65 -10.63 10.07 4.63
N SER A 66 -10.74 11.37 4.84
CA SER A 66 -10.39 11.97 6.11
C SER A 66 -11.48 11.68 7.16
N PRO A 67 -12.72 11.85 6.79
CA PRO A 67 -13.86 11.62 7.71
C PRO A 67 -14.26 10.15 7.78
N CYS A 68 -14.08 9.54 8.94
CA CYS A 68 -14.41 8.12 9.14
C CYS A 68 -15.21 7.96 10.43
N LYS A 69 -15.12 8.94 11.31
CA LYS A 69 -15.84 8.87 12.59
C LYS A 69 -17.34 8.97 12.36
N GLU A 70 -17.73 9.30 11.13
CA GLU A 70 -19.14 9.43 10.80
C GLU A 70 -19.82 8.06 10.72
N HIS A 71 -19.09 7.09 10.18
CA HIS A 71 -19.64 5.73 10.05
C HIS A 71 -19.04 4.83 11.12
N ASP A 72 -19.90 4.19 11.90
CA ASP A 72 -19.45 3.29 12.96
C ASP A 72 -18.64 2.15 12.37
N VAL A 73 -19.02 1.70 11.19
CA VAL A 73 -18.31 0.61 10.53
C VAL A 73 -16.86 1.02 10.25
N ILE A 74 -16.69 2.20 9.68
CA ILE A 74 -15.36 2.71 9.36
C ILE A 74 -14.74 3.33 10.60
N GLY A 75 -15.59 3.77 11.54
CA GLY A 75 -15.10 4.39 12.77
C GLY A 75 -13.79 3.77 13.24
N THR A 76 -13.83 2.46 13.53
CA THR A 76 -12.64 1.75 13.97
C THR A 76 -11.40 2.21 13.20
N LYS A 77 -11.63 2.73 12.00
CA LYS A 77 -10.54 3.21 11.16
C LYS A 77 -9.75 4.31 11.88
N VAL A 78 -10.47 5.24 12.49
CA VAL A 78 -9.83 6.34 13.20
C VAL A 78 -8.91 5.79 14.28
N CYS A 79 -9.39 4.80 15.03
CA CYS A 79 -8.59 4.19 16.09
C CYS A 79 -7.32 3.56 15.51
N ALA A 80 -7.50 2.78 14.43
CA ALA A 80 -6.37 2.12 13.80
C ALA A 80 -5.40 3.15 13.24
N LEU A 81 -5.94 4.23 12.69
CA LEU A 81 -5.10 5.28 12.14
C LEU A 81 -4.24 5.90 13.22
N LEU A 82 -4.85 6.13 14.38
CA LEU A 82 -4.11 6.74 15.46
C LEU A 82 -2.95 5.85 15.89
N ASP A 83 -3.25 4.56 16.04
CA ASP A 83 -2.22 3.62 16.46
C ASP A 83 -1.09 3.58 15.44
N ARG A 84 -1.43 3.53 14.16
CA ARG A 84 -0.44 3.49 13.10
C ARG A 84 0.34 4.80 13.05
N LEU A 85 -0.37 5.90 13.25
CA LEU A 85 0.24 7.21 13.22
C LEU A 85 1.23 7.38 14.38
N ALA A 86 0.94 6.68 15.48
CA ALA A 86 1.79 6.77 16.66
C ALA A 86 3.22 6.35 16.31
N GLY A 87 3.36 5.55 15.26
CA GLY A 87 4.67 5.09 14.83
C GLY A 87 4.55 3.99 13.80
N ASP A 88 4.00 2.86 14.20
CA ASP A 88 3.83 1.72 13.29
C ASP A 88 3.03 0.61 13.97
N TYR A 89 2.75 -0.44 13.22
CA TYR A 89 2.00 -1.57 13.75
C TYR A 89 1.91 -2.69 12.72
N VAL A 90 1.16 -2.45 11.65
CA VAL A 90 0.98 -3.44 10.61
C VAL A 90 2.30 -3.70 9.89
N TYR A 91 2.63 -4.99 9.71
CA TYR A 91 3.87 -5.36 9.04
C TYR A 91 3.55 -6.11 7.76
N LEU A 92 4.40 -5.91 6.74
CA LEU A 92 4.21 -6.57 5.45
C LEU A 92 5.37 -7.50 5.15
N PHE A 93 5.04 -8.76 4.86
CA PHE A 93 6.08 -9.76 4.57
C PHE A 93 5.79 -10.44 3.23
N ASP A 94 6.83 -10.91 2.57
CA ASP A 94 6.67 -11.58 1.28
C ASP A 94 6.10 -12.98 1.48
N GLU A 95 5.90 -13.70 0.38
CA GLU A 95 5.35 -15.04 0.45
C GLU A 95 6.33 -15.99 1.14
N GLY A 96 7.62 -15.79 0.89
CA GLY A 96 8.64 -16.64 1.49
C GLY A 96 8.90 -16.22 2.93
N GLY A 97 8.24 -15.16 3.37
CA GLY A 97 8.41 -14.65 4.73
C GLY A 97 9.54 -13.64 4.81
N ASP A 98 10.17 -13.37 3.65
CA ASP A 98 11.27 -12.40 3.60
C ASP A 98 10.72 -11.00 3.36
N GLU A 99 10.84 -10.14 4.38
CA GLU A 99 10.35 -8.78 4.26
C GLU A 99 10.89 -8.13 2.99
N VAL A 100 10.17 -8.32 1.89
CA VAL A 100 10.58 -7.75 0.61
C VAL A 100 9.37 -7.52 -0.28
N ILE A 101 9.28 -6.32 -0.84
CA ILE A 101 8.16 -5.98 -1.72
C ILE A 101 8.15 -6.90 -2.93
N ALA A 102 6.98 -7.41 -3.27
CA ALA A 102 6.86 -8.31 -4.42
C ALA A 102 5.43 -8.29 -4.97
N PRO A 103 5.21 -8.92 -6.10
CA PRO A 103 3.87 -9.00 -6.73
C PRO A 103 2.81 -9.48 -5.74
N ARG A 104 3.18 -10.43 -4.89
CA ARG A 104 2.25 -10.97 -3.89
C ARG A 104 2.90 -10.98 -2.51
N MET A 105 2.17 -10.48 -1.52
CA MET A 105 2.69 -10.42 -0.16
C MET A 105 1.53 -10.44 0.84
N TYR A 106 1.88 -10.52 2.12
CA TYR A 106 0.87 -10.54 3.19
C TYR A 106 1.04 -9.32 4.09
N CYS A 107 0.08 -8.40 4.01
CA CYS A 107 0.12 -7.19 4.83
C CYS A 107 -0.94 -7.25 5.91
N SER A 108 -0.50 -7.27 7.17
CA SER A 108 -1.43 -7.33 8.29
C SER A 108 -0.68 -7.17 9.61
N PHE A 109 -1.43 -7.16 10.71
CA PHE A 109 -0.82 -7.01 12.04
C PHE A 109 -0.48 -8.37 12.62
N SER A 110 0.04 -9.26 11.77
CA SER A 110 0.42 -10.61 12.22
C SER A 110 1.76 -11.01 11.63
N ALA A 111 2.75 -11.20 12.50
CA ALA A 111 4.08 -11.56 12.06
C ALA A 111 4.05 -12.91 11.33
N PRO A 112 5.15 -13.29 10.71
CA PRO A 112 5.25 -14.59 9.98
C PRO A 112 4.88 -15.78 10.87
N ASP A 113 5.37 -15.77 12.11
CA ASP A 113 5.11 -16.85 13.05
C ASP A 113 3.90 -16.52 13.91
N ASP A 114 3.15 -15.49 13.52
CA ASP A 114 1.97 -15.09 14.26
C ASP A 114 2.30 -14.95 15.75
N GLY A 1 -12.65 15.74 -24.24
CA GLY A 1 -12.51 14.76 -23.14
C GLY A 1 -12.16 13.40 -23.71
N LYS A 2 -10.91 12.98 -23.51
CA LYS A 2 -10.45 11.71 -24.01
C LYS A 2 -11.12 10.57 -23.25
N LYS A 3 -11.47 9.51 -23.98
CA LYS A 3 -12.13 8.35 -23.37
C LYS A 3 -11.24 7.12 -23.46
N VAL A 4 -10.18 7.21 -24.27
CA VAL A 4 -9.25 6.09 -24.43
C VAL A 4 -7.88 6.45 -23.90
N GLU A 5 -7.65 7.74 -23.66
CA GLU A 5 -6.37 8.20 -23.15
C GLU A 5 -5.21 7.51 -23.86
N PHE A 6 -4.65 8.19 -24.85
CA PHE A 6 -3.52 7.63 -25.60
C PHE A 6 -2.22 7.85 -24.86
N ASN A 7 -1.37 6.82 -24.85
CA ASN A 7 -0.07 6.90 -24.18
C ASN A 7 1.02 7.29 -25.17
N ASP A 8 0.60 7.76 -26.34
CA ASP A 8 1.56 8.16 -27.37
C ASP A 8 2.59 7.07 -27.59
N LYS A 9 3.62 7.38 -28.37
CA LYS A 9 4.68 6.40 -28.65
C LYS A 9 5.98 6.80 -27.93
N PRO A 10 6.49 5.98 -27.03
CA PRO A 10 7.75 6.28 -26.29
C PRO A 10 9.00 6.04 -27.14
N LYS A 11 9.15 6.83 -28.21
CA LYS A 11 10.31 6.68 -29.10
C LYS A 11 11.32 7.77 -28.82
N VAL A 12 11.87 7.79 -27.62
CA VAL A 12 12.86 8.78 -27.23
C VAL A 12 13.53 8.40 -25.91
N ARG A 13 12.82 7.64 -25.09
CA ARG A 13 13.35 7.21 -23.80
C ARG A 13 12.82 5.83 -23.44
N LYS A 14 13.60 5.09 -22.65
CA LYS A 14 13.23 3.75 -22.24
C LYS A 14 12.02 3.81 -21.31
N ILE A 15 11.08 2.90 -21.53
CA ILE A 15 9.88 2.85 -20.72
C ILE A 15 10.22 3.01 -19.24
N PRO A 16 9.28 3.44 -18.44
CA PRO A 16 9.49 3.62 -16.98
C PRO A 16 10.28 2.45 -16.37
N SER A 17 11.33 2.78 -15.62
CA SER A 17 12.15 1.77 -14.98
C SER A 17 11.60 1.41 -13.60
N THR A 18 10.55 2.12 -13.19
CA THR A 18 9.94 1.87 -11.89
C THR A 18 8.90 0.76 -12.01
N ARG A 19 8.46 0.25 -10.86
CA ARG A 19 7.47 -0.83 -10.84
C ARG A 19 6.14 -0.32 -10.30
N LYS A 20 5.05 -0.95 -10.73
CA LYS A 20 3.71 -0.55 -10.30
C LYS A 20 3.10 -1.65 -9.44
N ILE A 21 2.32 -1.23 -8.44
CA ILE A 21 1.67 -2.19 -7.53
C ILE A 21 0.16 -2.04 -7.61
N LYS A 22 -0.54 -3.16 -7.52
CA LYS A 22 -2.00 -3.17 -7.58
C LYS A 22 -2.59 -3.98 -6.44
N ILE A 23 -1.76 -4.79 -5.79
CA ILE A 23 -2.21 -5.63 -4.68
C ILE A 23 -1.74 -5.05 -3.35
N THR A 24 -2.70 -4.85 -2.45
CA THR A 24 -2.41 -4.29 -1.14
C THR A 24 -3.20 -5.04 -0.06
N PHE A 25 -2.53 -5.33 1.06
CA PHE A 25 -3.18 -6.03 2.15
C PHE A 25 -4.37 -5.23 2.66
N ALA A 26 -5.52 -5.90 2.81
CA ALA A 26 -6.74 -5.25 3.28
C ALA A 26 -7.02 -5.63 4.73
N LEU A 27 -7.40 -4.64 5.52
CA LEU A 27 -7.71 -4.87 6.92
C LEU A 27 -8.91 -5.80 7.07
N ASP A 28 -9.91 -5.59 6.23
CA ASP A 28 -11.11 -6.42 6.26
C ASP A 28 -11.86 -6.32 4.93
N ALA A 29 -12.97 -7.04 4.83
CA ALA A 29 -13.75 -7.03 3.61
C ALA A 29 -14.22 -5.61 3.28
N THR A 30 -14.62 -4.87 4.31
CA THR A 30 -15.07 -3.50 4.13
C THR A 30 -13.94 -2.63 3.58
N PHE A 31 -12.80 -2.68 4.24
CA PHE A 31 -11.64 -1.90 3.82
C PHE A 31 -11.08 -2.46 2.52
N ASP A 32 -11.36 -3.72 2.25
CA ASP A 32 -10.87 -4.35 1.03
C ASP A 32 -11.51 -3.71 -0.20
N SER A 33 -12.84 -3.65 -0.19
CA SER A 33 -13.56 -3.04 -1.31
C SER A 33 -13.30 -1.54 -1.37
N VAL A 34 -13.36 -0.88 -0.22
CA VAL A 34 -13.14 0.55 -0.15
C VAL A 34 -11.72 0.91 -0.59
N LEU A 35 -10.75 0.17 -0.07
CA LEU A 35 -9.35 0.42 -0.41
C LEU A 35 -9.11 0.18 -1.89
N SER A 36 -9.67 -0.90 -2.40
CA SER A 36 -9.49 -1.25 -3.81
C SER A 36 -10.05 -0.14 -4.69
N LYS A 37 -11.22 0.38 -4.32
CA LYS A 37 -11.84 1.45 -5.09
C LYS A 37 -10.98 2.70 -5.07
N ALA A 38 -10.47 3.05 -3.90
CA ALA A 38 -9.64 4.24 -3.76
C ALA A 38 -8.25 4.00 -4.35
N CYS A 39 -7.41 3.30 -3.60
CA CYS A 39 -6.05 3.02 -4.06
C CYS A 39 -6.02 1.74 -4.90
N SER A 40 -6.70 1.78 -6.04
CA SER A 40 -6.75 0.63 -6.93
C SER A 40 -5.35 0.28 -7.44
N GLU A 41 -4.59 1.30 -7.78
CA GLU A 41 -3.23 1.10 -8.28
C GLU A 41 -2.36 2.33 -8.00
N PHE A 42 -1.07 2.09 -7.78
CA PHE A 42 -0.14 3.19 -7.50
C PHE A 42 1.26 2.85 -7.99
N GLU A 43 2.01 3.87 -8.37
CA GLU A 43 3.36 3.67 -8.86
C GLU A 43 4.32 3.44 -7.68
N VAL A 44 5.24 2.49 -7.86
CA VAL A 44 6.22 2.17 -6.80
C VAL A 44 7.64 2.20 -7.37
N ASP A 45 8.53 2.86 -6.64
CA ASP A 45 9.92 2.97 -7.06
C ASP A 45 10.68 1.70 -6.69
N LYS A 46 11.91 1.57 -7.19
CA LYS A 46 12.73 0.41 -6.91
C LYS A 46 13.58 0.66 -5.67
N ASP A 47 13.93 -0.42 -4.96
CA ASP A 47 14.73 -0.31 -3.76
C ASP A 47 14.00 0.51 -2.70
N VAL A 48 12.71 0.28 -2.56
CA VAL A 48 11.90 0.99 -1.58
C VAL A 48 11.91 0.26 -0.25
N THR A 49 11.45 0.93 0.80
CA THR A 49 11.40 0.33 2.13
C THR A 49 9.97 0.33 2.65
N LEU A 50 9.51 -0.82 3.12
CA LEU A 50 8.16 -0.96 3.67
C LEU A 50 7.77 0.28 4.46
N ASP A 51 8.78 0.96 5.01
CA ASP A 51 8.53 2.17 5.79
C ASP A 51 7.83 3.22 4.92
N GLU A 52 8.36 3.42 3.72
CA GLU A 52 7.78 4.40 2.79
C GLU A 52 6.38 3.97 2.39
N LEU A 53 6.22 2.69 2.11
CA LEU A 53 4.92 2.18 1.72
C LEU A 53 3.91 2.38 2.84
N LEU A 54 4.34 2.13 4.06
CA LEU A 54 3.46 2.27 5.22
C LEU A 54 2.99 3.73 5.36
N ASP A 55 3.93 4.64 5.22
CA ASP A 55 3.60 6.05 5.35
C ASP A 55 2.79 6.53 4.16
N VAL A 56 3.19 6.09 2.97
CA VAL A 56 2.51 6.50 1.75
C VAL A 56 1.09 5.92 1.70
N VAL A 57 0.97 4.62 1.90
CA VAL A 57 -0.33 3.98 1.86
C VAL A 57 -1.25 4.61 2.88
N LEU A 58 -0.74 4.85 4.08
CA LEU A 58 -1.56 5.45 5.13
C LEU A 58 -2.06 6.82 4.68
N ASP A 59 -1.14 7.66 4.25
CA ASP A 59 -1.49 9.00 3.81
C ASP A 59 -2.42 8.92 2.61
N ALA A 60 -2.26 7.88 1.80
CA ALA A 60 -3.08 7.69 0.62
C ALA A 60 -4.55 7.53 0.99
N VAL A 61 -4.83 6.57 1.87
CA VAL A 61 -6.20 6.31 2.29
C VAL A 61 -6.73 7.47 3.13
N GLU A 62 -5.86 8.03 3.97
CA GLU A 62 -6.25 9.13 4.84
C GLU A 62 -6.56 10.37 4.01
N SER A 63 -5.70 10.66 3.04
CA SER A 63 -5.88 11.82 2.17
C SER A 63 -7.18 11.70 1.40
N THR A 64 -7.42 10.51 0.84
CA THR A 64 -8.64 10.28 0.07
C THR A 64 -9.87 10.48 0.95
N LEU A 65 -9.87 9.86 2.12
CA LEU A 65 -11.00 9.98 3.04
C LEU A 65 -10.66 10.97 4.16
N SER A 66 -11.32 12.12 4.12
CA SER A 66 -11.11 13.14 5.14
C SER A 66 -11.83 12.76 6.42
N PRO A 67 -13.09 12.37 6.33
CA PRO A 67 -13.90 11.98 7.52
C PRO A 67 -13.60 10.56 7.97
N CYS A 68 -13.50 10.37 9.28
CA CYS A 68 -13.22 9.05 9.84
C CYS A 68 -14.21 8.73 10.97
N LYS A 69 -13.97 9.31 12.14
CA LYS A 69 -14.85 9.07 13.28
C LYS A 69 -16.24 9.63 13.01
N GLU A 70 -16.39 10.31 11.89
CA GLU A 70 -17.68 10.89 11.55
C GLU A 70 -18.65 9.80 11.13
N HIS A 71 -18.19 8.55 11.17
CA HIS A 71 -19.03 7.41 10.81
C HIS A 71 -18.97 6.34 11.89
N ASP A 72 -20.02 6.27 12.71
CA ASP A 72 -20.07 5.28 13.78
C ASP A 72 -20.15 3.87 13.21
N VAL A 73 -20.92 3.72 12.14
CA VAL A 73 -21.07 2.41 11.52
C VAL A 73 -19.73 1.91 10.98
N ILE A 74 -19.03 2.77 10.26
CA ILE A 74 -17.74 2.39 9.70
C ILE A 74 -16.72 2.16 10.79
N GLY A 75 -16.51 3.19 11.63
CA GLY A 75 -15.54 3.11 12.74
C GLY A 75 -14.36 2.22 12.36
N THR A 76 -13.69 1.67 13.36
CA THR A 76 -12.55 0.79 13.12
C THR A 76 -11.36 1.59 12.62
N LYS A 77 -11.59 2.40 11.60
CA LYS A 77 -10.53 3.22 11.04
C LYS A 77 -10.02 4.21 12.07
N VAL A 78 -10.88 4.55 13.03
CA VAL A 78 -10.49 5.49 14.07
C VAL A 78 -9.33 4.92 14.90
N CYS A 79 -9.51 3.69 15.37
CA CYS A 79 -8.48 3.06 16.18
C CYS A 79 -7.26 2.73 15.32
N ALA A 80 -7.50 2.32 14.08
CA ALA A 80 -6.41 1.98 13.18
C ALA A 80 -5.57 3.21 12.85
N LEU A 81 -6.23 4.29 12.46
CA LEU A 81 -5.51 5.51 12.11
C LEU A 81 -4.75 6.05 13.31
N LEU A 82 -5.41 6.12 14.45
CA LEU A 82 -4.77 6.62 15.66
C LEU A 82 -3.62 5.69 16.07
N ASP A 83 -3.86 4.40 15.95
CA ASP A 83 -2.85 3.43 16.31
C ASP A 83 -1.61 3.61 15.45
N ARG A 84 -1.82 3.76 14.15
CA ARG A 84 -0.70 3.94 13.22
C ARG A 84 -0.01 5.28 13.47
N LEU A 85 -0.81 6.30 13.77
CA LEU A 85 -0.26 7.62 14.02
C LEU A 85 0.70 7.58 15.20
N ALA A 86 0.30 6.89 16.26
CA ALA A 86 1.13 6.78 17.45
C ALA A 86 2.47 6.15 17.11
N GLY A 87 2.50 5.37 16.03
CA GLY A 87 3.72 4.69 15.60
C GLY A 87 3.59 3.18 15.78
N ASP A 88 2.38 2.67 15.61
CA ASP A 88 2.14 1.24 15.76
C ASP A 88 2.58 0.48 14.51
N TYR A 89 2.09 0.93 13.35
CA TYR A 89 2.43 0.29 12.09
C TYR A 89 2.42 -1.23 12.22
N VAL A 90 2.80 -1.92 11.15
CA VAL A 90 2.83 -3.38 11.17
C VAL A 90 4.04 -3.89 10.39
N TYR A 91 4.33 -5.19 10.51
CA TYR A 91 5.46 -5.78 9.82
C TYR A 91 4.98 -6.51 8.59
N LEU A 92 5.72 -6.35 7.49
CA LEU A 92 5.38 -7.00 6.24
C LEU A 92 6.60 -7.64 5.59
N PHE A 93 6.42 -8.83 5.03
CA PHE A 93 7.51 -9.54 4.39
C PHE A 93 7.00 -10.45 3.28
N ASP A 94 7.91 -10.88 2.41
CA ASP A 94 7.52 -11.76 1.31
C ASP A 94 7.32 -13.18 1.81
N GLU A 95 6.93 -14.07 0.90
CA GLU A 95 6.69 -15.46 1.27
C GLU A 95 8.01 -16.18 1.57
N GLY A 96 9.01 -15.41 1.99
CA GLY A 96 10.33 -15.98 2.32
C GLY A 96 10.67 -15.73 3.79
N GLY A 97 10.93 -14.46 4.12
CA GLY A 97 11.28 -14.10 5.49
C GLY A 97 11.95 -12.74 5.54
N ASP A 98 12.57 -12.35 4.44
CA ASP A 98 13.26 -11.06 4.36
C ASP A 98 12.25 -9.94 4.10
N GLU A 99 12.24 -8.97 5.00
CA GLU A 99 11.33 -7.83 4.85
C GLU A 99 11.67 -7.02 3.61
N VAL A 100 11.04 -7.35 2.48
CA VAL A 100 11.28 -6.65 1.23
C VAL A 100 9.98 -6.49 0.45
N ILE A 101 9.76 -5.30 -0.09
CA ILE A 101 8.56 -5.02 -0.86
C ILE A 101 8.58 -5.80 -2.17
N ALA A 102 7.46 -6.45 -2.47
CA ALA A 102 7.37 -7.23 -3.70
C ALA A 102 5.90 -7.49 -4.06
N PRO A 103 5.65 -8.04 -5.22
CA PRO A 103 4.27 -8.37 -5.68
C PRO A 103 3.50 -9.19 -4.65
N ARG A 104 4.18 -10.18 -4.06
CA ARG A 104 3.56 -11.04 -3.06
C ARG A 104 4.07 -10.68 -1.67
N MET A 105 3.55 -9.60 -1.12
CA MET A 105 3.97 -9.14 0.20
C MET A 105 2.88 -9.44 1.23
N TYR A 106 3.30 -9.96 2.38
CA TYR A 106 2.36 -10.28 3.46
C TYR A 106 2.47 -9.24 4.56
N CYS A 107 1.56 -8.27 4.54
CA CYS A 107 1.56 -7.20 5.55
C CYS A 107 0.58 -7.54 6.66
N SER A 108 1.11 -7.55 7.88
CA SER A 108 0.27 -7.85 9.04
C SER A 108 1.00 -7.53 10.35
N PHE A 109 0.28 -7.59 11.46
CA PHE A 109 0.88 -7.30 12.76
C PHE A 109 1.53 -8.56 13.32
N SER A 110 2.33 -9.23 12.50
CA SER A 110 3.01 -10.45 12.92
C SER A 110 4.42 -10.48 12.38
N ALA A 111 5.22 -11.41 12.87
CA ALA A 111 6.62 -11.54 12.44
C ALA A 111 6.76 -12.69 11.43
N PRO A 112 7.90 -12.80 10.81
CA PRO A 112 8.18 -13.88 9.82
C PRO A 112 7.86 -15.27 10.37
N ASP A 113 8.18 -15.47 11.66
CA ASP A 113 7.93 -16.76 12.30
C ASP A 113 6.47 -16.85 12.75
N ASP A 114 5.56 -16.36 11.91
CA ASP A 114 4.14 -16.38 12.23
C ASP A 114 3.75 -17.69 12.92
N GLY A 1 33.37 -15.31 -19.23
CA GLY A 1 34.20 -14.19 -18.71
C GLY A 1 34.30 -13.10 -19.77
N LYS A 2 33.33 -12.20 -19.77
CA LYS A 2 33.31 -11.11 -20.74
C LYS A 2 34.33 -10.04 -20.37
N LYS A 3 34.62 -9.15 -21.31
CA LYS A 3 35.58 -8.06 -21.06
C LYS A 3 35.02 -6.74 -21.56
N VAL A 4 34.23 -6.79 -22.63
CA VAL A 4 33.65 -5.58 -23.19
C VAL A 4 32.63 -4.98 -22.21
N GLU A 5 31.91 -3.96 -22.67
CA GLU A 5 30.90 -3.30 -21.84
C GLU A 5 29.52 -3.48 -22.44
N PHE A 6 28.54 -3.78 -21.58
CA PHE A 6 27.16 -3.97 -22.02
C PHE A 6 26.32 -2.75 -21.67
N ASN A 7 25.01 -2.86 -21.91
CA ASN A 7 24.08 -1.77 -21.62
C ASN A 7 22.90 -2.27 -20.81
N ASP A 8 22.60 -1.58 -19.72
CA ASP A 8 21.49 -1.97 -18.87
C ASP A 8 20.18 -1.46 -19.45
N LYS A 9 19.62 -2.23 -20.39
CA LYS A 9 18.35 -1.85 -21.01
C LYS A 9 17.41 -3.05 -21.11
N PRO A 10 16.12 -2.84 -20.99
CA PRO A 10 15.12 -3.94 -21.11
C PRO A 10 15.39 -4.84 -22.31
N LYS A 11 15.42 -6.15 -22.07
CA LYS A 11 15.67 -7.11 -23.14
C LYS A 11 14.58 -7.02 -24.20
N VAL A 12 13.34 -7.28 -23.81
CA VAL A 12 12.22 -7.22 -24.74
C VAL A 12 11.74 -5.77 -24.90
N ARG A 13 10.43 -5.58 -24.75
CA ARG A 13 9.84 -4.25 -24.87
C ARG A 13 10.57 -3.27 -23.97
N LYS A 14 10.03 -2.06 -23.85
CA LYS A 14 10.64 -1.03 -23.01
C LYS A 14 9.74 -0.73 -21.83
N ILE A 15 10.29 -0.84 -20.62
CA ILE A 15 9.53 -0.57 -19.41
C ILE A 15 9.99 0.72 -18.74
N PRO A 16 9.13 1.33 -17.95
CA PRO A 16 9.47 2.60 -17.23
C PRO A 16 10.66 2.42 -16.26
N SER A 17 11.38 3.50 -16.02
CA SER A 17 12.52 3.45 -15.11
C SER A 17 12.05 3.33 -13.67
N THR A 18 10.77 3.62 -13.44
CA THR A 18 10.19 3.54 -12.09
C THR A 18 9.63 2.14 -11.86
N ARG A 19 8.97 1.97 -10.71
CA ARG A 19 8.38 0.67 -10.36
C ARG A 19 6.92 0.85 -9.97
N LYS A 20 6.11 -0.17 -10.24
CA LYS A 20 4.68 -0.14 -9.93
C LYS A 20 4.26 -1.41 -9.22
N ILE A 21 3.48 -1.25 -8.16
CA ILE A 21 3.00 -2.40 -7.38
C ILE A 21 1.55 -2.20 -6.96
N LYS A 22 0.77 -3.27 -7.05
CA LYS A 22 -0.65 -3.21 -6.68
C LYS A 22 -0.81 -3.68 -5.24
N ILE A 23 -1.25 -2.77 -4.36
CA ILE A 23 -1.45 -3.11 -2.96
C ILE A 23 -2.90 -3.51 -2.70
N THR A 24 -3.12 -4.79 -2.47
CA THR A 24 -4.47 -5.29 -2.21
C THR A 24 -4.45 -6.29 -1.05
N PHE A 25 -4.88 -5.82 0.13
CA PHE A 25 -4.91 -6.68 1.30
C PHE A 25 -5.84 -6.09 2.35
N ALA A 26 -7.00 -6.71 2.52
CA ALA A 26 -7.99 -6.25 3.51
C ALA A 26 -8.55 -7.43 4.28
N LEU A 27 -8.96 -7.18 5.52
CA LEU A 27 -9.53 -8.23 6.37
C LEU A 27 -10.96 -7.88 6.76
N ASP A 28 -11.64 -7.13 5.90
CA ASP A 28 -13.03 -6.74 6.16
C ASP A 28 -13.81 -6.66 4.86
N ALA A 29 -14.72 -5.69 4.78
CA ALA A 29 -15.54 -5.51 3.57
C ALA A 29 -15.53 -4.05 3.14
N THR A 30 -16.08 -3.17 3.98
CA THR A 30 -16.12 -1.75 3.66
C THR A 30 -14.71 -1.21 3.42
N PHE A 31 -13.78 -1.63 4.29
CA PHE A 31 -12.40 -1.20 4.17
C PHE A 31 -11.76 -1.80 2.92
N ASP A 32 -12.32 -2.89 2.43
CA ASP A 32 -11.81 -3.54 1.23
C ASP A 32 -12.21 -2.77 -0.03
N SER A 33 -13.49 -2.38 -0.07
CA SER A 33 -14.00 -1.66 -1.23
C SER A 33 -13.30 -0.32 -1.39
N VAL A 34 -13.14 0.40 -0.28
CA VAL A 34 -12.48 1.70 -0.33
C VAL A 34 -11.01 1.53 -0.72
N LEU A 35 -10.36 0.50 -0.18
CA LEU A 35 -8.95 0.29 -0.50
C LEU A 35 -8.76 0.06 -2.00
N SER A 36 -9.53 -0.87 -2.54
CA SER A 36 -9.41 -1.20 -3.95
C SER A 36 -9.75 0.00 -4.82
N LYS A 37 -10.84 0.66 -4.49
CA LYS A 37 -11.28 1.83 -5.25
C LYS A 37 -10.29 2.98 -5.13
N ALA A 38 -9.82 3.22 -3.91
CA ALA A 38 -8.88 4.30 -3.66
C ALA A 38 -7.53 4.00 -4.31
N CYS A 39 -6.69 3.26 -3.59
CA CYS A 39 -5.37 2.91 -4.12
C CYS A 39 -5.44 1.60 -4.90
N SER A 40 -5.89 1.69 -6.14
CA SER A 40 -5.99 0.51 -7.00
C SER A 40 -4.64 0.19 -7.62
N GLU A 41 -3.69 1.10 -7.46
CA GLU A 41 -2.35 0.89 -8.02
C GLU A 41 -1.41 1.98 -7.54
N PHE A 42 -0.27 1.58 -6.99
CA PHE A 42 0.71 2.55 -6.48
C PHE A 42 1.95 2.57 -7.37
N GLU A 43 2.49 3.77 -7.61
CA GLU A 43 3.67 3.92 -8.43
C GLU A 43 4.79 4.56 -7.62
N VAL A 44 5.88 3.82 -7.42
CA VAL A 44 7.02 4.31 -6.66
C VAL A 44 8.33 3.89 -7.31
N ASP A 45 9.39 4.64 -7.05
CA ASP A 45 10.71 4.34 -7.61
C ASP A 45 11.46 3.37 -6.69
N LYS A 46 12.60 2.88 -7.16
CA LYS A 46 13.39 1.94 -6.37
C LYS A 46 13.83 2.58 -5.06
N ASP A 47 14.58 3.69 -5.16
CA ASP A 47 15.07 4.40 -3.97
C ASP A 47 14.07 4.30 -2.83
N VAL A 48 12.79 4.32 -3.17
CA VAL A 48 11.74 4.22 -2.17
C VAL A 48 11.88 2.93 -1.39
N THR A 49 11.79 3.03 -0.07
CA THR A 49 11.91 1.86 0.80
C THR A 49 10.56 1.48 1.37
N LEU A 50 10.36 0.19 1.57
CA LEU A 50 9.09 -0.32 2.11
C LEU A 50 8.56 0.62 3.19
N ASP A 51 9.47 1.21 3.95
CA ASP A 51 9.08 2.13 5.02
C ASP A 51 8.31 3.32 4.43
N GLU A 52 8.89 3.95 3.42
CA GLU A 52 8.26 5.08 2.78
C GLU A 52 6.97 4.65 2.11
N LEU A 53 6.96 3.43 1.58
CA LEU A 53 5.78 2.90 0.92
C LEU A 53 4.62 2.78 1.90
N LEU A 54 4.93 2.36 3.11
CA LEU A 54 3.91 2.21 4.13
C LEU A 54 3.36 3.57 4.58
N ASP A 55 4.26 4.53 4.68
CA ASP A 55 3.86 5.87 5.11
C ASP A 55 3.01 6.58 4.06
N VAL A 56 3.46 6.53 2.82
CA VAL A 56 2.74 7.18 1.72
C VAL A 56 1.42 6.46 1.42
N VAL A 57 1.48 5.15 1.25
CA VAL A 57 0.29 4.38 0.95
C VAL A 57 -0.77 4.62 2.02
N LEU A 58 -0.36 4.55 3.28
CA LEU A 58 -1.31 4.76 4.36
C LEU A 58 -1.92 6.15 4.27
N ASP A 59 -1.07 7.15 4.21
CA ASP A 59 -1.53 8.53 4.14
C ASP A 59 -2.51 8.67 2.98
N ALA A 60 -2.19 8.01 1.87
CA ALA A 60 -3.05 8.07 0.69
C ALA A 60 -4.46 7.57 1.03
N VAL A 61 -4.53 6.39 1.62
CA VAL A 61 -5.83 5.82 1.99
C VAL A 61 -6.52 6.67 3.04
N GLU A 62 -5.77 7.04 4.08
CA GLU A 62 -6.32 7.86 5.15
C GLU A 62 -6.93 9.14 4.59
N SER A 63 -6.20 9.78 3.69
CA SER A 63 -6.68 11.02 3.09
C SER A 63 -7.96 10.77 2.31
N THR A 64 -7.98 9.72 1.51
CA THR A 64 -9.15 9.40 0.69
C THR A 64 -10.40 9.34 1.56
N LEU A 65 -10.33 8.56 2.64
CA LEU A 65 -11.47 8.41 3.55
C LEU A 65 -11.18 9.12 4.87
N SER A 66 -11.12 10.43 4.83
CA SER A 66 -10.87 11.21 6.03
C SER A 66 -12.13 11.29 6.90
N PRO A 67 -13.26 11.59 6.30
CA PRO A 67 -14.54 11.72 7.03
C PRO A 67 -15.20 10.37 7.30
N CYS A 68 -14.79 9.73 8.40
CA CYS A 68 -15.35 8.44 8.78
C CYS A 68 -15.71 8.41 10.26
N LYS A 69 -15.28 9.45 10.98
CA LYS A 69 -15.55 9.54 12.41
C LYS A 69 -17.06 9.58 12.67
N GLU A 70 -17.80 10.08 11.70
CA GLU A 70 -19.25 10.19 11.85
C GLU A 70 -19.90 8.80 11.78
N HIS A 71 -19.36 7.94 10.93
CA HIS A 71 -19.89 6.59 10.78
C HIS A 71 -19.47 5.71 11.94
N ASP A 72 -20.44 5.09 12.60
CA ASP A 72 -20.14 4.22 13.73
C ASP A 72 -19.33 3.01 13.27
N VAL A 73 -19.74 2.42 12.15
CA VAL A 73 -19.03 1.26 11.62
C VAL A 73 -17.61 1.63 11.23
N ILE A 74 -17.46 2.78 10.56
CA ILE A 74 -16.15 3.25 10.13
C ILE A 74 -15.66 4.38 11.04
N GLY A 75 -16.27 4.48 12.22
CA GLY A 75 -15.88 5.50 13.19
C GLY A 75 -14.56 5.15 13.85
N THR A 76 -14.55 4.03 14.57
CA THR A 76 -13.35 3.58 15.26
C THR A 76 -12.20 3.42 14.27
N LYS A 77 -12.52 3.51 12.98
CA LYS A 77 -11.50 3.37 11.96
C LYS A 77 -10.41 4.41 12.13
N VAL A 78 -10.82 5.67 12.22
CA VAL A 78 -9.86 6.76 12.35
C VAL A 78 -8.99 6.54 13.59
N CYS A 79 -9.63 6.24 14.71
CA CYS A 79 -8.91 6.00 15.95
C CYS A 79 -7.91 4.87 15.75
N ALA A 80 -8.28 3.89 14.93
CA ALA A 80 -7.40 2.76 14.67
C ALA A 80 -6.14 3.21 13.93
N LEU A 81 -6.32 4.11 12.97
CA LEU A 81 -5.18 4.60 12.20
C LEU A 81 -4.20 5.34 13.11
N LEU A 82 -4.72 6.18 13.99
CA LEU A 82 -3.86 6.92 14.91
C LEU A 82 -3.13 5.96 15.84
N ASP A 83 -3.87 5.01 16.38
CA ASP A 83 -3.30 4.04 17.29
C ASP A 83 -2.22 3.23 16.59
N ARG A 84 -2.51 2.80 15.37
CA ARG A 84 -1.55 2.02 14.60
C ARG A 84 -0.35 2.86 14.21
N LEU A 85 -0.61 4.10 13.81
CA LEU A 85 0.46 5.00 13.40
C LEU A 85 1.33 5.36 14.59
N ALA A 86 0.78 5.18 15.79
CA ALA A 86 1.53 5.52 17.01
C ALA A 86 2.84 4.75 17.07
N GLY A 87 2.81 3.51 16.58
CA GLY A 87 4.01 2.69 16.58
C GLY A 87 3.80 1.42 15.76
N ASP A 88 2.87 0.58 16.21
CA ASP A 88 2.59 -0.67 15.50
C ASP A 88 1.70 -0.42 14.29
N TYR A 89 2.22 -0.76 13.11
CA TYR A 89 1.48 -0.56 11.86
C TYR A 89 1.26 -1.89 11.13
N VAL A 90 2.09 -2.15 10.13
CA VAL A 90 1.99 -3.37 9.35
C VAL A 90 3.37 -3.86 8.94
N TYR A 91 3.56 -5.18 8.96
CA TYR A 91 4.83 -5.77 8.59
C TYR A 91 4.82 -6.15 7.12
N LEU A 92 5.89 -5.79 6.41
CA LEU A 92 5.99 -6.08 4.99
C LEU A 92 7.22 -6.93 4.72
N PHE A 93 7.01 -8.11 4.14
CA PHE A 93 8.12 -9.01 3.82
C PHE A 93 7.75 -9.94 2.67
N ASP A 94 8.75 -10.33 1.88
CA ASP A 94 8.51 -11.22 0.75
C ASP A 94 8.74 -12.68 1.16
N GLU A 95 8.63 -13.58 0.19
CA GLU A 95 8.82 -15.00 0.46
C GLU A 95 10.29 -15.30 0.73
N GLY A 96 10.95 -14.44 1.50
CA GLY A 96 12.36 -14.62 1.83
C GLY A 96 12.63 -14.25 3.29
N GLY A 97 11.70 -13.54 3.90
CA GLY A 97 11.84 -13.13 5.29
C GLY A 97 12.60 -11.82 5.40
N ASP A 98 13.13 -11.35 4.27
CA ASP A 98 13.89 -10.10 4.25
C ASP A 98 13.00 -8.95 3.80
N GLU A 99 12.71 -8.04 4.72
CA GLU A 99 11.86 -6.90 4.41
C GLU A 99 12.42 -6.15 3.20
N VAL A 100 12.00 -6.56 2.01
CA VAL A 100 12.46 -5.94 0.78
C VAL A 100 11.36 -5.95 -0.29
N ILE A 101 11.42 -4.99 -1.21
CA ILE A 101 10.42 -4.90 -2.26
C ILE A 101 10.71 -5.94 -3.34
N ALA A 102 9.69 -6.71 -3.69
CA ALA A 102 9.85 -7.73 -4.72
C ALA A 102 8.52 -8.00 -5.44
N PRO A 103 8.53 -8.80 -6.47
CA PRO A 103 7.30 -9.15 -7.23
C PRO A 103 6.17 -9.62 -6.31
N ARG A 104 6.53 -10.37 -5.27
CA ARG A 104 5.53 -10.87 -4.31
C ARG A 104 5.59 -10.04 -3.04
N MET A 105 4.63 -9.14 -2.89
CA MET A 105 4.58 -8.27 -1.72
C MET A 105 3.51 -8.75 -0.75
N TYR A 106 3.84 -8.74 0.53
CA TYR A 106 2.91 -9.17 1.58
C TYR A 106 2.99 -8.23 2.77
N CYS A 107 1.98 -7.36 2.88
CA CYS A 107 1.91 -6.39 3.98
C CYS A 107 0.76 -6.74 4.93
N SER A 108 1.12 -7.17 6.12
CA SER A 108 0.11 -7.54 7.12
C SER A 108 0.71 -7.50 8.53
N PHE A 109 -0.16 -7.53 9.53
CA PHE A 109 0.29 -7.49 10.92
C PHE A 109 1.17 -8.70 11.23
N SER A 110 0.89 -9.81 10.54
CA SER A 110 1.64 -11.04 10.75
C SER A 110 3.10 -10.82 10.36
N ALA A 111 4.00 -11.59 10.99
CA ALA A 111 5.43 -11.48 10.72
C ALA A 111 5.92 -12.71 9.93
N PRO A 112 7.13 -12.67 9.45
CA PRO A 112 7.73 -13.80 8.68
C PRO A 112 7.61 -15.13 9.43
N ASP A 113 7.84 -15.08 10.76
CA ASP A 113 7.76 -16.28 11.57
C ASP A 113 6.39 -16.39 12.24
N ASP A 114 5.35 -16.15 11.45
CA ASP A 114 3.99 -16.21 11.98
C ASP A 114 3.69 -17.60 12.54
N GLY A 1 1.71 -19.27 -15.66
CA GLY A 1 1.68 -18.83 -14.23
C GLY A 1 2.71 -17.72 -14.03
N LYS A 2 2.93 -16.93 -15.07
CA LYS A 2 3.91 -15.84 -15.00
C LYS A 2 3.27 -14.59 -14.42
N LYS A 3 1.96 -14.65 -14.22
CA LYS A 3 1.23 -13.51 -13.67
C LYS A 3 1.24 -12.34 -14.64
N VAL A 4 2.36 -12.18 -15.35
CA VAL A 4 2.51 -11.08 -16.30
C VAL A 4 2.36 -11.61 -17.72
N GLU A 5 1.87 -12.83 -17.85
CA GLU A 5 1.67 -13.42 -19.16
C GLU A 5 2.94 -13.29 -20.00
N PHE A 6 2.88 -12.47 -21.05
CA PHE A 6 4.02 -12.26 -21.92
C PHE A 6 3.89 -10.95 -22.68
N ASN A 7 3.50 -11.05 -23.95
CA ASN A 7 3.34 -9.86 -24.79
C ASN A 7 4.55 -8.96 -24.69
N ASP A 8 5.72 -9.57 -24.46
CA ASP A 8 6.96 -8.81 -24.34
C ASP A 8 6.71 -7.48 -23.62
N LYS A 9 6.74 -6.40 -24.37
CA LYS A 9 6.51 -5.08 -23.80
C LYS A 9 5.03 -4.69 -23.91
N PRO A 10 4.56 -3.87 -23.01
CA PRO A 10 3.16 -3.40 -23.01
C PRO A 10 2.64 -3.11 -24.41
N LYS A 11 3.57 -2.93 -25.35
CA LYS A 11 3.21 -2.66 -26.73
C LYS A 11 2.65 -1.24 -26.86
N VAL A 12 1.68 -0.90 -26.02
CA VAL A 12 1.07 0.42 -26.05
C VAL A 12 2.09 1.49 -25.71
N ARG A 13 2.86 1.26 -24.66
CA ARG A 13 3.88 2.22 -24.23
C ARG A 13 5.11 1.49 -23.70
N LYS A 14 6.25 2.16 -23.76
CA LYS A 14 7.50 1.57 -23.27
C LYS A 14 7.38 1.21 -21.80
N ILE A 15 8.03 0.13 -21.40
CA ILE A 15 7.99 -0.31 -20.02
C ILE A 15 8.18 0.87 -19.06
N PRO A 16 7.60 0.80 -17.90
CA PRO A 16 7.72 1.87 -16.87
C PRO A 16 9.13 1.96 -16.29
N SER A 17 9.55 3.18 -15.97
CA SER A 17 10.87 3.39 -15.39
C SER A 17 10.94 2.81 -13.98
N THR A 18 9.86 2.98 -13.22
CA THR A 18 9.80 2.48 -11.85
C THR A 18 8.90 1.26 -11.77
N ARG A 19 8.70 0.75 -10.56
CA ARG A 19 7.86 -0.42 -10.35
C ARG A 19 6.52 -0.02 -9.75
N LYS A 20 5.46 -0.71 -10.16
CA LYS A 20 4.12 -0.42 -9.66
C LYS A 20 3.65 -1.52 -8.74
N ILE A 21 2.86 -1.13 -7.73
CA ILE A 21 2.33 -2.09 -6.77
C ILE A 21 0.81 -2.11 -6.84
N LYS A 22 0.24 -3.32 -6.78
CA LYS A 22 -1.21 -3.47 -6.79
C LYS A 22 -1.67 -4.51 -5.78
N ILE A 23 -0.70 -5.14 -5.11
CA ILE A 23 -1.00 -6.15 -4.10
C ILE A 23 -0.72 -5.63 -2.71
N THR A 24 -1.72 -5.72 -1.84
CA THR A 24 -1.57 -5.25 -0.46
C THR A 24 -2.43 -6.07 0.48
N PHE A 25 -1.94 -6.27 1.70
CA PHE A 25 -2.68 -7.05 2.70
C PHE A 25 -4.02 -6.38 3.01
N ALA A 26 -5.11 -7.06 2.69
CA ALA A 26 -6.44 -6.51 2.94
C ALA A 26 -6.83 -6.65 4.41
N LEU A 27 -6.93 -5.52 5.09
CA LEU A 27 -7.30 -5.54 6.51
C LEU A 27 -8.74 -6.02 6.68
N ASP A 28 -9.63 -5.53 5.81
CA ASP A 28 -11.04 -5.90 5.88
C ASP A 28 -11.67 -5.82 4.50
N ALA A 29 -12.69 -6.65 4.27
CA ALA A 29 -13.37 -6.66 2.98
C ALA A 29 -13.88 -5.26 2.62
N THR A 30 -14.59 -4.63 3.56
CA THR A 30 -15.11 -3.30 3.32
C THR A 30 -13.97 -2.31 3.10
N PHE A 31 -12.98 -2.33 3.98
CA PHE A 31 -11.84 -1.44 3.87
C PHE A 31 -11.03 -1.75 2.61
N ASP A 32 -11.05 -3.02 2.20
CA ASP A 32 -10.32 -3.44 1.01
C ASP A 32 -10.90 -2.77 -0.22
N SER A 33 -12.21 -2.85 -0.39
CA SER A 33 -12.88 -2.26 -1.54
C SER A 33 -12.69 -0.74 -1.54
N VAL A 34 -12.86 -0.13 -0.37
CA VAL A 34 -12.71 1.32 -0.24
C VAL A 34 -11.26 1.72 -0.51
N LEU A 35 -10.33 0.98 0.08
CA LEU A 35 -8.92 1.30 -0.09
C LEU A 35 -8.51 1.15 -1.55
N SER A 36 -8.95 0.07 -2.19
CA SER A 36 -8.62 -0.17 -3.58
C SER A 36 -9.17 0.95 -4.46
N LYS A 37 -10.42 1.32 -4.21
CA LYS A 37 -11.06 2.39 -4.99
C LYS A 37 -10.36 3.72 -4.75
N ALA A 38 -9.89 3.93 -3.53
CA ALA A 38 -9.22 5.17 -3.18
C ALA A 38 -7.97 5.36 -4.02
N CYS A 39 -7.25 4.26 -4.27
CA CYS A 39 -6.02 4.33 -5.07
C CYS A 39 -6.11 3.37 -6.25
N SER A 40 -6.20 2.07 -5.94
CA SER A 40 -6.28 1.06 -6.99
C SER A 40 -4.92 0.89 -7.67
N GLU A 41 -3.94 1.63 -7.19
CA GLU A 41 -2.59 1.55 -7.76
C GLU A 41 -1.60 2.32 -6.90
N PHE A 42 -0.37 1.83 -6.82
CA PHE A 42 0.66 2.48 -6.03
C PHE A 42 2.01 2.47 -6.76
N GLU A 43 2.35 3.59 -7.39
CA GLU A 43 3.62 3.69 -8.12
C GLU A 43 4.75 3.89 -7.12
N VAL A 44 5.68 2.93 -7.09
CA VAL A 44 6.82 3.03 -6.17
C VAL A 44 8.14 2.86 -6.93
N ASP A 45 9.08 3.75 -6.65
CA ASP A 45 10.38 3.70 -7.28
C ASP A 45 11.06 2.36 -6.99
N LYS A 46 12.19 2.11 -7.64
CA LYS A 46 12.93 0.86 -7.44
C LYS A 46 13.92 1.01 -6.30
N ASP A 47 13.70 1.99 -5.44
CA ASP A 47 14.60 2.22 -4.31
C ASP A 47 13.82 2.78 -3.12
N VAL A 48 12.76 2.06 -2.72
CA VAL A 48 11.93 2.51 -1.60
C VAL A 48 11.72 1.37 -0.61
N THR A 49 11.69 1.70 0.68
CA THR A 49 11.49 0.70 1.71
C THR A 49 10.02 0.60 2.11
N LEU A 50 9.58 -0.61 2.45
CA LEU A 50 8.19 -0.82 2.85
C LEU A 50 7.72 0.31 3.78
N ASP A 51 8.65 0.80 4.61
CA ASP A 51 8.30 1.86 5.54
C ASP A 51 7.55 2.99 4.84
N GLU A 52 8.08 3.42 3.71
CA GLU A 52 7.45 4.49 2.95
C GLU A 52 6.07 4.05 2.45
N LEU A 53 5.95 2.79 2.09
CA LEU A 53 4.67 2.27 1.59
C LEU A 53 3.60 2.41 2.66
N LEU A 54 3.94 2.07 3.90
CA LEU A 54 2.99 2.18 4.99
C LEU A 54 2.57 3.63 5.19
N ASP A 55 3.54 4.52 5.16
CA ASP A 55 3.25 5.94 5.33
C ASP A 55 2.46 6.48 4.13
N VAL A 56 2.78 5.95 2.95
CA VAL A 56 2.10 6.38 1.74
C VAL A 56 0.68 5.85 1.69
N VAL A 57 0.52 4.55 1.88
CA VAL A 57 -0.80 3.94 1.84
C VAL A 57 -1.72 4.63 2.84
N LEU A 58 -1.22 4.86 4.05
CA LEU A 58 -2.04 5.53 5.07
C LEU A 58 -2.41 6.94 4.61
N ASP A 59 -1.40 7.74 4.26
CA ASP A 59 -1.65 9.10 3.81
C ASP A 59 -2.56 9.08 2.60
N ALA A 60 -2.48 8.02 1.81
CA ALA A 60 -3.30 7.90 0.61
C ALA A 60 -4.79 7.84 0.95
N VAL A 61 -5.15 6.86 1.79
CA VAL A 61 -6.53 6.70 2.20
C VAL A 61 -7.01 7.91 3.00
N GLU A 62 -6.14 8.42 3.86
CA GLU A 62 -6.48 9.57 4.68
C GLU A 62 -6.76 10.78 3.80
N SER A 63 -5.92 10.96 2.78
CA SER A 63 -6.09 12.09 1.87
C SER A 63 -7.42 12.00 1.14
N THR A 64 -7.71 10.82 0.59
CA THR A 64 -8.97 10.62 -0.13
C THR A 64 -10.15 10.68 0.83
N LEU A 65 -10.29 9.66 1.66
CA LEU A 65 -11.38 9.61 2.63
C LEU A 65 -10.87 10.00 4.02
N SER A 66 -10.78 11.30 4.26
CA SER A 66 -10.31 11.79 5.55
C SER A 66 -11.38 11.56 6.63
N PRO A 67 -12.61 11.89 6.35
CA PRO A 67 -13.72 11.76 7.31
C PRO A 67 -14.26 10.34 7.36
N CYS A 68 -13.91 9.61 8.42
CA CYS A 68 -14.38 8.24 8.60
C CYS A 68 -14.87 8.01 10.02
N LYS A 69 -14.40 8.84 10.94
CA LYS A 69 -14.80 8.73 12.34
C LYS A 69 -16.28 9.02 12.50
N GLU A 70 -16.80 9.88 11.63
CA GLU A 70 -18.22 10.26 11.69
C GLU A 70 -19.09 9.11 11.22
N HIS A 71 -18.63 8.38 10.22
CA HIS A 71 -19.38 7.25 9.69
C HIS A 71 -19.22 6.03 10.60
N ASP A 72 -20.32 5.59 11.20
CA ASP A 72 -20.28 4.44 12.10
C ASP A 72 -19.81 3.20 11.34
N VAL A 73 -20.10 3.16 10.05
CA VAL A 73 -19.70 2.02 9.23
C VAL A 73 -18.19 1.88 9.22
N ILE A 74 -17.49 2.99 9.05
CA ILE A 74 -16.03 2.97 9.01
C ILE A 74 -15.46 3.58 10.29
N GLY A 75 -16.35 4.03 11.16
CA GLY A 75 -15.93 4.64 12.42
C GLY A 75 -14.96 3.73 13.17
N THR A 76 -14.34 4.26 14.22
CA THR A 76 -13.39 3.49 15.01
C THR A 76 -12.11 3.26 14.22
N LYS A 77 -12.20 3.36 12.90
CA LYS A 77 -11.05 3.17 12.04
C LYS A 77 -10.01 4.26 12.30
N VAL A 78 -10.47 5.50 12.38
CA VAL A 78 -9.57 6.62 12.62
C VAL A 78 -8.78 6.41 13.90
N CYS A 79 -9.47 5.99 14.96
CA CYS A 79 -8.82 5.74 16.23
C CYS A 79 -7.81 4.61 16.11
N ALA A 80 -8.18 3.56 15.38
CA ALA A 80 -7.29 2.42 15.20
C ALA A 80 -6.04 2.84 14.41
N LEU A 81 -6.24 3.65 13.39
CA LEU A 81 -5.12 4.11 12.57
C LEU A 81 -4.16 4.97 13.40
N LEU A 82 -4.73 5.84 14.23
CA LEU A 82 -3.91 6.70 15.06
C LEU A 82 -3.09 5.89 16.06
N ASP A 83 -3.73 4.88 16.65
CA ASP A 83 -3.05 4.02 17.61
C ASP A 83 -1.92 3.25 16.94
N ARG A 84 -2.19 2.73 15.75
CA ARG A 84 -1.20 1.97 15.01
C ARG A 84 -0.09 2.88 14.50
N LEU A 85 -0.47 4.08 14.07
CA LEU A 85 0.50 5.03 13.55
C LEU A 85 1.51 5.42 14.62
N ALA A 86 1.00 5.68 15.82
CA ALA A 86 1.87 6.07 16.94
C ALA A 86 2.37 4.84 17.67
N GLY A 87 1.46 3.91 17.95
CA GLY A 87 1.82 2.69 18.66
C GLY A 87 2.75 1.82 17.84
N ASP A 88 2.19 1.17 16.82
CA ASP A 88 2.99 0.31 15.96
C ASP A 88 2.23 -0.02 14.68
N TYR A 89 2.94 -0.54 13.68
CA TYR A 89 2.32 -0.88 12.40
C TYR A 89 2.75 -2.28 11.96
N VAL A 90 1.84 -2.98 11.29
CA VAL A 90 2.13 -4.33 10.83
C VAL A 90 3.41 -4.34 9.99
N TYR A 91 4.30 -5.29 10.28
CA TYR A 91 5.55 -5.40 9.56
C TYR A 91 5.36 -6.22 8.31
N LEU A 92 6.07 -5.86 7.23
CA LEU A 92 5.97 -6.57 5.97
C LEU A 92 7.32 -7.18 5.60
N PHE A 93 7.29 -8.43 5.15
CA PHE A 93 8.51 -9.12 4.73
C PHE A 93 8.20 -10.22 3.72
N ASP A 94 9.24 -10.73 3.06
CA ASP A 94 9.05 -11.77 2.07
C ASP A 94 8.73 -13.11 2.74
N GLU A 95 9.01 -14.20 2.03
CA GLU A 95 8.74 -15.53 2.57
C GLU A 95 9.64 -15.82 3.77
N GLY A 96 10.94 -15.65 3.58
CA GLY A 96 11.90 -15.90 4.65
C GLY A 96 11.68 -14.93 5.80
N GLY A 97 12.49 -13.87 5.83
CA GLY A 97 12.38 -12.87 6.89
C GLY A 97 13.09 -11.59 6.50
N ASP A 98 13.27 -11.38 5.20
CA ASP A 98 13.95 -10.19 4.70
C ASP A 98 12.95 -9.06 4.48
N GLU A 99 13.07 -8.00 5.27
CA GLU A 99 12.17 -6.86 5.15
C GLU A 99 12.49 -6.05 3.89
N VAL A 100 11.86 -6.42 2.78
CA VAL A 100 12.09 -5.73 1.52
C VAL A 100 11.00 -6.08 0.50
N ILE A 101 10.60 -5.10 -0.29
CA ILE A 101 9.56 -5.31 -1.30
C ILE A 101 10.00 -6.40 -2.26
N ALA A 102 9.10 -7.35 -2.51
CA ALA A 102 9.39 -8.44 -3.42
C ALA A 102 8.10 -9.02 -4.01
N PRO A 103 8.23 -9.94 -4.95
CA PRO A 103 7.06 -10.57 -5.60
C PRO A 103 6.04 -11.08 -4.59
N ARG A 104 6.52 -11.61 -3.48
CA ARG A 104 5.65 -12.13 -2.44
C ARG A 104 5.35 -11.05 -1.41
N MET A 105 4.07 -10.73 -1.24
CA MET A 105 3.65 -9.71 -0.29
C MET A 105 3.07 -10.34 0.97
N TYR A 106 3.41 -9.75 2.12
CA TYR A 106 2.91 -10.27 3.39
C TYR A 106 3.05 -9.21 4.47
N CYS A 107 1.96 -8.48 4.72
CA CYS A 107 1.97 -7.43 5.75
C CYS A 107 1.09 -7.83 6.93
N SER A 108 1.70 -7.95 8.10
CA SER A 108 0.96 -8.32 9.31
C SER A 108 1.78 -8.03 10.56
N PHE A 109 1.15 -8.16 11.72
CA PHE A 109 1.84 -7.91 12.99
C PHE A 109 3.00 -8.87 13.15
N SER A 110 2.77 -10.15 12.85
CA SER A 110 3.81 -11.16 12.97
C SER A 110 5.16 -10.60 12.53
N ALA A 111 6.23 -11.24 12.97
CA ALA A 111 7.58 -10.78 12.64
C ALA A 111 8.24 -11.73 11.66
N PRO A 112 9.37 -11.34 11.12
CA PRO A 112 10.14 -12.19 10.16
C PRO A 112 10.31 -13.62 10.65
N ASP A 113 10.63 -13.76 11.94
CA ASP A 113 10.80 -15.09 12.53
C ASP A 113 9.52 -15.53 13.24
N ASP A 114 8.80 -14.57 13.78
CA ASP A 114 7.55 -14.87 14.49
C ASP A 114 7.79 -15.94 15.55
N GLY A 1 10.40 -24.74 -38.42
CA GLY A 1 10.60 -23.26 -38.47
C GLY A 1 11.43 -22.82 -37.27
N LYS A 2 12.03 -21.64 -37.37
CA LYS A 2 12.84 -21.13 -36.29
C LYS A 2 11.96 -20.76 -35.09
N LYS A 3 12.21 -21.40 -33.96
CA LYS A 3 11.44 -21.13 -32.75
C LYS A 3 11.26 -19.63 -32.57
N VAL A 4 10.39 -19.25 -31.64
CA VAL A 4 10.12 -17.84 -31.36
C VAL A 4 10.16 -17.03 -32.66
N GLU A 5 10.51 -15.76 -32.54
CA GLU A 5 10.59 -14.89 -33.71
C GLU A 5 11.80 -13.95 -33.60
N PHE A 6 12.48 -13.76 -34.73
CA PHE A 6 13.65 -12.89 -34.76
C PHE A 6 13.32 -11.54 -34.14
N ASN A 7 14.27 -11.00 -33.38
CA ASN A 7 14.07 -9.70 -32.73
C ASN A 7 12.88 -9.75 -31.78
N ASP A 8 13.12 -10.24 -30.57
CA ASP A 8 12.07 -10.34 -29.56
C ASP A 8 12.40 -9.47 -28.36
N LYS A 9 13.01 -8.31 -28.62
CA LYS A 9 13.37 -7.40 -27.54
C LYS A 9 12.96 -5.97 -27.88
N PRO A 10 12.82 -5.14 -26.87
CA PRO A 10 12.43 -3.71 -27.06
C PRO A 10 13.57 -2.86 -27.62
N LYS A 11 14.41 -2.38 -26.72
CA LYS A 11 15.54 -1.55 -27.11
C LYS A 11 15.05 -0.23 -27.74
N VAL A 12 14.50 -0.34 -28.94
CA VAL A 12 13.99 0.84 -29.63
C VAL A 12 12.83 1.45 -28.86
N ARG A 13 12.02 0.60 -28.25
CA ARG A 13 10.88 1.07 -27.47
C ARG A 13 11.33 1.61 -26.12
N LYS A 14 10.46 2.38 -25.48
CA LYS A 14 10.79 2.97 -24.18
C LYS A 14 11.20 1.88 -23.19
N ILE A 15 12.20 2.18 -22.36
CA ILE A 15 12.68 1.22 -21.37
C ILE A 15 12.48 1.77 -19.96
N PRO A 16 11.32 1.56 -19.39
CA PRO A 16 10.99 2.04 -18.02
C PRO A 16 11.99 1.53 -16.99
N SER A 17 12.29 2.36 -15.99
CA SER A 17 13.22 2.00 -14.93
C SER A 17 12.49 1.92 -13.60
N THR A 18 11.17 1.83 -13.64
CA THR A 18 10.37 1.76 -12.41
C THR A 18 9.39 0.60 -12.49
N ARG A 19 8.80 0.27 -11.35
CA ARG A 19 7.82 -0.83 -11.28
C ARG A 19 6.57 -0.39 -10.54
N LYS A 20 5.51 -1.16 -10.67
CA LYS A 20 4.24 -0.84 -10.01
C LYS A 20 3.68 -2.07 -9.32
N ILE A 21 3.04 -1.86 -8.16
CA ILE A 21 2.46 -2.96 -7.41
C ILE A 21 0.97 -2.73 -7.21
N LYS A 22 0.19 -3.81 -7.32
CA LYS A 22 -1.26 -3.71 -7.14
C LYS A 22 -1.77 -4.86 -6.28
N ILE A 23 -0.90 -5.36 -5.40
CA ILE A 23 -1.28 -6.47 -4.52
C ILE A 23 -1.67 -5.95 -3.15
N THR A 24 -2.91 -6.19 -2.76
CA THR A 24 -3.42 -5.73 -1.46
C THR A 24 -4.33 -6.78 -0.85
N PHE A 25 -4.30 -6.89 0.48
CA PHE A 25 -5.13 -7.85 1.18
C PHE A 25 -6.46 -7.21 1.57
N ALA A 26 -7.56 -7.88 1.24
CA ALA A 26 -8.89 -7.38 1.56
C ALA A 26 -9.55 -8.27 2.60
N LEU A 27 -9.77 -7.71 3.80
CA LEU A 27 -10.40 -8.45 4.88
C LEU A 27 -11.19 -7.52 5.78
N ASP A 28 -12.45 -7.30 5.42
CA ASP A 28 -13.33 -6.43 6.20
C ASP A 28 -14.57 -6.06 5.40
N ALA A 29 -14.49 -6.19 4.09
CA ALA A 29 -15.62 -5.87 3.22
C ALA A 29 -15.75 -4.36 3.07
N THR A 30 -16.17 -3.68 4.12
CA THR A 30 -16.34 -2.24 4.08
C THR A 30 -15.00 -1.55 3.79
N PHE A 31 -13.97 -1.93 4.54
CA PHE A 31 -12.65 -1.36 4.36
C PHE A 31 -12.01 -1.88 3.09
N ASP A 32 -12.48 -3.04 2.63
CA ASP A 32 -11.93 -3.63 1.41
C ASP A 32 -12.33 -2.79 0.20
N SER A 33 -13.61 -2.49 0.09
CA SER A 33 -14.11 -1.68 -1.03
C SER A 33 -13.53 -0.27 -0.95
N VAL A 34 -13.57 0.30 0.26
CA VAL A 34 -13.06 1.66 0.46
C VAL A 34 -11.57 1.71 0.14
N LEU A 35 -10.83 0.74 0.63
CA LEU A 35 -9.40 0.69 0.38
C LEU A 35 -9.12 0.54 -1.11
N SER A 36 -9.92 -0.30 -1.77
CA SER A 36 -9.73 -0.53 -3.20
C SER A 36 -9.86 0.79 -3.96
N LYS A 37 -10.84 1.60 -3.58
CA LYS A 37 -11.05 2.87 -4.24
C LYS A 37 -10.06 3.92 -3.72
N ALA A 38 -9.52 3.67 -2.53
CA ALA A 38 -8.57 4.60 -1.92
C ALA A 38 -7.22 4.53 -2.63
N CYS A 39 -6.83 3.33 -3.04
CA CYS A 39 -5.56 3.13 -3.71
C CYS A 39 -5.52 1.79 -4.43
N SER A 40 -5.18 0.74 -3.68
CA SER A 40 -5.09 -0.60 -4.24
C SER A 40 -3.94 -0.69 -5.24
N GLU A 41 -3.34 0.45 -5.55
CA GLU A 41 -2.23 0.49 -6.50
C GLU A 41 -1.25 1.60 -6.12
N PHE A 42 0.04 1.27 -6.15
CA PHE A 42 1.08 2.26 -5.82
C PHE A 42 2.27 2.09 -6.73
N GLU A 43 2.94 3.21 -7.02
CA GLU A 43 4.11 3.19 -7.90
C GLU A 43 5.36 2.91 -7.07
N VAL A 44 6.36 2.29 -7.71
CA VAL A 44 7.61 1.96 -7.03
C VAL A 44 8.80 2.46 -7.83
N ASP A 45 9.64 3.26 -7.18
CA ASP A 45 10.83 3.81 -7.83
C ASP A 45 12.00 3.85 -6.85
N LYS A 46 13.18 3.50 -7.34
CA LYS A 46 14.38 3.50 -6.50
C LYS A 46 14.51 4.82 -5.77
N ASP A 47 13.85 4.92 -4.62
CA ASP A 47 13.90 6.14 -3.82
C ASP A 47 12.94 6.05 -2.64
N VAL A 48 11.84 5.32 -2.83
CA VAL A 48 10.84 5.17 -1.77
C VAL A 48 10.91 3.77 -1.18
N THR A 49 11.36 3.69 0.07
CA THR A 49 11.46 2.40 0.75
C THR A 49 10.14 2.03 1.40
N LEU A 50 10.02 0.77 1.82
CA LEU A 50 8.79 0.31 2.46
C LEU A 50 8.25 1.37 3.41
N ASP A 51 9.14 2.10 4.07
CA ASP A 51 8.73 3.13 5.00
C ASP A 51 7.88 4.19 4.29
N GLU A 52 8.36 4.65 3.15
CA GLU A 52 7.64 5.65 2.38
C GLU A 52 6.34 5.05 1.85
N LEU A 53 6.36 3.76 1.54
CA LEU A 53 5.17 3.10 1.02
C LEU A 53 4.05 3.15 2.06
N LEU A 54 4.42 2.96 3.31
CA LEU A 54 3.43 2.99 4.40
C LEU A 54 2.95 4.42 4.63
N ASP A 55 3.86 5.38 4.48
CA ASP A 55 3.52 6.77 4.69
C ASP A 55 2.63 7.31 3.58
N VAL A 56 2.99 7.02 2.34
CA VAL A 56 2.24 7.49 1.19
C VAL A 56 0.87 6.83 1.11
N VAL A 57 0.86 5.50 1.21
CA VAL A 57 -0.39 4.75 1.14
C VAL A 57 -1.34 5.20 2.25
N LEU A 58 -0.81 5.29 3.48
CA LEU A 58 -1.63 5.70 4.59
C LEU A 58 -2.15 7.12 4.39
N ASP A 59 -1.23 8.06 4.21
CA ASP A 59 -1.60 9.45 4.01
C ASP A 59 -2.63 9.55 2.89
N ALA A 60 -2.46 8.73 1.86
CA ALA A 60 -3.38 8.73 0.73
C ALA A 60 -4.80 8.38 1.20
N VAL A 61 -4.91 7.31 1.98
CA VAL A 61 -6.21 6.88 2.48
C VAL A 61 -6.83 7.97 3.36
N GLU A 62 -6.02 8.52 4.26
CA GLU A 62 -6.49 9.56 5.17
C GLU A 62 -6.91 10.79 4.38
N SER A 63 -6.15 11.13 3.34
CA SER A 63 -6.46 12.29 2.52
C SER A 63 -7.84 12.14 1.88
N THR A 64 -8.07 10.99 1.25
CA THR A 64 -9.36 10.74 0.61
C THR A 64 -10.49 10.82 1.62
N LEU A 65 -10.49 9.89 2.58
CA LEU A 65 -11.52 9.87 3.61
C LEU A 65 -10.94 10.30 4.95
N SER A 66 -10.82 11.61 5.14
CA SER A 66 -10.28 12.14 6.39
C SER A 66 -11.30 11.97 7.52
N PRO A 67 -12.53 12.30 7.26
CA PRO A 67 -13.62 12.20 8.28
C PRO A 67 -14.19 10.79 8.36
N CYS A 68 -13.55 9.93 9.14
CA CYS A 68 -14.02 8.55 9.29
C CYS A 68 -15.04 8.46 10.42
N LYS A 69 -15.08 9.48 11.27
CA LYS A 69 -16.01 9.51 12.39
C LYS A 69 -17.45 9.65 11.87
N GLU A 70 -17.59 9.84 10.57
CA GLU A 70 -18.91 10.00 9.97
C GLU A 70 -19.66 8.67 9.96
N HIS A 71 -18.94 7.58 9.70
CA HIS A 71 -19.54 6.25 9.65
C HIS A 71 -19.06 5.43 10.83
N ASP A 72 -20.01 4.88 11.60
CA ASP A 72 -19.67 4.06 12.75
C ASP A 72 -18.91 2.81 12.32
N VAL A 73 -19.30 2.24 11.19
CA VAL A 73 -18.63 1.03 10.69
C VAL A 73 -17.16 1.31 10.43
N ILE A 74 -16.87 2.41 9.75
CA ILE A 74 -15.50 2.79 9.47
C ILE A 74 -14.87 3.47 10.67
N GLY A 75 -15.69 4.16 11.45
CA GLY A 75 -15.22 4.86 12.65
C GLY A 75 -14.10 4.09 13.32
N THR A 76 -14.37 2.84 13.69
CA THR A 76 -13.37 2.00 14.34
C THR A 76 -11.99 2.21 13.70
N LYS A 77 -11.99 2.57 12.43
CA LYS A 77 -10.75 2.79 11.72
C LYS A 77 -9.95 3.92 12.37
N VAL A 78 -10.65 4.97 12.79
CA VAL A 78 -9.99 6.10 13.43
C VAL A 78 -9.18 5.62 14.63
N CYS A 79 -9.72 4.68 15.38
CA CYS A 79 -9.05 4.16 16.56
C CYS A 79 -7.78 3.40 16.15
N ALA A 80 -7.95 2.52 15.17
CA ALA A 80 -6.82 1.73 14.68
C ALA A 80 -5.77 2.65 14.06
N LEU A 81 -6.23 3.68 13.37
CA LEU A 81 -5.33 4.62 12.72
C LEU A 81 -4.47 5.32 13.76
N LEU A 82 -5.09 5.77 14.84
CA LEU A 82 -4.35 6.46 15.90
C LEU A 82 -3.31 5.53 16.52
N ASP A 83 -3.72 4.29 16.76
CA ASP A 83 -2.80 3.31 17.35
C ASP A 83 -1.62 3.08 16.43
N ARG A 84 -1.89 2.95 15.13
CA ARG A 84 -0.82 2.72 14.16
C ARG A 84 0.06 3.95 14.02
N LEU A 85 -0.57 5.12 13.99
CA LEU A 85 0.18 6.36 13.86
C LEU A 85 0.98 6.64 15.13
N ALA A 86 0.57 6.01 16.24
CA ALA A 86 1.25 6.22 17.51
C ALA A 86 2.73 5.89 17.40
N GLY A 87 3.03 4.75 16.78
CA GLY A 87 4.42 4.34 16.61
C GLY A 87 4.51 3.00 15.90
N ASP A 88 3.81 2.00 16.43
CA ASP A 88 3.83 0.67 15.84
C ASP A 88 3.07 0.67 14.52
N TYR A 89 3.77 0.36 13.43
CA TYR A 89 3.15 0.33 12.11
C TYR A 89 3.34 -1.03 11.46
N VAL A 90 2.31 -1.48 10.75
CA VAL A 90 2.37 -2.79 10.09
C VAL A 90 3.63 -2.90 9.25
N TYR A 91 4.41 -3.94 9.51
CA TYR A 91 5.66 -4.16 8.78
C TYR A 91 5.38 -4.83 7.45
N LEU A 92 6.27 -4.61 6.49
CA LEU A 92 6.13 -5.20 5.16
C LEU A 92 7.41 -5.91 4.76
N PHE A 93 7.28 -7.16 4.31
CA PHE A 93 8.44 -7.94 3.88
C PHE A 93 8.24 -8.49 2.48
N ASP A 94 9.33 -8.77 1.79
CA ASP A 94 9.26 -9.30 0.43
C ASP A 94 8.80 -10.76 0.45
N GLU A 95 8.72 -11.36 -0.74
CA GLU A 95 8.28 -12.74 -0.84
C GLU A 95 9.38 -13.69 -0.38
N GLY A 96 10.09 -13.30 0.67
CA GLY A 96 11.16 -14.13 1.21
C GLY A 96 11.42 -13.79 2.68
N GLY A 97 11.77 -12.53 2.94
CA GLY A 97 12.04 -12.11 4.31
C GLY A 97 12.78 -10.77 4.31
N ASP A 98 13.56 -10.52 3.27
CA ASP A 98 14.32 -9.28 3.17
C ASP A 98 13.38 -8.09 3.02
N GLU A 99 13.73 -6.99 3.68
CA GLU A 99 12.89 -5.79 3.62
C GLU A 99 13.10 -5.05 2.31
N VAL A 100 12.33 -5.43 1.30
CA VAL A 100 12.44 -4.80 -0.01
C VAL A 100 11.10 -4.82 -0.73
N ILE A 101 10.71 -3.68 -1.31
CA ILE A 101 9.45 -3.58 -2.02
C ILE A 101 9.51 -4.37 -3.33
N ALA A 102 8.49 -5.18 -3.57
CA ALA A 102 8.44 -5.99 -4.78
C ALA A 102 7.00 -6.27 -5.19
N PRO A 103 6.81 -6.84 -6.36
CA PRO A 103 5.45 -7.18 -6.87
C PRO A 103 4.64 -7.97 -5.83
N ARG A 104 5.29 -8.87 -5.12
CA ARG A 104 4.62 -9.69 -4.11
C ARG A 104 5.32 -9.55 -2.76
N MET A 105 4.55 -9.21 -1.74
CA MET A 105 5.09 -9.04 -0.40
C MET A 105 4.04 -9.35 0.65
N TYR A 106 4.47 -9.52 1.89
CA TYR A 106 3.56 -9.81 3.00
C TYR A 106 3.50 -8.65 3.97
N CYS A 107 2.31 -8.07 4.12
CA CYS A 107 2.11 -6.95 5.03
C CYS A 107 1.39 -7.39 6.29
N SER A 108 2.01 -7.17 7.44
CA SER A 108 1.40 -7.55 8.71
C SER A 108 2.22 -7.00 9.89
N PHE A 109 1.62 -7.05 11.08
CA PHE A 109 2.31 -6.56 12.27
C PHE A 109 3.41 -7.53 12.69
N SER A 110 3.24 -8.79 12.33
CA SER A 110 4.22 -9.82 12.67
C SER A 110 5.20 -10.03 11.52
N ALA A 111 6.26 -10.78 11.79
CA ALA A 111 7.26 -11.07 10.76
C ALA A 111 7.01 -12.45 10.14
N PRO A 112 7.59 -12.68 9.00
CA PRO A 112 7.44 -13.99 8.28
C PRO A 112 8.15 -15.13 9.03
N ASP A 113 9.09 -14.78 9.89
CA ASP A 113 9.84 -15.76 10.66
C ASP A 113 10.26 -15.20 12.00
N ASP A 114 9.27 -14.89 12.84
CA ASP A 114 9.56 -14.33 14.16
C ASP A 114 10.76 -15.04 14.80
N GLY A 1 0.68 11.01 -30.84
CA GLY A 1 -0.59 11.36 -31.55
C GLY A 1 -1.75 11.26 -30.58
N LYS A 2 -1.93 10.09 -29.99
CA LYS A 2 -3.01 9.88 -29.04
C LYS A 2 -2.77 10.65 -27.76
N LYS A 3 -3.82 11.32 -27.28
CA LYS A 3 -3.71 12.09 -26.04
C LYS A 3 -4.37 11.34 -24.89
N VAL A 4 -5.36 10.52 -25.21
CA VAL A 4 -6.07 9.75 -24.19
C VAL A 4 -5.10 8.86 -23.44
N GLU A 5 -4.21 8.23 -24.18
CA GLU A 5 -3.22 7.33 -23.58
C GLU A 5 -3.90 6.22 -22.84
N PHE A 6 -4.59 5.33 -23.59
CA PHE A 6 -5.30 4.19 -23.00
C PHE A 6 -4.80 3.91 -21.59
N ASN A 7 -5.64 4.20 -20.59
CA ASN A 7 -5.25 4.00 -19.20
C ASN A 7 -4.43 2.72 -19.05
N ASP A 8 -4.96 1.63 -19.58
CA ASP A 8 -4.27 0.35 -19.51
C ASP A 8 -2.86 0.47 -20.10
N LYS A 9 -1.86 0.23 -19.26
CA LYS A 9 -0.48 0.33 -19.71
C LYS A 9 -0.18 -0.74 -20.76
N PRO A 10 0.65 -0.44 -21.73
CA PRO A 10 1.03 -1.39 -22.80
C PRO A 10 1.95 -2.50 -22.29
N LYS A 11 1.79 -3.71 -22.84
CA LYS A 11 2.64 -4.83 -22.44
C LYS A 11 3.82 -4.96 -23.37
N VAL A 12 3.55 -4.97 -24.67
CA VAL A 12 4.62 -5.09 -25.66
C VAL A 12 5.40 -3.79 -25.76
N ARG A 13 5.72 -3.20 -24.62
CA ARG A 13 6.47 -1.95 -24.60
C ARG A 13 7.17 -1.77 -23.26
N LYS A 14 8.21 -0.95 -23.24
CA LYS A 14 8.96 -0.71 -22.01
C LYS A 14 8.14 0.14 -21.05
N ILE A 15 8.12 -0.27 -19.79
CA ILE A 15 7.36 0.45 -18.78
C ILE A 15 8.15 1.64 -18.26
N PRO A 16 7.47 2.64 -17.73
CA PRO A 16 8.14 3.85 -17.18
C PRO A 16 9.36 3.51 -16.31
N SER A 17 10.20 4.50 -16.09
CA SER A 17 11.40 4.29 -15.27
C SER A 17 11.03 3.91 -13.85
N THR A 18 9.74 3.99 -13.54
CA THR A 18 9.25 3.64 -12.20
C THR A 18 8.51 2.31 -12.23
N ARG A 19 8.23 1.77 -11.05
CA ARG A 19 7.51 0.49 -10.95
C ARG A 19 6.08 0.74 -10.52
N LYS A 20 5.24 -0.28 -10.67
CA LYS A 20 3.84 -0.19 -10.30
C LYS A 20 3.42 -1.38 -9.45
N ILE A 21 2.70 -1.11 -8.37
CA ILE A 21 2.24 -2.16 -7.47
C ILE A 21 0.74 -2.07 -7.26
N LYS A 22 0.06 -3.21 -7.37
CA LYS A 22 -1.39 -3.27 -7.19
C LYS A 22 -1.75 -4.18 -6.03
N ILE A 23 -0.79 -4.40 -5.13
CA ILE A 23 -1.01 -5.27 -3.97
C ILE A 23 -1.67 -4.50 -2.85
N THR A 24 -2.66 -5.11 -2.21
CA THR A 24 -3.36 -4.48 -1.09
C THR A 24 -3.56 -5.47 0.05
N PHE A 25 -3.24 -5.04 1.26
CA PHE A 25 -3.38 -5.89 2.44
C PHE A 25 -4.53 -5.39 3.32
N ALA A 26 -5.58 -6.20 3.42
CA ALA A 26 -6.74 -5.85 4.24
C ALA A 26 -7.19 -7.04 5.07
N LEU A 27 -7.72 -6.75 6.26
CA LEU A 27 -8.19 -7.81 7.17
C LEU A 27 -9.70 -7.99 7.03
N ASP A 28 -10.45 -6.95 7.38
CA ASP A 28 -11.90 -7.00 7.30
C ASP A 28 -12.38 -6.67 5.88
N ALA A 29 -13.68 -6.82 5.65
CA ALA A 29 -14.24 -6.52 4.35
C ALA A 29 -14.13 -5.03 4.03
N THR A 30 -14.29 -4.21 5.05
CA THR A 30 -14.21 -2.76 4.85
C THR A 30 -12.82 -2.37 4.35
N PHE A 31 -11.80 -2.77 5.09
CA PHE A 31 -10.43 -2.45 4.71
C PHE A 31 -10.11 -3.03 3.33
N ASP A 32 -10.88 -4.01 2.92
CA ASP A 32 -10.66 -4.64 1.62
C ASP A 32 -11.19 -3.76 0.49
N SER A 33 -12.42 -3.28 0.65
CA SER A 33 -13.03 -2.41 -0.37
C SER A 33 -12.41 -1.02 -0.32
N VAL A 34 -12.06 -0.57 0.88
CA VAL A 34 -11.48 0.75 1.05
C VAL A 34 -10.13 0.82 0.35
N LEU A 35 -9.25 -0.14 0.66
CA LEU A 35 -7.92 -0.16 0.04
C LEU A 35 -8.03 -0.46 -1.46
N SER A 36 -8.89 -1.41 -1.80
CA SER A 36 -9.08 -1.80 -3.18
C SER A 36 -9.57 -0.62 -4.02
N LYS A 37 -10.56 0.09 -3.49
CA LYS A 37 -11.12 1.24 -4.19
C LYS A 37 -10.15 2.42 -4.16
N ALA A 38 -9.59 2.69 -2.99
CA ALA A 38 -8.66 3.80 -2.84
C ALA A 38 -7.32 3.48 -3.47
N CYS A 39 -6.43 2.86 -2.69
CA CYS A 39 -5.11 2.50 -3.19
C CYS A 39 -5.21 1.34 -4.18
N SER A 40 -6.16 1.44 -5.10
CA SER A 40 -6.35 0.39 -6.10
C SER A 40 -5.09 0.21 -6.92
N GLU A 41 -4.33 1.29 -7.06
CA GLU A 41 -3.08 1.24 -7.84
C GLU A 41 -2.09 2.28 -7.34
N PHE A 42 -0.81 1.90 -7.28
CA PHE A 42 0.23 2.81 -6.82
C PHE A 42 1.44 2.73 -7.72
N GLU A 43 2.02 3.89 -8.04
CA GLU A 43 3.20 3.96 -8.91
C GLU A 43 4.32 4.70 -8.20
N VAL A 44 5.44 4.02 -8.01
CA VAL A 44 6.59 4.63 -7.36
C VAL A 44 7.89 4.13 -7.98
N ASP A 45 8.98 4.84 -7.74
CA ASP A 45 10.29 4.46 -8.27
C ASP A 45 11.02 3.54 -7.29
N LYS A 46 12.13 2.97 -7.74
CA LYS A 46 12.91 2.07 -6.90
C LYS A 46 13.77 2.87 -5.93
N ASP A 47 13.20 3.95 -5.40
CA ASP A 47 13.92 4.81 -4.44
C ASP A 47 13.20 4.83 -3.10
N VAL A 48 11.90 4.59 -3.11
CA VAL A 48 11.11 4.58 -1.88
C VAL A 48 11.29 3.26 -1.14
N THR A 49 11.63 3.36 0.15
CA THR A 49 11.82 2.18 0.97
C THR A 49 10.48 1.69 1.52
N LEU A 50 10.43 0.42 1.89
CA LEU A 50 9.21 -0.16 2.44
C LEU A 50 8.62 0.76 3.50
N ASP A 51 9.47 1.38 4.30
CA ASP A 51 9.01 2.28 5.34
C ASP A 51 8.24 3.46 4.73
N GLU A 52 8.83 4.05 3.69
CA GLU A 52 8.20 5.16 3.01
C GLU A 52 6.95 4.70 2.28
N LEU A 53 7.00 3.48 1.74
CA LEU A 53 5.85 2.94 1.02
C LEU A 53 4.66 2.79 1.95
N LEU A 54 4.92 2.27 3.16
CA LEU A 54 3.85 2.07 4.13
C LEU A 54 3.30 3.40 4.61
N ASP A 55 4.20 4.37 4.79
CA ASP A 55 3.78 5.69 5.24
C ASP A 55 3.03 6.43 4.13
N VAL A 56 3.55 6.35 2.92
CA VAL A 56 2.93 7.04 1.78
C VAL A 56 1.58 6.42 1.46
N VAL A 57 1.55 5.10 1.30
CA VAL A 57 0.31 4.42 0.95
C VAL A 57 -0.75 4.68 2.01
N LEU A 58 -0.34 4.59 3.28
CA LEU A 58 -1.28 4.82 4.36
C LEU A 58 -1.83 6.24 4.29
N ASP A 59 -0.91 7.22 4.30
CA ASP A 59 -1.31 8.61 4.24
C ASP A 59 -2.17 8.87 3.01
N ALA A 60 -1.87 8.14 1.93
CA ALA A 60 -2.63 8.28 0.69
C ALA A 60 -4.10 7.93 0.92
N VAL A 61 -4.34 6.77 1.51
CA VAL A 61 -5.71 6.32 1.78
C VAL A 61 -6.38 7.25 2.79
N GLU A 62 -5.65 7.60 3.83
CA GLU A 62 -6.19 8.47 4.88
C GLU A 62 -6.54 9.83 4.30
N SER A 63 -5.64 10.40 3.53
CA SER A 63 -5.86 11.72 2.94
C SER A 63 -7.09 11.68 2.03
N THR A 64 -7.15 10.69 1.15
CA THR A 64 -8.28 10.57 0.23
C THR A 64 -9.58 10.44 1.02
N LEU A 65 -9.57 9.58 2.03
CA LEU A 65 -10.76 9.37 2.86
C LEU A 65 -10.58 10.03 4.22
N SER A 66 -10.72 11.35 4.25
CA SER A 66 -10.59 12.10 5.49
C SER A 66 -11.79 11.83 6.40
N PRO A 67 -12.97 11.84 5.84
CA PRO A 67 -14.23 11.60 6.60
C PRO A 67 -14.24 10.22 7.28
N CYS A 68 -14.13 10.22 8.60
CA CYS A 68 -14.13 8.97 9.36
C CYS A 68 -15.05 9.06 10.56
N LYS A 69 -14.79 10.02 11.43
CA LYS A 69 -15.61 10.22 12.62
C LYS A 69 -17.00 10.72 12.24
N GLU A 70 -17.17 11.07 10.97
CA GLU A 70 -18.45 11.58 10.50
C GLU A 70 -19.47 10.46 10.39
N HIS A 71 -19.04 9.32 9.86
CA HIS A 71 -19.92 8.16 9.70
C HIS A 71 -19.58 7.09 10.74
N ASP A 72 -20.61 6.54 11.38
CA ASP A 72 -20.41 5.51 12.38
C ASP A 72 -19.75 4.29 11.77
N VAL A 73 -20.10 3.99 10.52
CA VAL A 73 -19.53 2.83 9.84
C VAL A 73 -18.01 2.97 9.73
N ILE A 74 -17.56 4.14 9.29
CA ILE A 74 -16.13 4.39 9.17
C ILE A 74 -15.55 4.79 10.51
N GLY A 75 -16.39 5.39 11.36
CA GLY A 75 -15.95 5.82 12.69
C GLY A 75 -14.88 4.88 13.26
N THR A 76 -15.23 3.61 13.40
CA THR A 76 -14.29 2.62 13.93
C THR A 76 -12.90 2.80 13.32
N LYS A 77 -12.86 3.42 12.15
CA LYS A 77 -11.60 3.66 11.46
C LYS A 77 -10.68 4.50 12.32
N VAL A 78 -11.23 5.52 12.97
CA VAL A 78 -10.43 6.39 13.82
C VAL A 78 -9.68 5.57 14.87
N CYS A 79 -10.34 4.54 15.38
CA CYS A 79 -9.73 3.68 16.40
C CYS A 79 -8.62 2.85 15.79
N ALA A 80 -8.91 2.18 14.68
CA ALA A 80 -7.92 1.34 14.01
C ALA A 80 -6.76 2.18 13.50
N LEU A 81 -7.08 3.29 12.85
CA LEU A 81 -6.07 4.18 12.31
C LEU A 81 -5.20 4.74 13.43
N LEU A 82 -5.84 5.12 14.53
CA LEU A 82 -5.11 5.68 15.65
C LEU A 82 -4.11 4.68 16.19
N ASP A 83 -4.54 3.43 16.34
CA ASP A 83 -3.67 2.38 16.84
C ASP A 83 -2.49 2.16 15.90
N ARG A 84 -2.78 2.14 14.60
CA ARG A 84 -1.74 1.93 13.60
C ARG A 84 -0.78 3.12 13.58
N LEU A 85 -1.34 4.33 13.66
CA LEU A 85 -0.52 5.53 13.65
C LEU A 85 0.16 5.75 15.00
N ALA A 86 -0.29 4.99 15.99
CA ALA A 86 0.26 5.11 17.34
C ALA A 86 1.76 4.82 17.32
N GLY A 87 2.16 3.86 16.51
CA GLY A 87 3.57 3.50 16.40
C GLY A 87 3.73 2.07 15.88
N ASP A 88 2.80 1.20 16.27
CA ASP A 88 2.84 -0.19 15.82
C ASP A 88 2.14 -0.35 14.48
N TYR A 89 2.91 -0.73 13.46
CA TYR A 89 2.36 -0.91 12.12
C TYR A 89 2.84 -2.22 11.51
N VAL A 90 1.99 -2.85 10.73
CA VAL A 90 2.32 -4.12 10.11
C VAL A 90 3.67 -4.02 9.41
N TYR A 91 4.39 -5.14 9.38
CA TYR A 91 5.72 -5.18 8.75
C TYR A 91 5.61 -5.71 7.33
N LEU A 92 6.66 -5.48 6.55
CA LEU A 92 6.68 -5.94 5.16
C LEU A 92 7.98 -6.68 4.85
N PHE A 93 7.86 -7.87 4.28
CA PHE A 93 9.03 -8.67 3.94
C PHE A 93 8.80 -9.42 2.62
N ASP A 94 9.88 -9.69 1.91
CA ASP A 94 9.79 -10.41 0.64
C ASP A 94 9.60 -11.90 0.89
N GLU A 95 9.92 -12.71 -0.11
CA GLU A 95 9.78 -14.15 0.00
C GLU A 95 10.85 -14.71 0.92
N GLY A 96 10.96 -14.14 2.13
CA GLY A 96 11.95 -14.60 3.09
C GLY A 96 11.95 -13.70 4.33
N GLY A 97 13.07 -13.05 4.59
CA GLY A 97 13.19 -12.17 5.76
C GLY A 97 14.00 -10.92 5.41
N ASP A 98 14.38 -10.80 4.14
CA ASP A 98 15.17 -9.64 3.69
C ASP A 98 14.24 -8.52 3.25
N GLU A 99 14.30 -7.40 3.95
CA GLU A 99 13.47 -6.25 3.62
C GLU A 99 13.83 -5.72 2.23
N VAL A 100 13.15 -6.26 1.20
CA VAL A 100 13.41 -5.83 -0.17
C VAL A 100 12.09 -5.63 -0.92
N ILE A 101 11.96 -4.51 -1.62
CA ILE A 101 10.74 -4.23 -2.36
C ILE A 101 10.65 -5.15 -3.57
N ALA A 102 9.52 -5.81 -3.71
CA ALA A 102 9.32 -6.71 -4.83
C ALA A 102 7.82 -6.99 -5.04
N PRO A 103 7.42 -7.29 -6.26
CA PRO A 103 6.00 -7.60 -6.58
C PRO A 103 5.38 -8.59 -5.59
N ARG A 104 6.17 -9.60 -5.20
CA ARG A 104 5.69 -10.62 -4.27
C ARG A 104 6.11 -10.26 -2.85
N MET A 105 5.59 -9.16 -2.33
CA MET A 105 5.91 -8.72 -0.98
C MET A 105 4.77 -9.03 -0.03
N TYR A 106 5.10 -9.56 1.14
CA TYR A 106 4.09 -9.90 2.14
C TYR A 106 4.00 -8.81 3.20
N CYS A 107 2.83 -8.21 3.32
CA CYS A 107 2.60 -7.13 4.29
C CYS A 107 1.62 -7.58 5.37
N SER A 108 2.11 -7.67 6.61
CA SER A 108 1.26 -8.08 7.72
C SER A 108 2.01 -7.95 9.04
N PHE A 109 1.28 -8.09 10.14
CA PHE A 109 1.89 -7.99 11.47
C PHE A 109 2.78 -9.19 11.73
N SER A 110 2.50 -10.30 11.05
CA SER A 110 3.28 -11.52 11.23
C SER A 110 4.69 -11.33 10.70
N ALA A 111 5.67 -11.92 11.39
CA ALA A 111 7.07 -11.80 10.98
C ALA A 111 7.51 -13.05 10.23
N PRO A 112 8.68 -13.01 9.64
CA PRO A 112 9.25 -14.16 8.89
C PRO A 112 9.23 -15.45 9.72
N ASP A 113 9.56 -15.33 11.00
CA ASP A 113 9.57 -16.48 11.89
C ASP A 113 8.16 -16.79 12.39
N ASP A 114 7.21 -16.76 11.47
CA ASP A 114 5.81 -17.04 11.82
C ASP A 114 5.73 -18.22 12.79
N GLY A 1 5.97 -16.98 -23.00
CA GLY A 1 7.11 -17.30 -23.90
C GLY A 1 6.61 -18.14 -25.07
N LYS A 2 5.50 -17.72 -25.66
CA LYS A 2 4.93 -18.45 -26.78
C LYS A 2 5.65 -18.08 -28.06
N LYS A 3 6.25 -19.08 -28.73
CA LYS A 3 6.98 -18.86 -29.99
C LYS A 3 6.79 -17.43 -30.49
N VAL A 4 5.68 -17.19 -31.18
CA VAL A 4 5.37 -15.86 -31.68
C VAL A 4 5.80 -14.78 -30.71
N GLU A 5 6.45 -13.75 -31.21
CA GLU A 5 6.92 -12.66 -30.37
C GLU A 5 5.80 -11.69 -30.05
N PHE A 6 4.71 -11.81 -30.79
CA PHE A 6 3.55 -10.94 -30.60
C PHE A 6 3.90 -9.50 -30.99
N ASN A 7 5.19 -9.22 -31.14
CA ASN A 7 5.65 -7.88 -31.50
C ASN A 7 5.28 -6.89 -30.41
N ASP A 8 5.47 -7.29 -29.16
CA ASP A 8 5.17 -6.40 -28.02
C ASP A 8 6.37 -5.53 -27.71
N LYS A 9 7.45 -5.73 -28.45
CA LYS A 9 8.67 -4.97 -28.24
C LYS A 9 8.34 -3.51 -27.86
N PRO A 10 8.89 -3.00 -26.79
CA PRO A 10 8.64 -1.59 -26.35
C PRO A 10 8.77 -0.59 -27.50
N LYS A 11 8.71 0.69 -27.18
CA LYS A 11 8.83 1.74 -28.19
C LYS A 11 10.10 2.56 -27.97
N VAL A 12 9.96 3.88 -27.93
CA VAL A 12 11.10 4.76 -27.72
C VAL A 12 11.64 4.61 -26.31
N ARG A 13 10.73 4.52 -25.34
CA ARG A 13 11.14 4.39 -23.94
C ARG A 13 11.41 2.93 -23.62
N LYS A 14 12.39 2.70 -22.74
CA LYS A 14 12.75 1.33 -22.35
C LYS A 14 12.04 0.94 -21.06
N ILE A 15 11.77 -0.35 -20.92
CA ILE A 15 11.07 -0.86 -19.75
C ILE A 15 11.63 -0.19 -18.47
N PRO A 16 10.89 0.72 -17.88
CA PRO A 16 11.32 1.42 -16.63
C PRO A 16 11.73 0.45 -15.53
N SER A 17 12.69 0.84 -14.72
CA SER A 17 13.17 0.01 -13.62
C SER A 17 12.21 0.08 -12.44
N THR A 18 11.24 0.99 -12.53
CA THR A 18 10.27 1.16 -11.45
C THR A 18 9.12 0.18 -11.62
N ARG A 19 8.34 -0.01 -10.56
CA ARG A 19 7.21 -0.94 -10.59
C ARG A 19 5.93 -0.23 -10.18
N LYS A 20 4.83 -0.96 -10.23
CA LYS A 20 3.52 -0.39 -9.85
C LYS A 20 2.75 -1.37 -8.98
N ILE A 21 2.09 -0.84 -7.95
CA ILE A 21 1.30 -1.66 -7.05
C ILE A 21 -0.19 -1.38 -7.23
N LYS A 22 -0.97 -2.46 -7.26
CA LYS A 22 -2.42 -2.35 -7.40
C LYS A 22 -3.14 -3.10 -6.28
N ILE A 23 -2.37 -3.84 -5.47
CA ILE A 23 -2.95 -4.61 -4.37
C ILE A 23 -2.39 -4.13 -3.05
N THR A 24 -3.28 -3.82 -2.11
CA THR A 24 -2.87 -3.34 -0.79
C THR A 24 -3.63 -4.09 0.31
N PHE A 25 -2.95 -4.30 1.43
CA PHE A 25 -3.57 -5.01 2.55
C PHE A 25 -4.79 -4.25 3.05
N ALA A 26 -5.90 -4.98 3.24
CA ALA A 26 -7.14 -4.36 3.72
C ALA A 26 -7.52 -4.90 5.09
N LEU A 27 -8.03 -4.02 5.94
CA LEU A 27 -8.43 -4.41 7.29
C LEU A 27 -9.58 -5.39 7.23
N ASP A 28 -10.54 -5.15 6.33
CA ASP A 28 -11.69 -6.01 6.19
C ASP A 28 -12.19 -6.03 4.75
N ALA A 29 -13.09 -6.96 4.45
CA ALA A 29 -13.62 -7.07 3.09
C ALA A 29 -14.28 -5.76 2.67
N THR A 30 -15.12 -5.21 3.54
CA THR A 30 -15.81 -3.96 3.25
C THR A 30 -14.79 -2.84 3.00
N PHE A 31 -13.80 -2.74 3.88
CA PHE A 31 -12.78 -1.73 3.75
C PHE A 31 -11.91 -2.00 2.52
N ASP A 32 -11.79 -3.28 2.16
CA ASP A 32 -11.00 -3.66 1.00
C ASP A 32 -11.62 -3.09 -0.28
N SER A 33 -12.92 -3.29 -0.44
CA SER A 33 -13.62 -2.79 -1.62
C SER A 33 -13.54 -1.27 -1.67
N VAL A 34 -13.78 -0.63 -0.53
CA VAL A 34 -13.74 0.83 -0.47
C VAL A 34 -12.33 1.34 -0.72
N LEU A 35 -11.35 0.71 -0.08
CA LEU A 35 -9.97 1.11 -0.23
C LEU A 35 -9.51 0.91 -1.68
N SER A 36 -9.86 -0.23 -2.25
CA SER A 36 -9.47 -0.55 -3.62
C SER A 36 -10.04 0.50 -4.58
N LYS A 37 -11.31 0.84 -4.39
CA LYS A 37 -11.96 1.83 -5.23
C LYS A 37 -11.31 3.20 -5.05
N ALA A 38 -10.90 3.50 -3.83
CA ALA A 38 -10.28 4.78 -3.53
C ALA A 38 -8.86 4.85 -4.10
N CYS A 39 -7.94 4.18 -3.44
CA CYS A 39 -6.54 4.18 -3.89
C CYS A 39 -6.45 3.79 -5.36
N SER A 40 -7.19 2.75 -5.74
CA SER A 40 -7.19 2.29 -7.12
C SER A 40 -5.83 1.68 -7.47
N GLU A 41 -4.80 2.50 -7.44
CA GLU A 41 -3.45 2.04 -7.75
C GLU A 41 -2.43 3.13 -7.50
N PHE A 42 -1.19 2.73 -7.24
CA PHE A 42 -0.12 3.69 -6.98
C PHE A 42 1.21 3.19 -7.57
N GLU A 43 2.05 4.13 -7.98
CA GLU A 43 3.35 3.79 -8.54
C GLU A 43 4.31 3.39 -7.44
N VAL A 44 5.39 2.71 -7.83
CA VAL A 44 6.40 2.27 -6.86
C VAL A 44 7.81 2.50 -7.41
N ASP A 45 8.69 3.03 -6.57
CA ASP A 45 10.06 3.29 -6.97
C ASP A 45 10.92 2.04 -6.82
N LYS A 46 12.11 2.06 -7.41
CA LYS A 46 13.01 0.92 -7.33
C LYS A 46 13.50 0.72 -5.91
N ASP A 47 14.20 1.72 -5.38
CA ASP A 47 14.73 1.64 -4.02
C ASP A 47 13.71 2.17 -3.03
N VAL A 48 12.78 1.30 -2.61
CA VAL A 48 11.75 1.69 -1.67
C VAL A 48 11.35 0.49 -0.81
N THR A 49 11.20 0.72 0.49
CA THR A 49 10.81 -0.34 1.41
C THR A 49 9.38 -0.10 1.87
N LEU A 50 8.72 -1.19 2.24
CA LEU A 50 7.35 -1.14 2.74
C LEU A 50 7.18 0.02 3.73
N ASP A 51 8.29 0.59 4.17
CA ASP A 51 8.24 1.69 5.13
C ASP A 51 7.64 2.94 4.48
N GLU A 52 8.22 3.33 3.34
CA GLU A 52 7.72 4.50 2.63
C GLU A 52 6.31 4.26 2.12
N LEU A 53 6.06 3.05 1.66
CA LEU A 53 4.73 2.69 1.16
C LEU A 53 3.71 2.83 2.26
N LEU A 54 4.09 2.41 3.47
CA LEU A 54 3.17 2.48 4.58
C LEU A 54 2.76 3.93 4.84
N ASP A 55 3.74 4.83 4.84
CA ASP A 55 3.46 6.24 5.07
C ASP A 55 2.73 6.85 3.87
N VAL A 56 3.06 6.38 2.68
CA VAL A 56 2.46 6.89 1.46
C VAL A 56 1.00 6.42 1.34
N VAL A 57 0.81 5.12 1.41
CA VAL A 57 -0.53 4.55 1.29
C VAL A 57 -1.41 5.10 2.40
N LEU A 58 -0.89 5.15 3.62
CA LEU A 58 -1.68 5.65 4.73
C LEU A 58 -2.10 7.08 4.48
N ASP A 59 -1.13 7.95 4.24
CA ASP A 59 -1.42 9.36 3.98
C ASP A 59 -2.47 9.47 2.87
N ALA A 60 -2.32 8.64 1.84
CA ALA A 60 -3.25 8.65 0.73
C ALA A 60 -4.67 8.40 1.22
N VAL A 61 -4.84 7.38 2.06
CA VAL A 61 -6.15 7.04 2.59
C VAL A 61 -6.69 8.18 3.45
N GLU A 62 -5.84 8.71 4.32
CA GLU A 62 -6.25 9.79 5.20
C GLU A 62 -6.72 10.99 4.38
N SER A 63 -5.96 11.32 3.34
CA SER A 63 -6.31 12.45 2.48
C SER A 63 -7.66 12.21 1.82
N THR A 64 -7.88 10.99 1.34
CA THR A 64 -9.13 10.65 0.68
C THR A 64 -10.29 10.68 1.69
N LEU A 65 -10.30 9.68 2.57
CA LEU A 65 -11.35 9.60 3.58
C LEU A 65 -10.86 10.14 4.91
N SER A 66 -11.01 11.45 5.11
CA SER A 66 -10.60 12.09 6.35
C SER A 66 -11.62 11.82 7.46
N PRO A 67 -12.89 12.00 7.18
CA PRO A 67 -13.97 11.79 8.18
C PRO A 67 -14.34 10.32 8.32
N CYS A 68 -13.43 9.53 8.88
CA CYS A 68 -13.67 8.11 9.06
C CYS A 68 -14.56 7.88 10.28
N LYS A 69 -14.43 8.75 11.28
CA LYS A 69 -15.22 8.63 12.50
C LYS A 69 -16.69 8.90 12.21
N GLU A 70 -16.98 9.31 10.97
CA GLU A 70 -18.36 9.60 10.58
C GLU A 70 -19.17 8.33 10.47
N HIS A 71 -18.55 7.27 9.94
CA HIS A 71 -19.24 5.98 9.78
C HIS A 71 -18.78 5.01 10.85
N ASP A 72 -19.72 4.53 11.65
CA ASP A 72 -19.41 3.59 12.72
C ASP A 72 -18.74 2.33 12.15
N VAL A 73 -19.26 1.84 11.03
CA VAL A 73 -18.70 0.65 10.40
C VAL A 73 -17.22 0.85 10.13
N ILE A 74 -16.81 2.10 9.92
CA ILE A 74 -15.40 2.41 9.67
C ILE A 74 -14.81 3.13 10.87
N GLY A 75 -15.68 3.57 11.78
CA GLY A 75 -15.21 4.27 12.98
C GLY A 75 -13.92 3.65 13.51
N THR A 76 -14.00 2.38 13.92
CA THR A 76 -12.83 1.68 14.45
C THR A 76 -11.56 2.07 13.70
N LYS A 77 -11.73 2.52 12.47
CA LYS A 77 -10.60 2.94 11.64
C LYS A 77 -9.83 4.06 12.34
N VAL A 78 -10.56 5.01 12.92
CA VAL A 78 -9.93 6.13 13.61
C VAL A 78 -9.00 5.61 14.71
N CYS A 79 -9.47 4.60 15.44
CA CYS A 79 -8.66 4.04 16.52
C CYS A 79 -7.39 3.41 15.96
N ALA A 80 -7.55 2.61 14.91
CA ALA A 80 -6.40 1.98 14.28
C ALA A 80 -5.44 3.04 13.76
N LEU A 81 -5.96 4.01 13.05
CA LEU A 81 -5.14 5.07 12.50
C LEU A 81 -4.31 5.71 13.61
N LEU A 82 -4.93 5.93 14.75
CA LEU A 82 -4.21 6.54 15.87
C LEU A 82 -3.03 5.67 16.28
N ASP A 83 -3.27 4.38 16.41
CA ASP A 83 -2.22 3.46 16.79
C ASP A 83 -1.10 3.46 15.74
N ARG A 84 -1.48 3.47 14.47
CA ARG A 84 -0.51 3.49 13.39
C ARG A 84 0.34 4.74 13.44
N LEU A 85 -0.31 5.87 13.62
CA LEU A 85 0.39 7.15 13.69
C LEU A 85 1.24 7.22 14.93
N ALA A 86 0.85 6.47 15.96
CA ALA A 86 1.58 6.48 17.21
C ALA A 86 3.03 6.06 16.98
N GLY A 87 3.22 5.01 16.18
CA GLY A 87 4.56 4.53 15.88
C GLY A 87 4.55 3.05 15.52
N ASP A 88 3.72 2.28 16.22
CA ASP A 88 3.61 0.85 15.97
C ASP A 88 2.66 0.59 14.81
N TYR A 89 3.13 -0.18 13.82
CA TYR A 89 2.32 -0.49 12.65
C TYR A 89 2.38 -1.99 12.35
N VAL A 90 2.71 -2.33 11.11
CA VAL A 90 2.79 -3.73 10.69
C VAL A 90 4.06 -3.98 9.88
N TYR A 91 4.39 -5.26 9.72
CA TYR A 91 5.59 -5.63 8.96
C TYR A 91 5.19 -6.36 7.70
N LEU A 92 5.95 -6.13 6.63
CA LEU A 92 5.68 -6.76 5.35
C LEU A 92 6.95 -7.38 4.77
N PHE A 93 6.78 -8.53 4.12
CA PHE A 93 7.93 -9.21 3.51
C PHE A 93 7.47 -10.01 2.28
N ASP A 94 8.44 -10.39 1.44
CA ASP A 94 8.13 -11.16 0.25
C ASP A 94 7.81 -12.61 0.61
N GLU A 95 7.43 -13.39 -0.39
CA GLU A 95 7.09 -14.79 -0.17
C GLU A 95 8.34 -15.62 0.11
N GLY A 96 9.38 -14.96 0.62
CA GLY A 96 10.64 -15.64 0.92
C GLY A 96 11.14 -15.27 2.32
N GLY A 97 11.60 -14.02 2.45
CA GLY A 97 12.10 -13.54 3.74
C GLY A 97 12.64 -12.13 3.62
N ASP A 98 13.27 -11.85 2.48
CA ASP A 98 13.83 -10.51 2.25
C ASP A 98 12.73 -9.48 2.14
N GLU A 99 12.97 -8.31 2.72
CA GLU A 99 11.97 -7.24 2.68
C GLU A 99 12.12 -6.41 1.42
N VAL A 100 11.43 -6.85 0.35
CA VAL A 100 11.48 -6.14 -0.92
C VAL A 100 10.10 -6.13 -1.57
N ILE A 101 9.66 -4.95 -2.00
CA ILE A 101 8.36 -4.82 -2.62
C ILE A 101 8.31 -5.63 -3.90
N ALA A 102 7.24 -6.42 -4.06
CA ALA A 102 7.09 -7.26 -5.24
C ALA A 102 5.61 -7.44 -5.58
N PRO A 103 5.33 -8.01 -6.73
CA PRO A 103 3.93 -8.27 -7.17
C PRO A 103 3.12 -9.00 -6.11
N ARG A 104 3.74 -9.97 -5.44
CA ARG A 104 3.06 -10.75 -4.40
C ARG A 104 3.74 -10.52 -3.05
N MET A 105 3.17 -9.62 -2.26
CA MET A 105 3.73 -9.31 -0.94
C MET A 105 2.69 -9.62 0.14
N TYR A 106 3.14 -9.56 1.39
CA TYR A 106 2.26 -9.83 2.52
C TYR A 106 2.55 -8.85 3.64
N CYS A 107 1.51 -8.11 4.06
CA CYS A 107 1.64 -7.13 5.14
C CYS A 107 0.64 -7.45 6.26
N SER A 108 1.16 -7.54 7.48
CA SER A 108 0.31 -7.84 8.63
C SER A 108 1.09 -7.73 9.93
N PHE A 109 0.45 -8.07 11.04
CA PHE A 109 1.11 -8.01 12.35
C PHE A 109 1.84 -9.31 12.63
N SER A 110 2.70 -9.71 11.69
CA SER A 110 3.47 -10.95 11.85
C SER A 110 4.84 -10.80 11.21
N ALA A 111 5.69 -11.80 11.42
CA ALA A 111 7.05 -11.78 10.87
C ALA A 111 7.17 -12.79 9.72
N PRO A 112 8.26 -12.74 9.01
CA PRO A 112 8.51 -13.67 7.87
C PRO A 112 8.28 -15.14 8.26
N ASP A 113 8.66 -15.49 9.48
CA ASP A 113 8.48 -16.85 9.97
C ASP A 113 7.01 -17.19 10.09
N ASP A 114 6.20 -16.19 10.38
CA ASP A 114 4.77 -16.39 10.53
C ASP A 114 4.48 -17.51 11.53
N GLY A 1 -4.11 22.72 -27.56
CA GLY A 1 -4.06 23.16 -26.13
C GLY A 1 -2.60 23.31 -25.69
N LYS A 2 -2.17 22.43 -24.79
CA LYS A 2 -0.79 22.45 -24.30
C LYS A 2 0.19 22.09 -25.40
N LYS A 3 0.63 20.84 -25.41
CA LYS A 3 1.56 20.38 -26.42
C LYS A 3 1.78 18.89 -26.28
N VAL A 4 2.62 18.32 -27.15
CA VAL A 4 2.92 16.89 -27.13
C VAL A 4 1.74 16.09 -26.58
N GLU A 5 2.02 15.08 -25.77
CA GLU A 5 0.97 14.27 -25.17
C GLU A 5 1.28 13.98 -23.71
N PHE A 6 2.50 14.24 -23.31
CA PHE A 6 2.92 14.02 -21.93
C PHE A 6 3.04 12.52 -21.65
N ASN A 7 3.94 11.86 -22.38
CA ASN A 7 4.14 10.42 -22.19
C ASN A 7 2.89 9.64 -22.58
N ASP A 8 2.91 9.07 -23.78
CA ASP A 8 1.78 8.29 -24.26
C ASP A 8 1.67 6.97 -23.54
N LYS A 9 0.44 6.52 -23.31
CA LYS A 9 0.22 5.27 -22.59
C LYS A 9 1.21 4.19 -23.08
N PRO A 10 2.06 3.68 -22.22
CA PRO A 10 3.05 2.62 -22.61
C PRO A 10 2.42 1.51 -23.45
N LYS A 11 3.24 0.54 -23.83
CA LYS A 11 2.76 -0.59 -24.62
C LYS A 11 3.83 -1.66 -24.71
N VAL A 12 4.72 -1.54 -25.69
CA VAL A 12 5.80 -2.51 -25.90
C VAL A 12 7.15 -1.83 -25.75
N ARG A 13 7.28 -0.99 -24.73
CA ARG A 13 8.53 -0.28 -24.48
C ARG A 13 8.99 -0.48 -23.04
N LYS A 14 10.24 -0.14 -22.77
CA LYS A 14 10.80 -0.30 -21.43
C LYS A 14 10.03 0.57 -20.44
N ILE A 15 9.63 -0.04 -19.33
CA ILE A 15 8.88 0.67 -18.31
C ILE A 15 9.80 1.59 -17.50
N PRO A 16 9.25 2.59 -16.87
CA PRO A 16 10.03 3.54 -16.04
C PRO A 16 11.05 2.81 -15.14
N SER A 17 12.10 3.53 -14.77
CA SER A 17 13.13 2.96 -13.91
C SER A 17 12.56 2.62 -12.53
N THR A 18 11.40 3.20 -12.22
CA THR A 18 10.77 2.95 -10.94
C THR A 18 9.89 1.70 -11.03
N ARG A 19 9.47 1.19 -9.87
CA ARG A 19 8.63 -0.01 -9.82
C ARG A 19 7.21 0.36 -9.42
N LYS A 20 6.23 -0.35 -9.96
CA LYS A 20 4.83 -0.09 -9.65
C LYS A 20 4.32 -1.10 -8.65
N ILE A 21 3.56 -0.62 -7.66
CA ILE A 21 3.01 -1.50 -6.63
C ILE A 21 1.54 -1.76 -6.90
N LYS A 22 1.11 -2.99 -6.61
CA LYS A 22 -0.29 -3.38 -6.81
C LYS A 22 -0.77 -4.23 -5.65
N ILE A 23 -1.68 -3.68 -4.85
CA ILE A 23 -2.23 -4.41 -3.70
C ILE A 23 -3.58 -5.01 -4.03
N THR A 24 -3.71 -6.30 -3.83
CA THR A 24 -4.97 -6.99 -4.11
C THR A 24 -4.95 -8.39 -3.54
N PHE A 25 -5.52 -8.55 -2.35
CA PHE A 25 -5.57 -9.85 -1.69
C PHE A 25 -6.80 -9.95 -0.80
N ALA A 26 -7.52 -11.07 -0.89
CA ALA A 26 -8.71 -11.26 -0.09
C ALA A 26 -8.38 -11.19 1.39
N LEU A 27 -8.84 -10.13 2.04
CA LEU A 27 -8.59 -9.93 3.48
C LEU A 27 -9.89 -9.66 4.22
N ASP A 28 -10.49 -8.51 3.93
CA ASP A 28 -11.74 -8.12 4.58
C ASP A 28 -12.56 -7.24 3.66
N ALA A 29 -13.84 -7.09 3.97
CA ALA A 29 -14.73 -6.27 3.16
C ALA A 29 -14.22 -4.83 3.08
N THR A 30 -14.16 -4.17 4.24
CA THR A 30 -13.69 -2.79 4.27
C THR A 30 -12.26 -2.69 3.76
N PHE A 31 -11.35 -3.40 4.41
CA PHE A 31 -9.94 -3.36 4.01
C PHE A 31 -9.82 -3.42 2.50
N ASP A 32 -10.58 -4.30 1.87
CA ASP A 32 -10.56 -4.44 0.42
C ASP A 32 -11.01 -3.13 -0.24
N SER A 33 -12.13 -2.59 0.25
CA SER A 33 -12.66 -1.34 -0.30
C SER A 33 -11.66 -0.20 -0.11
N VAL A 34 -11.02 -0.19 1.05
CA VAL A 34 -10.05 0.85 1.36
C VAL A 34 -8.91 0.82 0.35
N LEU A 35 -8.41 -0.37 0.05
CA LEU A 35 -7.32 -0.52 -0.91
C LEU A 35 -7.75 -0.05 -2.29
N SER A 36 -8.95 -0.42 -2.68
CA SER A 36 -9.48 -0.03 -3.98
C SER A 36 -9.58 1.48 -4.09
N LYS A 37 -10.03 2.12 -3.01
CA LYS A 37 -10.18 3.57 -3.00
C LYS A 37 -8.87 4.26 -2.64
N ALA A 38 -7.94 3.49 -2.09
CA ALA A 38 -6.64 4.03 -1.69
C ALA A 38 -5.63 3.87 -2.82
N CYS A 39 -6.12 3.74 -4.04
CA CYS A 39 -5.25 3.58 -5.20
C CYS A 39 -4.68 2.17 -5.25
N SER A 40 -5.27 1.33 -6.11
CA SER A 40 -4.80 -0.04 -6.26
C SER A 40 -3.38 -0.07 -6.80
N GLU A 41 -3.07 0.88 -7.68
CA GLU A 41 -1.73 0.95 -8.27
C GLU A 41 -1.05 2.26 -7.94
N PHE A 42 0.19 2.19 -7.48
CA PHE A 42 0.93 3.41 -7.13
C PHE A 42 2.43 3.26 -7.45
N GLU A 43 2.94 4.18 -8.24
CA GLU A 43 4.35 4.15 -8.60
C GLU A 43 5.23 4.32 -7.36
N VAL A 44 6.27 3.50 -7.26
CA VAL A 44 7.19 3.59 -6.13
C VAL A 44 8.62 3.35 -6.57
N ASP A 45 9.54 4.19 -6.11
CA ASP A 45 10.94 4.06 -6.46
C ASP A 45 11.48 2.72 -6.01
N LYS A 46 12.64 2.34 -6.53
CA LYS A 46 13.27 1.07 -6.16
C LYS A 46 14.28 1.27 -5.03
N ASP A 47 14.60 2.53 -4.74
CA ASP A 47 15.57 2.84 -3.69
C ASP A 47 14.88 2.99 -2.35
N VAL A 48 13.60 2.58 -2.28
CA VAL A 48 12.84 2.68 -1.04
C VAL A 48 12.19 1.34 -0.72
N THR A 49 11.95 1.09 0.57
CA THR A 49 11.34 -0.15 1.01
C THR A 49 9.84 0.06 1.25
N LEU A 50 9.25 -0.84 2.02
CA LEU A 50 7.84 -0.74 2.35
C LEU A 50 7.55 0.53 3.15
N ASP A 51 8.61 1.14 3.68
CA ASP A 51 8.44 2.35 4.48
C ASP A 51 7.81 3.46 3.65
N GLU A 52 8.40 3.73 2.50
CA GLU A 52 7.87 4.76 1.61
C GLU A 52 6.49 4.37 1.13
N LEU A 53 6.31 3.10 0.82
CA LEU A 53 5.02 2.63 0.35
C LEU A 53 3.95 2.86 1.40
N LEU A 54 4.27 2.50 2.64
CA LEU A 54 3.33 2.65 3.72
C LEU A 54 2.86 4.10 3.80
N ASP A 55 3.81 5.02 3.69
CA ASP A 55 3.47 6.43 3.75
C ASP A 55 2.51 6.81 2.61
N VAL A 56 2.87 6.40 1.39
CA VAL A 56 2.05 6.72 0.22
C VAL A 56 0.67 6.09 0.35
N VAL A 57 0.64 4.84 0.79
CA VAL A 57 -0.62 4.14 0.95
C VAL A 57 -1.47 4.82 2.03
N LEU A 58 -0.86 5.13 3.15
CA LEU A 58 -1.58 5.78 4.24
C LEU A 58 -2.08 7.14 3.81
N ASP A 59 -1.24 7.87 3.08
CA ASP A 59 -1.59 9.20 2.61
C ASP A 59 -2.84 9.13 1.73
N ALA A 60 -2.87 8.14 0.83
CA ALA A 60 -4.00 7.97 -0.06
C ALA A 60 -5.25 7.62 0.73
N VAL A 61 -5.08 6.82 1.78
CA VAL A 61 -6.20 6.42 2.61
C VAL A 61 -6.83 7.63 3.29
N GLU A 62 -6.01 8.50 3.84
CA GLU A 62 -6.49 9.69 4.53
C GLU A 62 -7.02 10.71 3.53
N SER A 63 -6.27 10.92 2.45
CA SER A 63 -6.66 11.87 1.42
C SER A 63 -7.99 11.48 0.78
N THR A 64 -8.21 10.17 0.67
CA THR A 64 -9.44 9.66 0.07
C THR A 64 -10.54 9.55 1.12
N LEU A 65 -10.24 8.88 2.23
CA LEU A 65 -11.21 8.70 3.30
C LEU A 65 -11.03 9.78 4.36
N SER A 66 -11.55 10.97 4.08
CA SER A 66 -11.46 12.09 5.02
C SER A 66 -12.50 11.93 6.13
N PRO A 67 -13.73 11.62 5.78
CA PRO A 67 -14.83 11.48 6.77
C PRO A 67 -14.82 10.11 7.46
N CYS A 68 -14.47 10.11 8.75
CA CYS A 68 -14.42 8.88 9.53
C CYS A 68 -15.09 9.08 10.89
N LYS A 69 -14.76 10.18 11.55
CA LYS A 69 -15.32 10.48 12.86
C LYS A 69 -16.81 10.79 12.75
N GLU A 70 -17.31 10.87 11.52
CA GLU A 70 -18.71 11.16 11.28
C GLU A 70 -19.58 9.96 11.65
N HIS A 71 -18.97 8.78 11.65
CA HIS A 71 -19.70 7.55 11.99
C HIS A 71 -19.37 7.11 13.41
N ASP A 72 -20.26 7.44 14.35
CA ASP A 72 -20.05 7.07 15.74
C ASP A 72 -20.05 5.56 15.89
N VAL A 73 -20.99 4.90 15.23
CA VAL A 73 -21.09 3.45 15.29
C VAL A 73 -19.85 2.82 14.66
N ILE A 74 -19.46 3.33 13.49
CA ILE A 74 -18.29 2.81 12.79
C ILE A 74 -17.05 3.61 13.18
N GLY A 75 -17.19 4.46 14.18
CA GLY A 75 -16.07 5.28 14.63
C GLY A 75 -14.87 4.39 14.99
N THR A 76 -15.03 3.08 14.87
CA THR A 76 -13.96 2.15 15.19
C THR A 76 -12.80 2.32 14.20
N LYS A 77 -13.13 2.69 12.98
CA LYS A 77 -12.12 2.89 11.95
C LYS A 77 -11.12 3.94 12.39
N VAL A 78 -11.62 4.97 13.07
CA VAL A 78 -10.75 6.04 13.54
C VAL A 78 -9.68 5.49 14.48
N CYS A 79 -10.11 4.61 15.40
CA CYS A 79 -9.19 4.00 16.35
C CYS A 79 -8.14 3.17 15.61
N ALA A 80 -8.58 2.46 14.57
CA ALA A 80 -7.66 1.62 13.80
C ALA A 80 -6.52 2.46 13.21
N LEU A 81 -6.90 3.50 12.49
CA LEU A 81 -5.91 4.39 11.88
C LEU A 81 -5.08 5.08 12.95
N LEU A 82 -5.75 5.49 14.01
CA LEU A 82 -5.05 6.17 15.09
C LEU A 82 -4.00 5.24 15.70
N ASP A 83 -4.36 3.99 15.90
CA ASP A 83 -3.45 3.03 16.49
C ASP A 83 -2.23 2.85 15.59
N ARG A 84 -2.47 2.74 14.28
CA ARG A 84 -1.38 2.58 13.33
C ARG A 84 -0.47 3.80 13.35
N LEU A 85 -1.08 4.98 13.45
CA LEU A 85 -0.31 6.23 13.46
C LEU A 85 0.57 6.29 14.70
N ALA A 86 0.05 5.80 15.81
CA ALA A 86 0.80 5.82 17.06
C ALA A 86 2.12 5.07 16.90
N GLY A 87 2.09 3.95 16.18
CA GLY A 87 3.29 3.16 15.96
C GLY A 87 2.95 1.72 15.67
N ASP A 88 1.74 1.31 16.04
CA ASP A 88 1.29 -0.06 15.82
C ASP A 88 0.89 -0.25 14.36
N TYR A 89 1.82 0.03 13.45
CA TYR A 89 1.55 -0.14 12.03
C TYR A 89 1.40 -1.61 11.68
N VAL A 90 1.39 -1.91 10.38
CA VAL A 90 1.25 -3.28 9.91
C VAL A 90 2.52 -3.74 9.21
N TYR A 91 2.99 -4.93 9.57
CA TYR A 91 4.21 -5.46 8.97
C TYR A 91 3.92 -5.96 7.57
N LEU A 92 4.95 -5.97 6.72
CA LEU A 92 4.80 -6.43 5.34
C LEU A 92 6.02 -7.18 4.89
N PHE A 93 5.83 -8.44 4.48
CA PHE A 93 6.94 -9.27 4.01
C PHE A 93 6.48 -10.20 2.89
N ASP A 94 7.41 -10.55 2.00
CA ASP A 94 7.09 -11.44 0.89
C ASP A 94 7.10 -12.89 1.34
N GLU A 95 6.73 -13.79 0.44
CA GLU A 95 6.70 -15.21 0.76
C GLU A 95 8.10 -15.71 1.10
N GLY A 96 8.61 -15.26 2.24
CA GLY A 96 9.95 -15.66 2.69
C GLY A 96 10.15 -15.31 4.16
N GLY A 97 10.45 -14.04 4.43
CA GLY A 97 10.67 -13.59 5.79
C GLY A 97 11.67 -12.43 5.83
N ASP A 98 11.55 -11.52 4.88
CA ASP A 98 12.45 -10.37 4.80
C ASP A 98 11.71 -9.15 4.25
N GLU A 99 12.35 -8.00 4.33
CA GLU A 99 11.75 -6.76 3.85
C GLU A 99 11.92 -6.66 2.34
N VAL A 100 10.94 -7.15 1.60
CA VAL A 100 10.96 -7.11 0.14
C VAL A 100 9.58 -6.83 -0.41
N ILE A 101 9.53 -6.42 -1.69
CA ILE A 101 8.26 -6.11 -2.34
C ILE A 101 8.10 -6.94 -3.60
N ALA A 102 6.95 -7.59 -3.73
CA ALA A 102 6.68 -8.42 -4.89
C ALA A 102 5.17 -8.53 -5.15
N PRO A 103 4.78 -9.05 -6.28
CA PRO A 103 3.35 -9.23 -6.62
C PRO A 103 2.56 -9.86 -5.49
N ARG A 104 3.16 -10.83 -4.80
CA ARG A 104 2.50 -11.52 -3.68
C ARG A 104 3.21 -11.20 -2.38
N MET A 105 2.57 -10.38 -1.55
CA MET A 105 3.16 -9.99 -0.26
C MET A 105 2.08 -9.97 0.80
N TYR A 106 2.45 -10.39 2.01
CA TYR A 106 1.51 -10.41 3.13
C TYR A 106 1.69 -9.17 3.98
N CYS A 107 0.61 -8.37 4.07
CA CYS A 107 0.63 -7.12 4.85
C CYS A 107 -0.45 -7.17 5.93
N SER A 108 -0.02 -7.13 7.19
CA SER A 108 -0.95 -7.16 8.30
C SER A 108 -0.21 -6.94 9.63
N PHE A 109 -0.97 -6.91 10.72
CA PHE A 109 -0.38 -6.71 12.03
C PHE A 109 0.60 -7.82 12.35
N SER A 110 0.21 -9.06 12.07
CA SER A 110 1.07 -10.21 12.34
C SER A 110 2.41 -10.03 11.64
N ALA A 111 3.47 -10.53 12.28
CA ALA A 111 4.82 -10.42 11.73
C ALA A 111 5.29 -11.77 11.16
N PRO A 112 6.39 -11.77 10.46
CA PRO A 112 6.95 -13.01 9.87
C PRO A 112 7.08 -14.14 10.90
N ASP A 113 7.52 -13.79 12.11
CA ASP A 113 7.69 -14.77 13.17
C ASP A 113 6.38 -14.99 13.92
N ASP A 114 5.40 -14.14 13.63
CA ASP A 114 4.10 -14.25 14.28
C ASP A 114 3.29 -15.39 13.66
N GLY A 1 -6.50 -14.53 -12.40
CA GLY A 1 -5.14 -15.12 -12.30
C GLY A 1 -4.67 -15.56 -13.68
N LYS A 2 -4.07 -14.64 -14.41
CA LYS A 2 -3.58 -14.95 -15.75
C LYS A 2 -2.43 -15.94 -15.69
N LYS A 3 -1.25 -15.44 -15.32
CA LYS A 3 -0.07 -16.30 -15.23
C LYS A 3 0.33 -16.82 -16.60
N VAL A 4 -0.51 -16.56 -17.60
CA VAL A 4 -0.24 -17.01 -18.96
C VAL A 4 0.67 -16.03 -19.67
N GLU A 5 1.44 -16.53 -20.63
CA GLU A 5 2.35 -15.68 -21.39
C GLU A 5 1.60 -14.86 -22.41
N PHE A 6 1.65 -13.54 -22.25
CA PHE A 6 0.97 -12.62 -23.18
C PHE A 6 1.89 -11.47 -23.56
N ASN A 7 1.63 -10.89 -24.73
CA ASN A 7 2.43 -9.78 -25.21
C ASN A 7 2.43 -8.64 -24.20
N ASP A 8 3.56 -8.47 -23.52
CA ASP A 8 3.70 -7.41 -22.51
C ASP A 8 4.79 -6.43 -22.93
N LYS A 9 5.75 -6.90 -23.70
CA LYS A 9 6.84 -6.05 -24.15
C LYS A 9 6.38 -5.12 -25.27
N PRO A 10 7.00 -3.97 -25.39
CA PRO A 10 6.65 -2.97 -26.45
C PRO A 10 6.97 -3.49 -27.85
N LYS A 11 6.21 -3.01 -28.84
CA LYS A 11 6.43 -3.45 -30.21
C LYS A 11 7.89 -3.25 -30.60
N VAL A 12 8.40 -2.05 -30.41
CA VAL A 12 9.79 -1.74 -30.74
C VAL A 12 10.26 -0.49 -30.00
N ARG A 13 10.42 -0.61 -28.68
CA ARG A 13 10.86 0.52 -27.88
C ARG A 13 11.56 0.01 -26.62
N LYS A 14 12.43 0.86 -26.06
CA LYS A 14 13.16 0.51 -24.85
C LYS A 14 12.28 0.69 -23.62
N ILE A 15 12.39 -0.24 -22.68
CA ILE A 15 11.59 -0.18 -21.46
C ILE A 15 12.24 0.75 -20.44
N PRO A 16 11.46 1.36 -19.58
CA PRO A 16 11.97 2.27 -18.53
C PRO A 16 12.74 1.52 -17.44
N SER A 17 13.61 2.24 -16.74
CA SER A 17 14.40 1.63 -15.67
C SER A 17 13.53 1.41 -14.43
N THR A 18 12.22 1.52 -14.60
CA THR A 18 11.28 1.32 -13.49
C THR A 18 10.18 0.36 -13.88
N ARG A 19 9.47 -0.17 -12.88
CA ARG A 19 8.39 -1.11 -13.12
C ARG A 19 7.22 -0.81 -12.21
N LYS A 20 6.02 -1.23 -12.63
CA LYS A 20 4.81 -1.00 -11.84
C LYS A 20 4.33 -2.30 -11.23
N ILE A 21 3.80 -2.22 -10.01
CA ILE A 21 3.30 -3.40 -9.30
C ILE A 21 1.93 -3.10 -8.70
N LYS A 22 1.04 -4.09 -8.77
CA LYS A 22 -0.31 -3.94 -8.23
C LYS A 22 -0.63 -5.07 -7.26
N ILE A 23 0.40 -5.83 -6.88
CA ILE A 23 0.22 -6.95 -5.96
C ILE A 23 0.35 -6.48 -4.52
N THR A 24 -0.78 -6.31 -3.86
CA THR A 24 -0.79 -5.86 -2.46
C THR A 24 -1.87 -6.59 -1.68
N PHE A 25 -1.61 -6.87 -0.41
CA PHE A 25 -2.58 -7.55 0.44
C PHE A 25 -3.41 -6.54 1.21
N ALA A 26 -4.71 -6.80 1.31
CA ALA A 26 -5.62 -5.91 2.02
C ALA A 26 -5.99 -6.51 3.38
N LEU A 27 -6.02 -5.65 4.40
CA LEU A 27 -6.36 -6.10 5.75
C LEU A 27 -7.79 -6.63 5.79
N ASP A 28 -8.69 -5.95 5.08
CA ASP A 28 -10.09 -6.37 5.04
C ASP A 28 -10.74 -5.93 3.73
N ALA A 29 -11.99 -6.32 3.55
CA ALA A 29 -12.72 -5.97 2.33
C ALA A 29 -12.87 -4.45 2.21
N THR A 30 -13.05 -3.78 3.36
CA THR A 30 -13.20 -2.33 3.36
C THR A 30 -11.95 -1.66 2.80
N PHE A 31 -10.79 -2.09 3.27
CA PHE A 31 -9.53 -1.52 2.81
C PHE A 31 -9.27 -1.92 1.36
N ASP A 32 -9.83 -3.05 0.94
CA ASP A 32 -9.65 -3.53 -0.42
C ASP A 32 -10.41 -2.65 -1.41
N SER A 33 -11.67 -2.37 -1.10
CA SER A 33 -12.49 -1.54 -1.97
C SER A 33 -11.98 -0.10 -1.97
N VAL A 34 -11.61 0.39 -0.79
CA VAL A 34 -11.11 1.76 -0.68
C VAL A 34 -9.82 1.93 -1.49
N LEU A 35 -8.91 0.99 -1.33
CA LEU A 35 -7.64 1.04 -2.06
C LEU A 35 -7.88 0.94 -3.56
N SER A 36 -8.78 0.04 -3.95
CA SER A 36 -9.09 -0.16 -5.36
C SER A 36 -9.68 1.11 -5.95
N LYS A 37 -10.46 1.83 -5.16
CA LYS A 37 -11.09 3.06 -5.62
C LYS A 37 -10.08 4.21 -5.60
N ALA A 38 -9.19 4.19 -4.62
CA ALA A 38 -8.19 5.25 -4.48
C ALA A 38 -6.93 4.90 -5.25
N CYS A 39 -5.98 4.27 -4.55
CA CYS A 39 -4.71 3.89 -5.17
C CYS A 39 -4.94 2.83 -6.24
N SER A 40 -4.75 1.56 -5.86
CA SER A 40 -4.93 0.46 -6.80
C SER A 40 -3.73 0.34 -7.73
N GLU A 41 -2.79 1.27 -7.61
CA GLU A 41 -1.61 1.26 -8.46
C GLU A 41 -0.38 1.65 -7.66
N PHE A 42 0.56 0.72 -7.52
CA PHE A 42 1.79 0.98 -6.77
C PHE A 42 3.00 0.86 -7.68
N GLU A 43 3.86 1.87 -7.65
CA GLU A 43 5.06 1.88 -8.48
C GLU A 43 6.23 1.28 -7.73
N VAL A 44 7.06 0.53 -8.43
CA VAL A 44 8.24 -0.11 -7.83
C VAL A 44 9.50 0.24 -8.62
N ASP A 45 10.45 0.86 -7.92
CA ASP A 45 11.71 1.25 -8.54
C ASP A 45 12.81 1.38 -7.50
N LYS A 46 14.04 1.55 -7.97
CA LYS A 46 15.17 1.69 -7.06
C LYS A 46 15.17 3.06 -6.41
N ASP A 47 14.06 3.78 -6.55
CA ASP A 47 13.93 5.11 -5.97
C ASP A 47 12.99 5.09 -4.77
N VAL A 48 12.46 3.91 -4.46
CA VAL A 48 11.52 3.76 -3.34
C VAL A 48 11.78 2.45 -2.61
N THR A 49 11.32 2.37 -1.37
CA THR A 49 11.49 1.17 -0.55
C THR A 49 10.16 0.73 0.05
N LEU A 50 9.66 1.50 1.00
CA LEU A 50 8.41 1.17 1.65
C LEU A 50 7.85 2.39 2.39
N ASP A 51 8.75 3.23 2.91
CA ASP A 51 8.33 4.41 3.64
C ASP A 51 7.32 5.22 2.83
N GLU A 52 7.59 5.37 1.54
CA GLU A 52 6.69 6.11 0.66
C GLU A 52 5.38 5.35 0.47
N LEU A 53 5.48 4.04 0.31
CA LEU A 53 4.29 3.21 0.12
C LEU A 53 3.37 3.30 1.33
N LEU A 54 3.95 3.18 2.51
CA LEU A 54 3.16 3.24 3.73
C LEU A 54 2.59 4.64 3.92
N ASP A 55 3.37 5.65 3.53
CA ASP A 55 2.93 7.03 3.69
C ASP A 55 1.68 7.32 2.86
N VAL A 56 1.74 6.99 1.57
CA VAL A 56 0.62 7.23 0.69
C VAL A 56 -0.53 6.29 1.02
N VAL A 57 -0.21 5.05 1.36
CA VAL A 57 -1.24 4.06 1.68
C VAL A 57 -2.08 4.56 2.86
N LEU A 58 -1.41 4.95 3.93
CA LEU A 58 -2.11 5.43 5.11
C LEU A 58 -2.77 6.78 4.83
N ASP A 59 -1.98 7.71 4.30
CA ASP A 59 -2.50 9.04 4.00
C ASP A 59 -3.66 8.94 3.02
N ALA A 60 -3.60 7.95 2.14
CA ALA A 60 -4.66 7.78 1.15
C ALA A 60 -5.96 7.32 1.78
N VAL A 61 -5.91 6.21 2.51
CA VAL A 61 -7.10 5.70 3.17
C VAL A 61 -7.56 6.63 4.29
N GLU A 62 -6.61 7.10 5.08
CA GLU A 62 -6.93 7.99 6.18
C GLU A 62 -7.62 9.25 5.67
N SER A 63 -7.06 9.84 4.61
CA SER A 63 -7.62 11.05 4.04
C SER A 63 -9.03 10.80 3.53
N THR A 64 -9.20 9.78 2.71
CA THR A 64 -10.50 9.46 2.16
C THR A 64 -11.49 9.14 3.28
N LEU A 65 -11.06 8.32 4.23
CA LEU A 65 -11.93 7.94 5.35
C LEU A 65 -11.67 8.85 6.54
N SER A 66 -11.84 10.15 6.34
CA SER A 66 -11.64 11.12 7.41
C SER A 66 -12.85 11.12 8.36
N PRO A 67 -14.04 11.08 7.82
CA PRO A 67 -15.28 11.08 8.63
C PRO A 67 -15.41 9.82 9.47
N CYS A 68 -15.22 9.98 10.78
CA CYS A 68 -15.33 8.83 11.70
C CYS A 68 -16.17 9.20 12.92
N LYS A 69 -15.54 9.87 13.87
CA LYS A 69 -16.23 10.27 15.09
C LYS A 69 -17.57 10.93 14.75
N GLU A 70 -17.77 11.24 13.48
CA GLU A 70 -19.01 11.87 13.04
C GLU A 70 -20.16 10.86 13.05
N HIS A 71 -19.85 9.61 12.67
CA HIS A 71 -20.86 8.56 12.63
C HIS A 71 -20.37 7.29 13.29
N ASP A 72 -21.24 6.65 14.05
CA ASP A 72 -20.89 5.43 14.75
C ASP A 72 -20.52 4.33 13.76
N VAL A 73 -21.31 4.20 12.70
CA VAL A 73 -21.05 3.19 11.68
C VAL A 73 -19.56 3.19 11.31
N ILE A 74 -18.94 4.37 11.37
CA ILE A 74 -17.51 4.49 11.07
C ILE A 74 -16.74 4.75 12.35
N GLY A 75 -17.46 5.12 13.41
CA GLY A 75 -16.81 5.38 14.69
C GLY A 75 -15.83 4.27 15.05
N THR A 76 -15.21 4.37 16.23
CA THR A 76 -14.25 3.36 16.66
C THR A 76 -13.01 3.40 15.79
N LYS A 77 -13.20 3.74 14.50
CA LYS A 77 -12.10 3.81 13.58
C LYS A 77 -11.09 4.87 14.00
N VAL A 78 -11.60 5.99 14.49
CA VAL A 78 -10.75 7.08 14.92
C VAL A 78 -9.81 6.62 16.04
N CYS A 79 -10.38 5.90 17.00
CA CYS A 79 -9.59 5.39 18.12
C CYS A 79 -8.55 4.40 17.62
N ALA A 80 -8.99 3.46 16.79
CA ALA A 80 -8.07 2.44 16.26
C ALA A 80 -6.97 3.11 15.44
N LEU A 81 -7.36 3.95 14.50
CA LEU A 81 -6.39 4.64 13.66
C LEU A 81 -5.34 5.32 14.54
N LEU A 82 -5.79 5.93 15.63
CA LEU A 82 -4.86 6.61 16.52
C LEU A 82 -3.86 5.61 17.10
N ASP A 83 -4.35 4.49 17.59
CA ASP A 83 -3.49 3.45 18.16
C ASP A 83 -2.58 2.89 17.08
N ARG A 84 -3.13 2.67 15.89
CA ARG A 84 -2.35 2.13 14.79
C ARG A 84 -1.23 3.09 14.40
N LEU A 85 -1.54 4.37 14.40
CA LEU A 85 -0.57 5.37 14.05
C LEU A 85 0.41 5.60 15.20
N ALA A 86 0.01 5.20 16.40
CA ALA A 86 0.85 5.37 17.57
C ALA A 86 2.17 4.63 17.40
N GLY A 87 2.11 3.47 16.75
CA GLY A 87 3.32 2.68 16.53
C GLY A 87 2.96 1.22 16.21
N ASP A 88 1.83 1.02 15.55
CA ASP A 88 1.38 -0.32 15.20
C ASP A 88 0.60 -0.30 13.90
N TYR A 89 1.30 -0.22 12.78
CA TYR A 89 0.67 -0.20 11.46
C TYR A 89 0.95 -1.50 10.72
N VAL A 90 1.71 -1.41 9.63
CA VAL A 90 2.06 -2.58 8.83
C VAL A 90 3.56 -2.61 8.57
N TYR A 91 4.06 -3.80 8.24
CA TYR A 91 5.49 -3.97 7.97
C TYR A 91 5.69 -4.64 6.63
N LEU A 92 6.87 -4.43 6.05
CA LEU A 92 7.19 -5.03 4.76
C LEU A 92 8.59 -5.61 4.77
N PHE A 93 8.70 -6.90 4.42
CA PHE A 93 10.01 -7.56 4.39
C PHE A 93 10.15 -8.39 3.11
N ASP A 94 11.39 -8.59 2.68
CA ASP A 94 11.66 -9.37 1.46
C ASP A 94 11.82 -10.84 1.81
N GLU A 95 12.30 -11.62 0.85
CA GLU A 95 12.50 -13.05 1.05
C GLU A 95 13.69 -13.30 1.97
N GLY A 96 13.55 -12.91 3.23
CA GLY A 96 14.62 -13.11 4.20
C GLY A 96 14.35 -12.33 5.48
N GLY A 97 14.22 -11.01 5.35
CA GLY A 97 13.96 -10.16 6.50
C GLY A 97 14.37 -8.72 6.23
N ASP A 98 15.21 -8.54 5.21
CA ASP A 98 15.68 -7.20 4.85
C ASP A 98 14.54 -6.38 4.26
N GLU A 99 14.48 -5.11 4.63
CA GLU A 99 13.42 -4.24 4.12
C GLU A 99 13.77 -3.71 2.74
N VAL A 100 13.34 -4.44 1.71
CA VAL A 100 13.61 -4.04 0.33
C VAL A 100 12.57 -4.63 -0.62
N ILE A 101 12.09 -3.80 -1.54
CA ILE A 101 11.08 -4.25 -2.49
C ILE A 101 11.67 -5.31 -3.41
N ALA A 102 10.94 -6.40 -3.60
CA ALA A 102 11.41 -7.49 -4.45
C ALA A 102 10.23 -8.21 -5.09
N PRO A 103 10.50 -9.13 -6.00
CA PRO A 103 9.44 -9.92 -6.69
C PRO A 103 8.46 -10.54 -5.70
N ARG A 104 8.98 -11.05 -4.59
CA ARG A 104 8.13 -11.66 -3.56
C ARG A 104 8.26 -10.90 -2.26
N MET A 105 7.40 -9.90 -2.08
CA MET A 105 7.42 -9.09 -0.87
C MET A 105 6.29 -9.49 0.06
N TYR A 106 6.54 -9.42 1.36
CA TYR A 106 5.55 -9.78 2.36
C TYR A 106 5.12 -8.54 3.15
N CYS A 107 3.88 -8.10 2.93
CA CYS A 107 3.35 -6.93 3.61
C CYS A 107 2.25 -7.34 4.60
N SER A 108 2.54 -7.16 5.87
CA SER A 108 1.57 -7.52 6.92
C SER A 108 2.00 -6.95 8.27
N PHE A 109 1.07 -6.93 9.22
CA PHE A 109 1.36 -6.43 10.55
C PHE A 109 2.25 -7.41 11.32
N SER A 110 2.16 -8.68 10.96
CA SER A 110 2.96 -9.71 11.62
C SER A 110 4.42 -9.60 11.20
N ALA A 111 5.32 -10.08 12.05
CA ALA A 111 6.74 -10.03 11.75
C ALA A 111 7.18 -11.30 11.03
N PRO A 112 8.39 -11.31 10.52
CA PRO A 112 8.95 -12.50 9.80
C PRO A 112 8.82 -13.78 10.63
N ASP A 113 8.94 -13.65 11.95
CA ASP A 113 8.83 -14.80 12.83
C ASP A 113 7.38 -15.18 13.05
N ASP A 114 6.50 -14.64 12.22
CA ASP A 114 5.06 -14.91 12.33
C ASP A 114 4.82 -16.39 12.67
N GLY A 1 -6.62 -10.38 -26.08
CA GLY A 1 -7.23 -9.92 -24.80
C GLY A 1 -6.59 -10.65 -23.63
N LYS A 2 -5.26 -10.65 -23.59
CA LYS A 2 -4.52 -11.32 -22.52
C LYS A 2 -3.85 -10.29 -21.60
N LYS A 3 -4.20 -10.34 -20.32
CA LYS A 3 -3.63 -9.41 -19.33
C LYS A 3 -2.68 -10.16 -18.40
N VAL A 4 -2.48 -11.44 -18.67
CA VAL A 4 -1.59 -12.27 -17.85
C VAL A 4 -0.15 -12.13 -18.30
N GLU A 5 0.12 -11.09 -19.08
CA GLU A 5 1.47 -10.84 -19.58
C GLU A 5 2.00 -12.03 -20.37
N PHE A 6 2.99 -12.70 -19.81
CA PHE A 6 3.60 -13.86 -20.47
C PHE A 6 3.99 -13.52 -21.90
N ASN A 7 3.38 -14.20 -22.86
CA ASN A 7 3.69 -13.98 -24.26
C ASN A 7 3.46 -12.52 -24.63
N ASP A 8 2.38 -11.95 -24.12
CA ASP A 8 2.06 -10.55 -24.40
C ASP A 8 2.83 -9.64 -23.46
N LYS A 9 3.75 -8.87 -24.02
CA LYS A 9 4.55 -7.96 -23.21
C LYS A 9 3.69 -6.85 -22.62
N PRO A 10 4.17 -6.20 -21.58
CA PRO A 10 3.42 -5.10 -20.93
C PRO A 10 2.87 -4.10 -21.96
N LYS A 11 1.58 -3.78 -21.83
CA LYS A 11 0.93 -2.84 -22.75
C LYS A 11 0.89 -1.44 -22.15
N VAL A 12 1.94 -1.09 -21.42
CA VAL A 12 2.04 0.23 -20.80
C VAL A 12 3.17 1.04 -21.42
N ARG A 13 4.04 1.61 -20.59
CA ARG A 13 5.17 2.40 -21.07
C ARG A 13 6.38 1.51 -21.30
N LYS A 14 7.51 2.15 -21.60
CA LYS A 14 8.74 1.41 -21.84
C LYS A 14 9.22 0.74 -20.56
N ILE A 15 9.71 -0.50 -20.69
CA ILE A 15 10.19 -1.25 -19.53
C ILE A 15 10.97 -0.36 -18.58
N PRO A 16 10.37 0.08 -17.48
CA PRO A 16 11.04 0.97 -16.50
C PRO A 16 11.97 0.20 -15.56
N SER A 17 12.94 0.91 -14.99
CA SER A 17 13.89 0.30 -14.08
C SER A 17 13.17 -0.27 -12.86
N THR A 18 12.18 0.48 -12.36
CA THR A 18 11.41 0.06 -11.20
C THR A 18 10.22 -0.79 -11.63
N ARG A 19 9.32 -1.07 -10.68
CA ARG A 19 8.13 -1.88 -10.98
C ARG A 19 6.90 -1.25 -10.36
N LYS A 20 5.73 -1.80 -10.70
CA LYS A 20 4.46 -1.29 -10.17
C LYS A 20 3.66 -2.40 -9.53
N ILE A 21 2.91 -2.06 -8.49
CA ILE A 21 2.08 -3.04 -7.78
C ILE A 21 0.67 -2.49 -7.58
N LYS A 22 -0.32 -3.37 -7.73
CA LYS A 22 -1.71 -2.98 -7.57
C LYS A 22 -2.49 -4.04 -6.79
N ILE A 23 -1.76 -4.88 -6.05
CA ILE A 23 -2.39 -5.96 -5.28
C ILE A 23 -2.21 -5.73 -3.79
N THR A 24 -3.24 -5.15 -3.17
CA THR A 24 -3.21 -4.87 -1.73
C THR A 24 -4.28 -5.68 -1.01
N PHE A 25 -3.96 -6.13 0.19
CA PHE A 25 -4.90 -6.93 0.96
C PHE A 25 -6.06 -6.06 1.45
N ALA A 26 -7.28 -6.39 1.02
CA ALA A 26 -8.46 -5.64 1.42
C ALA A 26 -9.20 -6.36 2.54
N LEU A 27 -9.29 -5.71 3.69
CA LEU A 27 -9.97 -6.30 4.84
C LEU A 27 -11.44 -6.55 4.53
N ASP A 28 -12.06 -5.61 3.84
CA ASP A 28 -13.47 -5.74 3.49
C ASP A 28 -13.80 -4.93 2.24
N ALA A 29 -15.05 -4.95 1.83
CA ALA A 29 -15.47 -4.21 0.64
C ALA A 29 -15.27 -2.71 0.83
N THR A 30 -15.51 -2.24 2.04
CA THR A 30 -15.37 -0.82 2.33
C THR A 30 -13.93 -0.39 2.06
N PHE A 31 -12.98 -1.15 2.57
CA PHE A 31 -11.57 -0.84 2.37
C PHE A 31 -11.15 -1.21 0.96
N ASP A 32 -12.06 -1.82 0.20
CA ASP A 32 -11.76 -2.20 -1.18
C ASP A 32 -12.00 -1.04 -2.12
N SER A 33 -13.23 -0.54 -2.14
CA SER A 33 -13.57 0.60 -2.99
C SER A 33 -12.87 1.85 -2.49
N VAL A 34 -12.78 1.98 -1.16
CA VAL A 34 -12.11 3.13 -0.57
C VAL A 34 -10.63 3.13 -0.93
N LEU A 35 -9.99 1.98 -0.75
CA LEU A 35 -8.57 1.89 -1.06
C LEU A 35 -8.33 2.14 -2.55
N SER A 36 -9.19 1.57 -3.38
CA SER A 36 -9.04 1.72 -4.82
C SER A 36 -9.09 3.20 -5.21
N LYS A 37 -10.10 3.90 -4.73
CA LYS A 37 -10.24 5.32 -5.04
C LYS A 37 -9.07 6.12 -4.44
N ALA A 38 -8.59 5.66 -3.29
CA ALA A 38 -7.49 6.34 -2.61
C ALA A 38 -6.26 6.40 -3.52
N CYS A 39 -6.17 5.46 -4.44
CA CYS A 39 -5.04 5.42 -5.37
C CYS A 39 -5.26 4.35 -6.42
N SER A 40 -5.64 3.15 -5.99
CA SER A 40 -5.86 2.03 -6.90
C SER A 40 -4.60 1.72 -7.69
N GLU A 41 -3.55 2.52 -7.49
CA GLU A 41 -2.29 2.32 -8.19
C GLU A 41 -1.12 2.66 -7.29
N PHE A 42 -0.30 1.66 -6.96
CA PHE A 42 0.86 1.89 -6.09
C PHE A 42 2.13 1.48 -6.80
N GLU A 43 3.15 2.34 -6.73
CA GLU A 43 4.43 2.07 -7.38
C GLU A 43 5.39 1.44 -6.38
N VAL A 44 6.38 0.71 -6.90
CA VAL A 44 7.38 0.07 -6.05
C VAL A 44 8.79 0.28 -6.61
N ASP A 45 9.61 0.98 -5.82
CA ASP A 45 10.98 1.26 -6.24
C ASP A 45 11.90 1.33 -5.03
N LYS A 46 13.20 1.16 -5.28
CA LYS A 46 14.17 1.22 -4.19
C LYS A 46 14.13 2.59 -3.51
N ASP A 47 13.11 3.38 -3.79
CA ASP A 47 12.97 4.71 -3.20
C ASP A 47 11.88 4.69 -2.12
N VAL A 48 10.82 3.94 -2.37
CA VAL A 48 9.71 3.85 -1.42
C VAL A 48 9.83 2.58 -0.58
N THR A 49 10.16 2.76 0.69
CA THR A 49 10.31 1.63 1.60
C THR A 49 8.96 1.26 2.22
N LEU A 50 8.90 0.09 2.83
CA LEU A 50 7.67 -0.39 3.44
C LEU A 50 7.06 0.70 4.32
N ASP A 51 7.90 1.37 5.11
CA ASP A 51 7.43 2.42 5.99
C ASP A 51 6.70 3.50 5.19
N GLU A 52 7.29 3.89 4.07
CA GLU A 52 6.68 4.89 3.23
C GLU A 52 5.47 4.32 2.51
N LEU A 53 5.48 3.02 2.26
CA LEU A 53 4.38 2.38 1.56
C LEU A 53 3.09 2.44 2.39
N LEU A 54 3.16 1.96 3.61
CA LEU A 54 1.99 1.97 4.48
C LEU A 54 1.63 3.39 4.86
N ASP A 55 2.65 4.21 5.11
CA ASP A 55 2.42 5.60 5.50
C ASP A 55 1.73 6.36 4.37
N VAL A 56 2.22 6.16 3.15
CA VAL A 56 1.65 6.83 1.99
C VAL A 56 0.26 6.29 1.69
N VAL A 57 0.11 4.97 1.76
CA VAL A 57 -1.18 4.35 1.48
C VAL A 57 -2.23 4.82 2.47
N LEU A 58 -1.88 4.80 3.74
CA LEU A 58 -2.81 5.24 4.77
C LEU A 58 -3.13 6.72 4.60
N ASP A 59 -2.08 7.53 4.54
CA ASP A 59 -2.26 8.97 4.38
C ASP A 59 -3.16 9.26 3.19
N ALA A 60 -2.99 8.48 2.13
CA ALA A 60 -3.81 8.65 0.93
C ALA A 60 -5.27 8.35 1.24
N VAL A 61 -5.53 7.22 1.89
CA VAL A 61 -6.89 6.84 2.22
C VAL A 61 -7.52 7.87 3.16
N GLU A 62 -6.81 8.23 4.22
CA GLU A 62 -7.31 9.19 5.19
C GLU A 62 -7.56 10.53 4.51
N SER A 63 -6.67 10.89 3.60
CA SER A 63 -6.79 12.16 2.89
C SER A 63 -8.09 12.21 2.11
N THR A 64 -8.41 11.13 1.42
CA THR A 64 -9.64 11.07 0.64
C THR A 64 -10.84 10.93 1.55
N LEU A 65 -10.71 10.10 2.59
CA LEU A 65 -11.81 9.89 3.54
C LEU A 65 -11.49 10.57 4.88
N SER A 66 -12.17 11.67 5.14
CA SER A 66 -11.99 12.40 6.39
C SER A 66 -12.75 11.71 7.53
N PRO A 67 -14.05 11.60 7.42
CA PRO A 67 -14.88 10.95 8.47
C PRO A 67 -14.55 9.47 8.65
N CYS A 68 -14.42 9.04 9.90
CA CYS A 68 -14.12 7.64 10.20
C CYS A 68 -15.01 7.13 11.33
N LYS A 69 -15.27 8.00 12.30
CA LYS A 69 -16.11 7.62 13.45
C LYS A 69 -17.55 7.40 13.00
N GLU A 70 -17.84 7.74 11.75
CA GLU A 70 -19.19 7.57 11.22
C GLU A 70 -19.51 6.11 10.98
N HIS A 71 -18.47 5.32 10.65
CA HIS A 71 -18.65 3.89 10.40
C HIS A 71 -18.44 3.08 11.67
N ASP A 72 -19.53 2.53 12.19
CA ASP A 72 -19.46 1.72 13.40
C ASP A 72 -18.67 0.45 13.14
N VAL A 73 -19.02 -0.24 12.06
CA VAL A 73 -18.33 -1.48 11.70
C VAL A 73 -16.89 -1.18 11.30
N ILE A 74 -16.71 -0.15 10.47
CA ILE A 74 -15.38 0.24 10.01
C ILE A 74 -14.80 1.35 10.90
N GLY A 75 -15.37 1.49 12.09
CA GLY A 75 -14.91 2.49 13.05
C GLY A 75 -13.67 1.99 13.79
N THR A 76 -13.27 2.73 14.82
CA THR A 76 -12.11 2.37 15.63
C THR A 76 -10.81 2.74 14.90
N LYS A 77 -10.89 2.78 13.58
CA LYS A 77 -9.73 3.12 12.77
C LYS A 77 -9.29 4.54 13.07
N VAL A 78 -10.13 5.28 13.79
CA VAL A 78 -9.81 6.65 14.12
C VAL A 78 -8.68 6.70 15.16
N CYS A 79 -8.89 6.00 16.28
CA CYS A 79 -7.89 5.94 17.33
C CYS A 79 -6.68 5.15 16.87
N ALA A 80 -6.94 4.03 16.20
CA ALA A 80 -5.85 3.20 15.70
C ALA A 80 -5.00 3.98 14.72
N LEU A 81 -5.65 4.61 13.75
CA LEU A 81 -4.93 5.39 12.77
C LEU A 81 -4.05 6.42 13.44
N LEU A 82 -4.57 7.06 14.47
CA LEU A 82 -3.79 8.07 15.17
C LEU A 82 -2.52 7.44 15.75
N ASP A 83 -2.69 6.32 16.44
CA ASP A 83 -1.55 5.62 17.04
C ASP A 83 -0.61 5.10 15.97
N ARG A 84 -1.18 4.52 14.92
CA ARG A 84 -0.40 3.97 13.82
C ARG A 84 0.40 5.08 13.15
N LEU A 85 -0.25 6.21 12.92
CA LEU A 85 0.42 7.33 12.27
C LEU A 85 1.61 7.77 13.11
N ALA A 86 1.41 7.84 14.42
CA ALA A 86 2.48 8.26 15.32
C ALA A 86 3.31 7.07 15.76
N GLY A 87 2.83 5.88 15.45
CA GLY A 87 3.53 4.65 15.82
C GLY A 87 3.18 3.52 14.86
N ASP A 88 3.53 3.69 13.59
CA ASP A 88 3.26 2.67 12.58
C ASP A 88 3.46 1.27 13.15
N TYR A 89 2.34 0.64 13.51
CA TYR A 89 2.37 -0.71 14.09
C TYR A 89 2.36 -1.76 12.99
N VAL A 90 1.55 -1.53 11.96
CA VAL A 90 1.44 -2.47 10.85
C VAL A 90 2.84 -2.81 10.32
N TYR A 91 3.10 -4.09 10.16
CA TYR A 91 4.41 -4.56 9.67
C TYR A 91 4.26 -5.10 8.26
N LEU A 92 5.34 -5.01 7.48
CA LEU A 92 5.33 -5.50 6.10
C LEU A 92 6.55 -6.36 5.85
N PHE A 93 6.33 -7.60 5.43
CA PHE A 93 7.42 -8.53 5.12
C PHE A 93 7.06 -9.40 3.92
N ASP A 94 8.09 -9.77 3.15
CA ASP A 94 7.89 -10.59 1.96
C ASP A 94 7.85 -12.07 2.35
N GLU A 95 7.62 -12.92 1.36
CA GLU A 95 7.55 -14.36 1.61
C GLU A 95 8.95 -14.90 1.92
N GLY A 96 9.73 -14.14 2.68
CA GLY A 96 11.08 -14.54 3.05
C GLY A 96 11.44 -14.02 4.43
N GLY A 97 10.57 -13.22 5.00
CA GLY A 97 10.80 -12.65 6.33
C GLY A 97 11.75 -11.46 6.26
N ASP A 98 12.24 -11.16 5.05
CA ASP A 98 13.15 -10.04 4.86
C ASP A 98 12.38 -8.79 4.45
N GLU A 99 12.38 -7.80 5.34
CA GLU A 99 11.66 -6.55 5.05
C GLU A 99 12.13 -5.99 3.71
N VAL A 100 11.49 -6.44 2.63
CA VAL A 100 11.83 -5.96 1.30
C VAL A 100 10.58 -5.90 0.42
N ILE A 101 10.45 -4.81 -0.33
CA ILE A 101 9.29 -4.65 -1.19
C ILE A 101 9.43 -5.52 -2.43
N ALA A 102 8.39 -6.29 -2.73
CA ALA A 102 8.42 -7.17 -3.90
C ALA A 102 7.00 -7.36 -4.47
N PRO A 103 6.90 -7.99 -5.61
CA PRO A 103 5.57 -8.24 -6.25
C PRO A 103 4.59 -8.91 -5.30
N ARG A 104 5.07 -9.88 -4.52
CA ARG A 104 4.23 -10.58 -3.54
C ARG A 104 4.61 -10.20 -2.14
N MET A 105 4.09 -9.08 -1.67
CA MET A 105 4.37 -8.59 -0.32
C MET A 105 3.18 -8.83 0.59
N TYR A 106 3.41 -8.72 1.89
CA TYR A 106 2.36 -8.92 2.88
C TYR A 106 2.40 -7.81 3.93
N CYS A 107 1.38 -6.96 3.92
CA CYS A 107 1.29 -5.85 4.87
C CYS A 107 0.09 -6.02 5.80
N SER A 108 0.38 -6.16 7.10
CA SER A 108 -0.68 -6.32 8.08
C SER A 108 -0.11 -6.25 9.50
N PHE A 109 -1.00 -6.30 10.48
CA PHE A 109 -0.58 -6.25 11.88
C PHE A 109 0.22 -7.49 12.25
N SER A 110 -0.06 -8.59 11.54
CA SER A 110 0.63 -9.84 11.81
C SER A 110 2.13 -9.70 11.55
N ALA A 111 2.94 -10.40 12.33
CA ALA A 111 4.39 -10.34 12.18
C ALA A 111 4.86 -11.32 11.11
N PRO A 112 6.12 -11.24 10.73
CA PRO A 112 6.71 -12.14 9.70
C PRO A 112 6.44 -13.62 10.01
N ASP A 113 6.55 -13.98 11.29
CA ASP A 113 6.32 -15.36 11.71
C ASP A 113 4.90 -15.79 11.38
N ASP A 114 3.95 -14.95 11.74
CA ASP A 114 2.54 -15.24 11.49
C ASP A 114 2.15 -16.59 12.12
N GLY A 1 13.56 14.40 -9.57
CA GLY A 1 14.47 13.80 -10.58
C GLY A 1 14.12 14.35 -11.96
N LYS A 2 14.02 13.46 -12.94
CA LYS A 2 13.70 13.87 -14.30
C LYS A 2 12.19 14.01 -14.47
N LYS A 3 11.73 15.26 -14.52
CA LYS A 3 10.31 15.54 -14.68
C LYS A 3 9.98 15.70 -16.16
N VAL A 4 11.01 15.76 -17.00
CA VAL A 4 10.81 15.91 -18.44
C VAL A 4 10.12 14.67 -19.00
N GLU A 5 10.16 13.59 -18.25
CA GLU A 5 9.55 12.34 -18.68
C GLU A 5 10.10 11.91 -20.03
N PHE A 6 11.39 11.55 -20.06
CA PHE A 6 12.06 11.12 -21.30
C PHE A 6 11.09 10.93 -22.47
N ASN A 7 11.01 11.94 -23.33
CA ASN A 7 10.11 11.89 -24.47
C ASN A 7 8.69 11.59 -24.02
N ASP A 8 7.75 11.76 -24.92
CA ASP A 8 6.34 11.51 -24.60
C ASP A 8 6.19 10.21 -23.83
N LYS A 9 5.18 10.15 -22.96
CA LYS A 9 4.95 8.95 -22.14
C LYS A 9 5.21 7.68 -22.96
N PRO A 10 5.58 6.60 -22.31
CA PRO A 10 5.86 5.31 -22.99
C PRO A 10 4.62 4.71 -23.63
N LYS A 11 3.82 4.05 -22.81
CA LYS A 11 2.60 3.41 -23.27
C LYS A 11 2.93 2.40 -24.36
N VAL A 12 2.77 1.11 -24.04
CA VAL A 12 3.05 0.04 -24.99
C VAL A 12 4.55 -0.02 -25.29
N ARG A 13 5.15 1.13 -25.52
CA ARG A 13 6.58 1.20 -25.80
C ARG A 13 7.38 0.59 -24.66
N LYS A 14 8.70 0.73 -24.73
CA LYS A 14 9.57 0.18 -23.71
C LYS A 14 9.21 0.74 -22.35
N ILE A 15 9.17 -0.14 -21.34
CA ILE A 15 8.82 0.27 -19.99
C ILE A 15 9.99 1.02 -19.34
N PRO A 16 9.70 1.90 -18.41
CA PRO A 16 10.74 2.68 -17.68
C PRO A 16 11.58 1.80 -16.75
N SER A 17 12.74 2.31 -16.35
CA SER A 17 13.62 1.57 -15.45
C SER A 17 12.99 1.41 -14.08
N THR A 18 11.70 1.78 -13.98
CA THR A 18 10.96 1.67 -12.72
C THR A 18 9.94 0.54 -12.80
N ARG A 19 9.36 0.19 -11.65
CA ARG A 19 8.37 -0.88 -11.60
C ARG A 19 7.10 -0.38 -10.93
N LYS A 20 6.06 -1.21 -10.93
CA LYS A 20 4.78 -0.84 -10.32
C LYS A 20 4.13 -2.06 -9.68
N ILE A 21 3.46 -1.85 -8.55
CA ILE A 21 2.78 -2.92 -7.83
C ILE A 21 1.40 -2.49 -7.37
N LYS A 22 0.46 -3.43 -7.35
CA LYS A 22 -0.90 -3.14 -6.91
C LYS A 22 -1.14 -3.74 -5.54
N ILE A 23 -1.50 -2.90 -4.58
CA ILE A 23 -1.73 -3.35 -3.22
C ILE A 23 -3.20 -3.64 -3.00
N THR A 24 -3.52 -4.90 -2.74
CA THR A 24 -4.90 -5.32 -2.52
C THR A 24 -5.02 -6.10 -1.21
N PHE A 25 -5.48 -5.43 -0.17
CA PHE A 25 -5.64 -6.08 1.13
C PHE A 25 -6.62 -5.29 1.99
N ALA A 26 -7.82 -5.83 2.18
CA ALA A 26 -8.84 -5.16 2.98
C ALA A 26 -9.50 -6.15 3.94
N LEU A 27 -9.78 -5.68 5.15
CA LEU A 27 -10.41 -6.53 6.15
C LEU A 27 -11.89 -6.73 5.83
N ASP A 28 -12.55 -5.66 5.39
CA ASP A 28 -13.98 -5.72 5.06
C ASP A 28 -14.23 -5.20 3.66
N ALA A 29 -15.50 -5.14 3.28
CA ALA A 29 -15.87 -4.65 1.96
C ALA A 29 -15.56 -3.16 1.82
N THR A 30 -15.78 -2.42 2.90
CA THR A 30 -15.54 -0.98 2.88
C THR A 30 -14.08 -0.69 2.52
N PHE A 31 -13.17 -1.32 3.24
CA PHE A 31 -11.76 -1.12 2.99
C PHE A 31 -11.37 -1.75 1.66
N ASP A 32 -12.26 -2.54 1.10
CA ASP A 32 -12.00 -3.20 -0.18
C ASP A 32 -12.18 -2.23 -1.33
N SER A 33 -13.35 -1.60 -1.39
CA SER A 33 -13.63 -0.64 -2.45
C SER A 33 -12.82 0.63 -2.26
N VAL A 34 -12.61 1.02 -1.01
CA VAL A 34 -11.86 2.22 -0.71
C VAL A 34 -10.41 2.08 -1.18
N LEU A 35 -9.76 0.98 -0.82
CA LEU A 35 -8.38 0.76 -1.21
C LEU A 35 -8.27 0.59 -2.73
N SER A 36 -9.20 -0.16 -3.30
CA SER A 36 -9.18 -0.40 -4.73
C SER A 36 -9.38 0.92 -5.48
N LYS A 37 -10.35 1.71 -5.04
CA LYS A 37 -10.64 2.99 -5.68
C LYS A 37 -9.50 3.98 -5.46
N ALA A 38 -9.05 4.07 -4.20
CA ALA A 38 -7.98 5.00 -3.86
C ALA A 38 -6.63 4.45 -4.30
N CYS A 39 -6.12 3.48 -3.55
CA CYS A 39 -4.83 2.86 -3.88
C CYS A 39 -5.01 1.78 -4.94
N SER A 40 -5.29 2.20 -6.17
CA SER A 40 -5.47 1.26 -7.26
C SER A 40 -4.12 0.70 -7.72
N GLU A 41 -3.07 1.50 -7.52
CA GLU A 41 -1.73 1.08 -7.92
C GLU A 41 -0.69 2.08 -7.42
N PHE A 42 0.52 1.58 -7.13
CA PHE A 42 1.61 2.44 -6.65
C PHE A 42 2.88 2.17 -7.44
N GLU A 43 3.67 3.23 -7.61
CA GLU A 43 4.92 3.12 -8.34
C GLU A 43 5.98 2.47 -7.48
N VAL A 44 7.11 2.11 -8.10
CA VAL A 44 8.21 1.48 -7.39
C VAL A 44 9.56 1.89 -7.98
N ASP A 45 10.47 2.28 -7.10
CA ASP A 45 11.81 2.70 -7.54
C ASP A 45 12.86 2.29 -6.52
N LYS A 46 14.07 2.00 -6.99
CA LYS A 46 15.15 1.59 -6.12
C LYS A 46 15.68 2.78 -5.32
N ASP A 47 14.86 3.83 -5.21
CA ASP A 47 15.26 5.04 -4.47
C ASP A 47 14.28 5.33 -3.35
N VAL A 48 13.48 4.32 -2.99
CA VAL A 48 12.50 4.48 -1.92
C VAL A 48 12.56 3.29 -0.99
N THR A 49 12.02 3.45 0.21
CA THR A 49 12.00 2.39 1.20
C THR A 49 10.56 2.06 1.58
N LEU A 50 10.26 0.76 1.63
CA LEU A 50 8.94 0.30 2.01
C LEU A 50 8.37 1.12 3.16
N ASP A 51 9.24 1.85 3.85
CA ASP A 51 8.83 2.68 4.97
C ASP A 51 7.99 3.85 4.47
N GLU A 52 8.52 4.54 3.47
CA GLU A 52 7.79 5.67 2.89
C GLU A 52 6.55 5.18 2.18
N LEU A 53 6.65 4.01 1.56
CA LEU A 53 5.52 3.44 0.85
C LEU A 53 4.37 3.21 1.82
N LEU A 54 4.67 2.63 2.97
CA LEU A 54 3.64 2.35 3.97
C LEU A 54 3.03 3.66 4.44
N ASP A 55 3.87 4.64 4.70
CA ASP A 55 3.38 5.94 5.16
C ASP A 55 2.50 6.59 4.10
N VAL A 56 2.94 6.51 2.84
CA VAL A 56 2.18 7.11 1.74
C VAL A 56 0.87 6.36 1.54
N VAL A 57 0.94 5.04 1.53
CA VAL A 57 -0.26 4.22 1.32
C VAL A 57 -1.28 4.52 2.40
N LEU A 58 -0.82 4.56 3.66
CA LEU A 58 -1.72 4.82 4.76
C LEU A 58 -2.36 6.20 4.58
N ASP A 59 -1.54 7.20 4.35
CA ASP A 59 -2.05 8.56 4.18
C ASP A 59 -2.98 8.60 2.97
N ALA A 60 -2.69 7.77 1.97
CA ALA A 60 -3.51 7.74 0.76
C ALA A 60 -4.95 7.37 1.09
N VAL A 61 -5.13 6.24 1.78
CA VAL A 61 -6.47 5.80 2.14
C VAL A 61 -7.11 6.78 3.13
N GLU A 62 -6.31 7.29 4.05
CA GLU A 62 -6.81 8.23 5.04
C GLU A 62 -7.31 9.50 4.36
N SER A 63 -6.54 10.00 3.40
CA SER A 63 -6.92 11.20 2.68
C SER A 63 -8.23 11.00 1.95
N THR A 64 -8.33 9.90 1.19
CA THR A 64 -9.55 9.61 0.45
C THR A 64 -10.72 9.46 1.39
N LEU A 65 -10.54 8.65 2.44
CA LEU A 65 -11.60 8.41 3.42
C LEU A 65 -11.26 9.10 4.74
N SER A 66 -11.56 10.40 4.80
CA SER A 66 -11.31 11.17 6.01
C SER A 66 -12.40 10.91 7.05
N PRO A 67 -13.64 10.89 6.63
CA PRO A 67 -14.80 10.65 7.54
C PRO A 67 -14.74 9.29 8.22
N CYS A 68 -14.59 9.29 9.54
CA CYS A 68 -14.52 8.05 10.31
C CYS A 68 -15.45 8.13 11.53
N LYS A 69 -15.44 9.27 12.20
CA LYS A 69 -16.27 9.45 13.38
C LYS A 69 -17.75 9.33 13.02
N GLU A 70 -18.13 9.82 11.85
CA GLU A 70 -19.52 9.78 11.41
C GLU A 70 -19.89 8.37 10.94
N HIS A 71 -19.22 7.36 11.50
CA HIS A 71 -19.48 5.97 11.15
C HIS A 71 -19.53 5.10 12.39
N ASP A 72 -20.42 4.10 12.37
CA ASP A 72 -20.55 3.19 13.50
C ASP A 72 -19.46 2.13 13.48
N VAL A 73 -19.45 1.30 12.44
CA VAL A 73 -18.46 0.24 12.32
C VAL A 73 -17.07 0.83 12.12
N ILE A 74 -16.98 1.83 11.24
CA ILE A 74 -15.70 2.49 10.97
C ILE A 74 -15.43 3.57 12.01
N GLY A 75 -16.33 3.69 12.98
CA GLY A 75 -16.17 4.68 14.04
C GLY A 75 -14.92 4.40 14.86
N THR A 76 -14.52 3.13 14.92
CA THR A 76 -13.34 2.74 15.68
C THR A 76 -12.08 2.99 14.86
N LYS A 77 -12.26 3.33 13.59
CA LYS A 77 -11.12 3.60 12.71
C LYS A 77 -10.29 4.74 13.25
N VAL A 78 -10.95 5.81 13.69
CA VAL A 78 -10.24 6.96 14.21
C VAL A 78 -9.34 6.56 15.37
N CYS A 79 -9.86 5.73 16.26
CA CYS A 79 -9.10 5.27 17.42
C CYS A 79 -7.95 4.37 16.99
N ALA A 80 -8.27 3.38 16.16
CA ALA A 80 -7.25 2.44 15.69
C ALA A 80 -6.18 3.17 14.88
N LEU A 81 -6.62 4.11 14.06
CA LEU A 81 -5.69 4.87 13.24
C LEU A 81 -4.75 5.68 14.12
N LEU A 82 -5.29 6.28 15.16
CA LEU A 82 -4.48 7.08 16.07
C LEU A 82 -3.41 6.21 16.72
N ASP A 83 -3.81 5.01 17.13
CA ASP A 83 -2.86 4.09 17.76
C ASP A 83 -1.75 3.73 16.80
N ARG A 84 -2.11 3.43 15.56
CA ARG A 84 -1.11 3.06 14.55
C ARG A 84 -0.20 4.25 14.25
N LEU A 85 -0.79 5.43 14.19
CA LEU A 85 -0.02 6.63 13.90
C LEU A 85 0.99 6.92 15.01
N ALA A 86 0.58 6.66 16.25
CA ALA A 86 1.44 6.92 17.39
C ALA A 86 2.75 6.14 17.24
N GLY A 87 2.65 4.89 16.80
CA GLY A 87 3.84 4.07 16.62
C GLY A 87 3.49 2.59 16.69
N ASP A 88 2.67 2.13 15.76
CA ASP A 88 2.27 0.73 15.73
C ASP A 88 1.47 0.43 14.47
N TYR A 89 2.07 0.70 13.31
CA TYR A 89 1.40 0.47 12.04
C TYR A 89 1.93 -0.81 11.39
N VAL A 90 1.08 -1.44 10.58
CA VAL A 90 1.46 -2.69 9.94
C VAL A 90 2.84 -2.56 9.30
N TYR A 91 3.58 -3.66 9.27
CA TYR A 91 4.92 -3.66 8.71
C TYR A 91 4.92 -4.38 7.36
N LEU A 92 5.99 -4.17 6.59
CA LEU A 92 6.12 -4.79 5.28
C LEU A 92 7.45 -5.52 5.16
N PHE A 93 7.38 -6.81 4.78
CA PHE A 93 8.58 -7.62 4.61
C PHE A 93 8.48 -8.45 3.34
N ASP A 94 9.64 -8.82 2.79
CA ASP A 94 9.68 -9.64 1.58
C ASP A 94 9.56 -11.12 1.92
N GLU A 95 9.65 -11.96 0.90
CA GLU A 95 9.54 -13.40 1.11
C GLU A 95 10.79 -13.94 1.81
N GLY A 96 11.21 -13.25 2.87
CA GLY A 96 12.39 -13.67 3.62
C GLY A 96 12.36 -13.11 5.04
N GLY A 97 12.49 -11.79 5.15
CA GLY A 97 12.48 -11.15 6.46
C GLY A 97 13.13 -9.76 6.39
N ASP A 98 13.95 -9.56 5.37
CA ASP A 98 14.63 -8.28 5.19
C ASP A 98 13.66 -7.22 4.69
N GLU A 99 13.81 -6.01 5.20
CA GLU A 99 12.94 -4.91 4.80
C GLU A 99 13.32 -4.40 3.42
N VAL A 100 12.66 -4.94 2.40
CA VAL A 100 12.93 -4.55 1.02
C VAL A 100 11.64 -4.55 0.20
N ILE A 101 11.60 -3.72 -0.84
CA ILE A 101 10.43 -3.64 -1.69
C ILE A 101 10.54 -4.61 -2.85
N ALA A 102 9.52 -5.44 -3.04
CA ALA A 102 9.53 -6.40 -4.12
C ALA A 102 8.11 -6.88 -4.42
N PRO A 103 7.84 -7.31 -5.65
CA PRO A 103 6.49 -7.83 -6.03
C PRO A 103 5.94 -8.82 -5.01
N ARG A 104 6.81 -9.66 -4.46
CA ARG A 104 6.39 -10.65 -3.46
C ARG A 104 6.54 -10.09 -2.05
N MET A 105 5.93 -8.94 -1.81
CA MET A 105 6.01 -8.30 -0.50
C MET A 105 4.71 -8.50 0.27
N TYR A 106 4.82 -8.67 1.58
CA TYR A 106 3.66 -8.86 2.43
C TYR A 106 3.53 -7.72 3.43
N CYS A 107 2.39 -7.04 3.40
CA CYS A 107 2.13 -5.90 4.29
C CYS A 107 1.01 -6.25 5.27
N SER A 108 1.36 -6.30 6.55
CA SER A 108 0.38 -6.61 7.58
C SER A 108 1.00 -6.48 8.97
N PHE A 109 0.18 -6.64 10.00
CA PHE A 109 0.65 -6.54 11.38
C PHE A 109 1.44 -7.79 11.76
N SER A 110 1.21 -8.88 11.02
CA SER A 110 1.90 -10.13 11.29
C SER A 110 3.36 -10.03 10.86
N ALA A 111 4.26 -10.61 11.65
CA ALA A 111 5.69 -10.59 11.34
C ALA A 111 6.12 -11.89 10.65
N PRO A 112 7.32 -11.93 10.13
CA PRO A 112 7.86 -13.14 9.45
C PRO A 112 7.72 -14.41 10.31
N ASP A 113 8.01 -14.27 11.60
CA ASP A 113 7.91 -15.41 12.53
C ASP A 113 6.58 -15.39 13.25
N ASP A 114 5.50 -15.22 12.49
CA ASP A 114 4.17 -15.19 13.07
C ASP A 114 3.95 -16.40 13.98
N GLY A 1 28.36 7.71 -33.38
CA GLY A 1 26.93 7.31 -33.57
C GLY A 1 26.34 8.10 -34.74
N LYS A 2 25.09 8.52 -34.58
CA LYS A 2 24.42 9.29 -35.63
C LYS A 2 24.86 10.74 -35.60
N LYS A 3 25.13 11.29 -36.79
CA LYS A 3 25.56 12.67 -36.91
C LYS A 3 24.39 13.57 -37.32
N VAL A 4 23.22 12.95 -37.48
CA VAL A 4 22.01 13.70 -37.88
C VAL A 4 21.01 13.74 -36.73
N GLU A 5 21.52 13.84 -35.50
CA GLU A 5 20.65 13.89 -34.34
C GLU A 5 19.73 12.67 -34.31
N PHE A 6 19.11 12.42 -33.16
CA PHE A 6 18.20 11.29 -32.99
C PHE A 6 16.76 11.71 -33.25
N ASN A 7 15.90 10.72 -33.44
CA ASN A 7 14.49 11.00 -33.70
C ASN A 7 13.92 11.94 -32.64
N ASP A 8 13.53 11.38 -31.50
CA ASP A 8 12.97 12.18 -30.41
C ASP A 8 12.32 11.26 -29.38
N LYS A 9 12.71 11.40 -28.13
CA LYS A 9 12.16 10.58 -27.06
C LYS A 9 10.63 10.47 -27.20
N PRO A 10 10.05 9.43 -26.66
CA PRO A 10 8.57 9.22 -26.71
C PRO A 10 7.81 10.39 -26.10
N LYS A 11 7.11 11.16 -26.93
CA LYS A 11 6.35 12.30 -26.46
C LYS A 11 4.99 11.88 -25.91
N VAL A 12 4.01 11.75 -26.80
CA VAL A 12 2.67 11.37 -26.40
C VAL A 12 2.61 9.90 -26.02
N ARG A 13 3.49 9.50 -25.11
CA ARG A 13 3.54 8.10 -24.66
C ARG A 13 4.11 8.03 -23.25
N LYS A 14 3.32 7.49 -22.34
CA LYS A 14 3.76 7.36 -20.95
C LYS A 14 4.83 6.27 -20.84
N ILE A 15 6.02 6.66 -20.40
CA ILE A 15 7.13 5.72 -20.25
C ILE A 15 7.66 5.71 -18.82
N PRO A 16 7.01 4.99 -17.93
CA PRO A 16 7.43 4.89 -16.51
C PRO A 16 8.53 3.85 -16.33
N SER A 17 9.73 4.30 -16.01
CA SER A 17 10.85 3.41 -15.80
C SER A 17 10.77 2.75 -14.43
N THR A 18 9.85 3.23 -13.60
CA THR A 18 9.68 2.68 -12.26
C THR A 18 8.75 1.47 -12.31
N ARG A 19 8.66 0.76 -11.18
CA ARG A 19 7.80 -0.42 -11.11
C ARG A 19 6.53 -0.10 -10.34
N LYS A 20 5.39 -0.58 -10.87
CA LYS A 20 4.11 -0.32 -10.23
C LYS A 20 3.62 -1.58 -9.51
N ILE A 21 3.39 -1.45 -8.21
CA ILE A 21 2.92 -2.58 -7.40
C ILE A 21 1.42 -2.47 -7.18
N LYS A 22 0.75 -3.61 -7.05
CA LYS A 22 -0.68 -3.64 -6.83
C LYS A 22 -1.05 -4.55 -5.65
N ILE A 23 -0.06 -4.81 -4.79
CA ILE A 23 -0.28 -5.65 -3.61
C ILE A 23 -0.65 -4.81 -2.41
N THR A 24 -1.81 -5.08 -1.84
CA THR A 24 -2.29 -4.35 -0.66
C THR A 24 -3.00 -5.28 0.30
N PHE A 25 -2.68 -5.16 1.59
CA PHE A 25 -3.31 -5.99 2.61
C PHE A 25 -4.45 -5.24 3.27
N ALA A 26 -5.65 -5.80 3.18
CA ALA A 26 -6.84 -5.17 3.78
C ALA A 26 -7.23 -5.89 5.06
N LEU A 27 -7.73 -5.12 6.02
CA LEU A 27 -8.15 -5.70 7.29
C LEU A 27 -9.34 -6.65 7.10
N ASP A 28 -10.27 -6.25 6.25
CA ASP A 28 -11.45 -7.07 5.99
C ASP A 28 -11.95 -6.83 4.57
N ALA A 29 -13.09 -7.42 4.24
CA ALA A 29 -13.67 -7.26 2.92
C ALA A 29 -14.04 -5.80 2.65
N THR A 30 -14.52 -5.13 3.69
CA THR A 30 -14.92 -3.73 3.57
C THR A 30 -13.72 -2.89 3.14
N PHE A 31 -12.60 -3.07 3.83
CA PHE A 31 -11.40 -2.32 3.51
C PHE A 31 -10.87 -2.73 2.14
N ASP A 32 -11.03 -4.01 1.80
CA ASP A 32 -10.57 -4.50 0.51
C ASP A 32 -11.22 -3.72 -0.63
N SER A 33 -12.54 -3.55 -0.54
CA SER A 33 -13.26 -2.81 -1.57
C SER A 33 -12.88 -1.34 -1.55
N VAL A 34 -12.78 -0.77 -0.35
CA VAL A 34 -12.43 0.65 -0.22
C VAL A 34 -11.05 0.93 -0.82
N LEU A 35 -10.07 0.12 -0.44
CA LEU A 35 -8.72 0.29 -0.95
C LEU A 35 -8.68 0.04 -2.46
N SER A 36 -9.40 -0.98 -2.90
CA SER A 36 -9.43 -1.31 -4.31
C SER A 36 -9.96 -0.13 -5.12
N LYS A 37 -11.00 0.50 -4.60
CA LYS A 37 -11.60 1.65 -5.28
C LYS A 37 -10.73 2.88 -5.14
N ALA A 38 -10.02 2.98 -4.03
CA ALA A 38 -9.16 4.13 -3.77
C ALA A 38 -7.80 3.96 -4.44
N CYS A 39 -6.87 3.34 -3.71
CA CYS A 39 -5.52 3.12 -4.24
C CYS A 39 -5.31 1.63 -4.53
N SER A 40 -5.54 1.23 -5.78
CA SER A 40 -5.37 -0.16 -6.18
C SER A 40 -3.94 -0.40 -6.66
N GLU A 41 -3.18 0.68 -6.84
CA GLU A 41 -1.80 0.56 -7.30
C GLU A 41 -0.93 1.64 -6.66
N PHE A 42 0.37 1.38 -6.59
CA PHE A 42 1.31 2.35 -6.00
C PHE A 42 2.63 2.34 -6.76
N GLU A 43 3.03 3.50 -7.28
CA GLU A 43 4.28 3.62 -8.01
C GLU A 43 5.46 3.46 -7.06
N VAL A 44 6.46 2.68 -7.48
CA VAL A 44 7.65 2.46 -6.67
C VAL A 44 8.92 2.55 -7.52
N ASP A 45 9.89 3.29 -7.03
CA ASP A 45 11.16 3.45 -7.75
C ASP A 45 11.81 2.09 -7.96
N LYS A 46 12.89 2.07 -8.74
CA LYS A 46 13.60 0.83 -9.01
C LYS A 46 13.91 0.09 -7.71
N ASP A 47 14.26 0.84 -6.66
CA ASP A 47 14.59 0.25 -5.37
C ASP A 47 14.17 1.19 -4.25
N VAL A 48 13.20 0.77 -3.46
CA VAL A 48 12.70 1.57 -2.35
C VAL A 48 12.69 0.75 -1.06
N THR A 49 12.66 1.44 0.07
CA THR A 49 12.65 0.79 1.37
C THR A 49 11.23 0.65 1.88
N LEU A 50 10.84 -0.57 2.22
CA LEU A 50 9.50 -0.84 2.72
C LEU A 50 9.04 0.27 3.65
N ASP A 51 9.99 0.99 4.23
CA ASP A 51 9.68 2.09 5.13
C ASP A 51 8.88 3.15 4.38
N GLU A 52 9.33 3.50 3.18
CA GLU A 52 8.64 4.50 2.38
C GLU A 52 7.24 4.02 2.01
N LEU A 53 7.16 2.75 1.63
CA LEU A 53 5.86 2.18 1.26
C LEU A 53 4.92 2.21 2.45
N LEU A 54 5.45 1.91 3.63
CA LEU A 54 4.64 1.89 4.84
C LEU A 54 4.06 3.28 5.11
N ASP A 55 4.88 4.29 4.94
CA ASP A 55 4.44 5.66 5.15
C ASP A 55 3.51 6.11 4.03
N VAL A 56 3.84 5.71 2.80
CA VAL A 56 3.02 6.09 1.64
C VAL A 56 1.67 5.39 1.67
N VAL A 57 1.70 4.07 1.78
CA VAL A 57 0.46 3.29 1.80
C VAL A 57 -0.45 3.81 2.89
N LEU A 58 0.12 4.05 4.08
CA LEU A 58 -0.68 4.54 5.17
C LEU A 58 -1.27 5.91 4.83
N ASP A 59 -0.40 6.81 4.39
CA ASP A 59 -0.84 8.17 4.05
C ASP A 59 -1.97 8.10 3.02
N ALA A 60 -1.80 7.22 2.02
CA ALA A 60 -2.81 7.05 0.98
C ALA A 60 -4.13 6.62 1.60
N VAL A 61 -4.06 5.71 2.56
CA VAL A 61 -5.27 5.22 3.24
C VAL A 61 -5.95 6.36 3.99
N GLU A 62 -5.15 7.17 4.68
CA GLU A 62 -5.70 8.29 5.44
C GLU A 62 -6.29 9.33 4.49
N SER A 63 -5.64 9.53 3.34
CA SER A 63 -6.10 10.53 2.38
C SER A 63 -7.49 10.16 1.85
N THR A 64 -7.63 8.92 1.37
CA THR A 64 -8.92 8.47 0.85
C THR A 64 -9.89 8.20 1.98
N LEU A 65 -9.37 7.64 3.08
CA LEU A 65 -10.20 7.31 4.24
C LEU A 65 -10.21 8.45 5.24
N SER A 66 -10.17 9.68 4.74
CA SER A 66 -10.19 10.86 5.60
C SER A 66 -11.62 11.12 6.09
N PRO A 67 -12.57 11.11 5.19
CA PRO A 67 -13.99 11.38 5.53
C PRO A 67 -14.71 10.15 6.09
N CYS A 68 -14.46 9.85 7.37
CA CYS A 68 -15.08 8.70 8.02
C CYS A 68 -15.62 9.09 9.39
N LYS A 69 -15.14 10.21 9.91
CA LYS A 69 -15.57 10.70 11.21
C LYS A 69 -17.04 11.14 11.15
N GLU A 70 -17.60 11.16 9.95
CA GLU A 70 -18.98 11.57 9.77
C GLU A 70 -19.94 10.49 10.28
N HIS A 71 -19.59 9.23 10.02
CA HIS A 71 -20.41 8.11 10.46
C HIS A 71 -19.81 7.47 11.71
N ASP A 72 -20.48 7.65 12.84
CA ASP A 72 -20.01 7.09 14.10
C ASP A 72 -20.04 5.56 14.05
N VAL A 73 -21.06 5.00 13.40
CA VAL A 73 -21.18 3.56 13.30
C VAL A 73 -20.13 2.98 12.35
N ILE A 74 -20.14 3.46 11.11
CA ILE A 74 -19.19 2.98 10.11
C ILE A 74 -17.77 3.44 10.46
N GLY A 75 -17.65 4.73 10.81
CA GLY A 75 -16.34 5.32 11.14
C GLY A 75 -15.50 4.39 12.02
N THR A 76 -14.95 4.92 13.10
CA THR A 76 -14.14 4.11 14.00
C THR A 76 -12.78 3.82 13.38
N LYS A 77 -12.78 3.63 12.07
CA LYS A 77 -11.55 3.35 11.34
C LYS A 77 -10.56 4.48 11.55
N VAL A 78 -11.07 5.68 11.77
CA VAL A 78 -10.21 6.84 11.97
C VAL A 78 -9.36 6.64 13.22
N CYS A 79 -10.02 6.26 14.32
CA CYS A 79 -9.31 6.04 15.57
C CYS A 79 -8.31 4.90 15.42
N ALA A 80 -8.70 3.88 14.67
CA ALA A 80 -7.83 2.74 14.45
C ALA A 80 -6.53 3.19 13.78
N LEU A 81 -6.65 4.03 12.76
CA LEU A 81 -5.49 4.52 12.04
C LEU A 81 -4.59 5.32 12.97
N LEU A 82 -5.20 6.17 13.79
CA LEU A 82 -4.43 6.96 14.74
C LEU A 82 -3.73 6.06 15.73
N ASP A 83 -4.39 4.98 16.13
CA ASP A 83 -3.80 4.06 17.09
C ASP A 83 -2.56 3.41 16.49
N ARG A 84 -2.63 3.04 15.22
CA ARG A 84 -1.50 2.41 14.55
C ARG A 84 -0.32 3.36 14.50
N LEU A 85 -0.56 4.59 14.09
CA LEU A 85 0.50 5.58 14.00
C LEU A 85 0.95 6.00 15.40
N ALA A 86 0.02 5.96 16.36
CA ALA A 86 0.32 6.36 17.72
C ALA A 86 1.47 5.54 18.29
N GLY A 87 1.40 4.23 18.13
CA GLY A 87 2.44 3.36 18.64
C GLY A 87 2.40 1.99 17.98
N ASP A 88 1.22 1.38 17.97
CA ASP A 88 1.04 0.05 17.37
C ASP A 88 1.87 -0.06 16.09
N TYR A 89 1.42 0.59 15.03
CA TYR A 89 2.14 0.56 13.76
C TYR A 89 2.13 -0.85 13.19
N VAL A 90 2.48 -0.98 11.92
CA VAL A 90 2.52 -2.28 11.24
C VAL A 90 3.89 -2.50 10.62
N TYR A 91 4.24 -3.78 10.42
CA TYR A 91 5.52 -4.13 9.83
C TYR A 91 5.30 -4.96 8.57
N LEU A 92 6.10 -4.67 7.55
CA LEU A 92 6.00 -5.38 6.29
C LEU A 92 7.20 -6.29 6.09
N PHE A 93 6.94 -7.55 5.78
CA PHE A 93 8.01 -8.53 5.55
C PHE A 93 7.77 -9.31 4.27
N ASP A 94 8.85 -9.81 3.67
CA ASP A 94 8.75 -10.57 2.43
C ASP A 94 8.18 -11.95 2.71
N GLU A 95 7.96 -12.72 1.65
CA GLU A 95 7.41 -14.07 1.79
C GLU A 95 8.33 -14.94 2.63
N GLY A 96 9.63 -14.83 2.40
CA GLY A 96 10.60 -15.63 3.14
C GLY A 96 10.79 -15.05 4.55
N GLY A 97 10.06 -13.99 4.85
CA GLY A 97 10.15 -13.35 6.16
C GLY A 97 11.30 -12.34 6.19
N ASP A 98 12.00 -12.20 5.07
CA ASP A 98 13.11 -11.27 4.97
C ASP A 98 12.63 -9.90 4.52
N GLU A 99 12.63 -8.94 5.45
CA GLU A 99 12.18 -7.59 5.13
C GLU A 99 12.82 -7.11 3.83
N VAL A 100 12.15 -7.41 2.71
CA VAL A 100 12.64 -7.01 1.41
C VAL A 100 11.49 -6.84 0.42
N ILE A 101 11.48 -5.71 -0.28
CA ILE A 101 10.43 -5.44 -1.25
C ILE A 101 10.45 -6.50 -2.33
N ALA A 102 9.31 -7.17 -2.52
CA ALA A 102 9.21 -8.21 -3.54
C ALA A 102 7.76 -8.35 -4.02
N PRO A 103 7.56 -9.12 -5.07
CA PRO A 103 6.19 -9.35 -5.63
C PRO A 103 5.19 -9.80 -4.56
N ARG A 104 5.64 -10.70 -3.68
CA ARG A 104 4.79 -11.21 -2.61
C ARG A 104 5.19 -10.61 -1.28
N MET A 105 4.42 -9.62 -0.83
CA MET A 105 4.69 -8.94 0.43
C MET A 105 3.71 -9.40 1.49
N TYR A 106 4.18 -9.45 2.74
CA TYR A 106 3.35 -9.87 3.87
C TYR A 106 3.24 -8.73 4.88
N CYS A 107 2.16 -7.96 4.78
CA CYS A 107 1.94 -6.85 5.70
C CYS A 107 1.14 -7.32 6.92
N SER A 108 1.74 -7.18 8.10
CA SER A 108 1.07 -7.61 9.32
C SER A 108 1.71 -6.94 10.54
N PHE A 109 0.97 -6.89 11.65
CA PHE A 109 1.47 -6.26 12.86
C PHE A 109 2.29 -7.28 13.67
N SER A 110 3.12 -8.03 12.98
CA SER A 110 3.96 -9.04 13.63
C SER A 110 5.29 -9.17 12.91
N ALA A 111 6.15 -10.04 13.42
CA ALA A 111 7.48 -10.24 12.83
C ALA A 111 7.55 -11.60 12.13
N PRO A 112 8.61 -11.85 11.40
CA PRO A 112 8.80 -13.15 10.67
C PRO A 112 8.63 -14.36 11.61
N ASP A 113 9.15 -14.23 12.84
CA ASP A 113 9.07 -15.31 13.81
C ASP A 113 7.76 -15.23 14.59
N ASP A 114 6.94 -14.24 14.27
CA ASP A 114 5.66 -14.05 14.94
C ASP A 114 5.85 -14.02 16.45
N GLY A 1 -4.17 14.08 -20.02
CA GLY A 1 -3.27 13.21 -19.22
C GLY A 1 -3.60 13.38 -17.73
N LYS A 2 -4.36 12.43 -17.20
CA LYS A 2 -4.75 12.48 -15.78
C LYS A 2 -5.11 13.90 -15.38
N LYS A 3 -4.22 14.53 -14.63
CA LYS A 3 -4.45 15.90 -14.17
C LYS A 3 -3.12 16.62 -13.91
N VAL A 4 -2.01 15.92 -14.18
CA VAL A 4 -0.69 16.50 -13.97
C VAL A 4 0.29 15.96 -14.99
N GLU A 5 -0.24 15.41 -16.09
CA GLU A 5 0.61 14.86 -17.15
C GLU A 5 1.92 14.32 -16.57
N PHE A 6 1.94 13.04 -16.24
CA PHE A 6 3.13 12.41 -15.67
C PHE A 6 3.46 11.13 -16.41
N ASN A 7 4.72 10.99 -16.81
CA ASN A 7 5.16 9.79 -17.50
C ASN A 7 4.44 9.66 -18.84
N ASP A 8 5.19 9.77 -19.92
CA ASP A 8 4.63 9.66 -21.27
C ASP A 8 5.33 8.58 -22.07
N LYS A 9 4.91 8.41 -23.32
CA LYS A 9 5.50 7.40 -24.17
C LYS A 9 7.03 7.53 -24.18
N PRO A 10 7.72 6.44 -24.39
CA PRO A 10 9.21 6.43 -24.44
C PRO A 10 9.76 7.19 -25.65
N LYS A 11 11.04 7.00 -25.93
CA LYS A 11 11.69 7.66 -27.04
C LYS A 11 11.95 9.14 -26.71
N VAL A 12 10.87 9.87 -26.47
CA VAL A 12 10.98 11.29 -26.14
C VAL A 12 11.58 11.45 -24.73
N ARG A 13 11.34 10.46 -23.88
CA ARG A 13 11.85 10.49 -22.51
C ARG A 13 12.35 9.11 -22.09
N LYS A 14 13.27 9.09 -21.13
CA LYS A 14 13.83 7.83 -20.65
C LYS A 14 12.71 6.89 -20.23
N ILE A 15 12.80 5.64 -20.70
CA ILE A 15 11.79 4.65 -20.38
C ILE A 15 11.42 4.70 -18.88
N PRO A 16 10.22 4.30 -18.55
CA PRO A 16 9.76 4.30 -17.14
C PRO A 16 10.80 3.75 -16.18
N SER A 17 11.18 4.55 -15.20
CA SER A 17 12.19 4.13 -14.21
C SER A 17 11.53 3.86 -12.86
N THR A 18 10.25 4.17 -12.75
CA THR A 18 9.52 3.96 -11.50
C THR A 18 8.98 2.54 -11.45
N ARG A 19 8.24 2.24 -10.39
CA ARG A 19 7.64 0.91 -10.23
C ARG A 19 6.13 1.02 -10.00
N LYS A 20 5.41 -0.02 -10.42
CA LYS A 20 3.96 -0.04 -10.27
C LYS A 20 3.46 -1.45 -10.00
N ILE A 21 2.70 -1.61 -8.92
CA ILE A 21 2.16 -2.93 -8.56
C ILE A 21 0.74 -2.81 -8.04
N LYS A 22 -0.07 -3.83 -8.28
CA LYS A 22 -1.46 -3.81 -7.82
C LYS A 22 -1.67 -4.87 -6.76
N ILE A 23 -1.22 -4.59 -5.53
CA ILE A 23 -1.37 -5.52 -4.42
C ILE A 23 -2.39 -5.00 -3.42
N THR A 24 -3.38 -5.82 -3.11
CA THR A 24 -4.42 -5.44 -2.14
C THR A 24 -4.49 -6.47 -1.02
N PHE A 25 -4.41 -6.00 0.22
CA PHE A 25 -4.47 -6.88 1.39
C PHE A 25 -5.48 -6.35 2.40
N ALA A 26 -6.32 -7.24 2.91
CA ALA A 26 -7.34 -6.85 3.88
C ALA A 26 -6.67 -6.36 5.17
N LEU A 27 -6.71 -5.05 5.39
CA LEU A 27 -6.14 -4.48 6.60
C LEU A 27 -7.02 -4.79 7.81
N ASP A 28 -8.33 -4.64 7.64
CA ASP A 28 -9.28 -4.89 8.72
C ASP A 28 -10.47 -5.70 8.21
N ALA A 29 -11.46 -5.01 7.68
CA ALA A 29 -12.66 -5.69 7.17
C ALA A 29 -13.50 -4.72 6.33
N THR A 30 -14.37 -3.98 6.98
CA THR A 30 -15.22 -3.02 6.27
C THR A 30 -14.36 -2.01 5.53
N PHE A 31 -13.34 -1.49 6.19
CA PHE A 31 -12.44 -0.52 5.58
C PHE A 31 -11.73 -1.14 4.39
N ASP A 32 -11.41 -2.43 4.48
CA ASP A 32 -10.72 -3.11 3.39
C ASP A 32 -11.58 -3.11 2.14
N SER A 33 -12.86 -3.41 2.31
CA SER A 33 -13.77 -3.43 1.16
C SER A 33 -13.88 -2.05 0.52
N VAL A 34 -14.05 -1.03 1.36
CA VAL A 34 -14.14 0.34 0.86
C VAL A 34 -12.82 0.77 0.23
N LEU A 35 -11.72 0.45 0.91
CA LEU A 35 -10.41 0.83 0.41
C LEU A 35 -10.15 0.17 -0.93
N SER A 36 -10.47 -1.11 -1.04
CA SER A 36 -10.26 -1.84 -2.28
C SER A 36 -11.04 -1.20 -3.42
N LYS A 37 -12.28 -0.80 -3.11
CA LYS A 37 -13.12 -0.16 -4.12
C LYS A 37 -12.54 1.19 -4.52
N ALA A 38 -11.88 1.86 -3.58
CA ALA A 38 -11.29 3.17 -3.83
C ALA A 38 -9.82 3.04 -4.22
N CYS A 39 -8.98 2.81 -3.22
CA CYS A 39 -7.54 2.67 -3.45
C CYS A 39 -7.12 1.21 -3.37
N SER A 40 -7.03 0.56 -4.53
CA SER A 40 -6.61 -0.84 -4.59
C SER A 40 -5.25 -0.96 -5.27
N GLU A 41 -4.96 -0.04 -6.18
CA GLU A 41 -3.68 -0.06 -6.89
C GLU A 41 -2.68 0.86 -6.21
N PHE A 42 -1.42 0.41 -6.16
CA PHE A 42 -0.37 1.22 -5.54
C PHE A 42 0.89 1.20 -6.39
N GLU A 43 1.48 2.37 -6.60
CA GLU A 43 2.69 2.49 -7.40
C GLU A 43 3.72 3.36 -6.71
N VAL A 44 4.99 3.00 -6.84
CA VAL A 44 6.07 3.76 -6.23
C VAL A 44 7.32 3.74 -7.09
N ASP A 45 8.32 2.98 -6.66
CA ASP A 45 9.57 2.88 -7.40
C ASP A 45 10.41 1.72 -6.89
N LYS A 46 11.37 1.29 -7.70
CA LYS A 46 12.24 0.19 -7.32
C LYS A 46 13.07 0.57 -6.11
N ASP A 47 13.65 -0.42 -5.44
CA ASP A 47 14.47 -0.18 -4.27
C ASP A 47 13.65 0.47 -3.16
N VAL A 48 12.38 0.05 -3.05
CA VAL A 48 11.50 0.61 -2.03
C VAL A 48 11.14 -0.47 -1.01
N THR A 49 11.41 -0.18 0.26
CA THR A 49 11.11 -1.12 1.33
C THR A 49 9.65 -0.99 1.76
N LEU A 50 9.20 -1.93 2.59
CA LEU A 50 7.82 -1.92 3.06
C LEU A 50 7.54 -0.64 3.84
N ASP A 51 8.51 -0.22 4.65
CA ASP A 51 8.33 0.98 5.46
C ASP A 51 7.94 2.16 4.57
N GLU A 52 8.69 2.37 3.50
CA GLU A 52 8.41 3.46 2.58
C GLU A 52 7.05 3.26 1.93
N LEU A 53 6.73 2.01 1.62
CA LEU A 53 5.44 1.70 1.00
C LEU A 53 4.31 2.07 1.95
N LEU A 54 4.41 1.63 3.18
CA LEU A 54 3.37 1.92 4.17
C LEU A 54 3.11 3.42 4.22
N ASP A 55 4.18 4.19 4.17
CA ASP A 55 4.05 5.65 4.21
C ASP A 55 3.27 6.14 2.99
N VAL A 56 3.63 5.66 1.81
CA VAL A 56 2.96 6.06 0.58
C VAL A 56 1.51 5.58 0.58
N VAL A 57 1.31 4.34 1.01
CA VAL A 57 -0.02 3.76 1.06
C VAL A 57 -0.91 4.55 2.01
N LEU A 58 -0.37 4.88 3.18
CA LEU A 58 -1.12 5.64 4.16
C LEU A 58 -1.52 6.99 3.57
N ASP A 59 -0.57 7.66 2.93
CA ASP A 59 -0.83 8.97 2.33
C ASP A 59 -2.02 8.87 1.38
N ALA A 60 -2.04 7.81 0.57
CA ALA A 60 -3.14 7.61 -0.38
C ALA A 60 -4.46 7.47 0.38
N VAL A 61 -4.43 6.78 1.51
CA VAL A 61 -5.64 6.58 2.31
C VAL A 61 -6.15 7.93 2.84
N GLU A 62 -5.23 8.77 3.29
CA GLU A 62 -5.61 10.07 3.82
C GLU A 62 -6.11 10.98 2.71
N SER A 63 -5.37 11.03 1.60
CA SER A 63 -5.74 11.87 0.48
C SER A 63 -7.09 11.44 -0.09
N THR A 64 -7.32 10.14 -0.12
CA THR A 64 -8.58 9.61 -0.64
C THR A 64 -9.72 9.86 0.33
N LEU A 65 -9.69 9.17 1.47
CA LEU A 65 -10.72 9.33 2.48
C LEU A 65 -10.21 10.17 3.64
N SER A 66 -10.55 11.46 3.62
CA SER A 66 -10.14 12.37 4.67
C SER A 66 -11.01 12.18 5.92
N PRO A 67 -12.31 12.13 5.73
CA PRO A 67 -13.28 11.99 6.85
C PRO A 67 -13.41 10.53 7.29
N CYS A 68 -13.45 10.32 8.61
CA CYS A 68 -13.61 8.96 9.14
C CYS A 68 -14.66 8.93 10.24
N LYS A 69 -14.68 9.97 11.07
CA LYS A 69 -15.66 10.06 12.15
C LYS A 69 -17.05 10.33 11.60
N GLU A 70 -17.12 10.66 10.31
CA GLU A 70 -18.39 10.96 9.67
C GLU A 70 -19.20 9.69 9.48
N HIS A 71 -18.53 8.61 9.12
CA HIS A 71 -19.22 7.33 8.90
C HIS A 71 -19.00 6.42 10.10
N ASP A 72 -20.05 6.24 10.90
CA ASP A 72 -19.96 5.39 12.08
C ASP A 72 -19.70 3.94 11.66
N VAL A 73 -20.31 3.52 10.56
CA VAL A 73 -20.15 2.16 10.08
C VAL A 73 -18.68 1.90 9.74
N ILE A 74 -18.07 2.82 9.02
CA ILE A 74 -16.67 2.68 8.63
C ILE A 74 -15.76 3.33 9.67
N GLY A 75 -16.34 4.12 10.56
CA GLY A 75 -15.58 4.81 11.59
C GLY A 75 -14.76 3.80 12.39
N THR A 76 -14.37 4.19 13.60
CA THR A 76 -13.56 3.32 14.46
C THR A 76 -12.15 3.16 13.90
N LYS A 77 -12.05 3.14 12.58
CA LYS A 77 -10.76 3.01 11.93
C LYS A 77 -9.89 4.22 12.25
N VAL A 78 -10.52 5.30 12.66
CA VAL A 78 -9.78 6.52 12.99
C VAL A 78 -8.90 6.29 14.21
N CYS A 79 -9.48 5.66 15.24
CA CYS A 79 -8.73 5.37 16.46
C CYS A 79 -7.67 4.32 16.19
N ALA A 80 -8.08 3.25 15.52
CA ALA A 80 -7.15 2.17 15.21
C ALA A 80 -6.01 2.67 14.33
N LEU A 81 -6.34 3.52 13.38
CA LEU A 81 -5.34 4.07 12.47
C LEU A 81 -4.33 4.91 13.25
N LEU A 82 -4.83 5.72 14.18
CA LEU A 82 -3.95 6.56 14.98
C LEU A 82 -3.00 5.70 15.81
N ASP A 83 -3.53 4.63 16.38
CA ASP A 83 -2.72 3.74 17.20
C ASP A 83 -1.61 3.13 16.37
N ARG A 84 -1.95 2.70 15.15
CA ARG A 84 -0.96 2.10 14.26
C ARG A 84 0.03 3.16 13.79
N LEU A 85 -0.46 4.37 13.57
CA LEU A 85 0.39 5.46 13.12
C LEU A 85 1.52 5.72 14.12
N ALA A 86 1.16 5.71 15.40
CA ALA A 86 2.15 5.95 16.45
C ALA A 86 2.88 4.66 16.79
N GLY A 87 2.33 3.54 16.31
CA GLY A 87 2.95 2.23 16.57
C GLY A 87 2.68 1.27 15.42
N ASP A 88 3.16 1.63 14.24
CA ASP A 88 2.97 0.78 13.05
C ASP A 88 3.10 -0.69 13.42
N TYR A 89 1.97 -1.33 13.71
CA TYR A 89 1.97 -2.74 14.10
C TYR A 89 1.70 -3.62 12.88
N VAL A 90 2.60 -3.57 11.92
CA VAL A 90 2.44 -4.37 10.71
C VAL A 90 3.79 -4.73 10.12
N TYR A 91 3.94 -5.97 9.67
CA TYR A 91 5.18 -6.43 9.07
C TYR A 91 4.90 -7.18 7.77
N LEU A 92 5.64 -6.82 6.73
CA LEU A 92 5.48 -7.47 5.43
C LEU A 92 6.61 -8.45 5.18
N PHE A 93 6.26 -9.62 4.67
CA PHE A 93 7.28 -10.64 4.37
C PHE A 93 6.77 -11.62 3.33
N ASP A 94 7.68 -12.16 2.52
CA ASP A 94 7.30 -13.11 1.48
C ASP A 94 7.40 -14.54 2.01
N GLU A 95 7.39 -15.51 1.09
CA GLU A 95 7.47 -16.91 1.49
C GLU A 95 8.76 -17.17 2.27
N GLY A 96 9.85 -16.54 1.84
CA GLY A 96 11.14 -16.71 2.51
C GLY A 96 11.03 -16.33 3.98
N GLY A 97 10.21 -15.32 4.26
CA GLY A 97 10.01 -14.87 5.64
C GLY A 97 10.85 -13.64 5.93
N ASP A 98 11.83 -13.36 5.06
CA ASP A 98 12.69 -12.20 5.23
C ASP A 98 12.07 -10.98 4.57
N GLU A 99 11.70 -10.00 5.38
CA GLU A 99 11.09 -8.77 4.85
C GLU A 99 11.83 -8.30 3.60
N VAL A 100 11.40 -8.79 2.45
CA VAL A 100 12.03 -8.42 1.18
C VAL A 100 10.99 -8.31 0.07
N ILE A 101 11.16 -7.33 -0.80
CA ILE A 101 10.23 -7.13 -1.91
C ILE A 101 10.32 -8.29 -2.88
N ALA A 102 9.17 -8.89 -3.19
CA ALA A 102 9.14 -10.02 -4.12
C ALA A 102 7.78 -10.10 -4.81
N PRO A 103 7.68 -10.93 -5.82
CA PRO A 103 6.41 -11.12 -6.56
C PRO A 103 5.20 -11.27 -5.63
N ARG A 104 5.37 -12.03 -4.56
CA ARG A 104 4.28 -12.24 -3.60
C ARG A 104 4.47 -11.34 -2.40
N MET A 105 3.47 -10.53 -2.10
CA MET A 105 3.53 -9.61 -0.96
C MET A 105 2.49 -9.99 0.08
N TYR A 106 2.87 -9.84 1.34
CA TYR A 106 1.97 -10.16 2.45
C TYR A 106 2.21 -9.21 3.62
N CYS A 107 1.38 -8.16 3.70
CA CYS A 107 1.51 -7.18 4.78
C CYS A 107 0.50 -7.46 5.89
N SER A 108 1.02 -7.79 7.07
CA SER A 108 0.15 -8.07 8.22
C SER A 108 0.97 -8.20 9.49
N PHE A 109 0.30 -8.09 10.64
CA PHE A 109 1.00 -8.20 11.91
C PHE A 109 1.61 -9.59 12.05
N SER A 110 0.79 -10.63 11.87
CA SER A 110 1.28 -12.00 11.99
C SER A 110 2.63 -12.14 11.35
N ALA A 111 3.46 -13.04 11.88
CA ALA A 111 4.80 -13.25 11.34
C ALA A 111 4.86 -14.57 10.59
N PRO A 112 5.87 -14.73 9.75
CA PRO A 112 6.06 -15.96 8.96
C PRO A 112 6.15 -17.21 9.84
N ASP A 113 6.66 -17.05 11.05
CA ASP A 113 6.80 -18.16 11.99
C ASP A 113 5.74 -18.04 13.08
N ASP A 114 4.73 -17.20 12.84
CA ASP A 114 3.67 -17.00 13.82
C ASP A 114 4.22 -16.98 15.24
N GLY A 1 15.75 26.93 7.47
CA GLY A 1 15.53 26.50 6.06
C GLY A 1 15.36 24.99 6.02
N LYS A 2 15.80 24.36 4.92
CA LYS A 2 15.67 22.93 4.78
C LYS A 2 16.56 22.20 5.78
N LYS A 3 15.98 21.27 6.53
CA LYS A 3 16.73 20.51 7.52
C LYS A 3 17.64 19.48 6.85
N VAL A 4 17.05 18.69 5.94
CA VAL A 4 17.81 17.65 5.24
C VAL A 4 18.38 18.21 3.94
N GLU A 5 19.46 17.60 3.48
CA GLU A 5 20.11 18.04 2.25
C GLU A 5 19.21 17.78 1.05
N PHE A 6 19.41 18.55 -0.02
CA PHE A 6 18.61 18.39 -1.23
C PHE A 6 18.96 17.08 -1.92
N ASN A 7 18.70 17.01 -3.23
CA ASN A 7 18.99 15.81 -4.01
C ASN A 7 18.22 14.63 -3.44
N ASP A 8 16.90 14.66 -3.59
CA ASP A 8 16.05 13.57 -3.08
C ASP A 8 14.97 13.22 -4.11
N LYS A 9 13.72 13.14 -3.64
CA LYS A 9 12.62 12.80 -4.51
C LYS A 9 12.69 13.61 -5.82
N PRO A 10 12.65 12.97 -6.98
CA PRO A 10 12.70 13.70 -8.28
C PRO A 10 11.38 14.39 -8.62
N LYS A 11 11.44 15.71 -8.80
CA LYS A 11 10.26 16.50 -9.13
C LYS A 11 10.06 16.52 -10.63
N VAL A 12 9.35 17.54 -11.13
CA VAL A 12 9.08 17.67 -12.55
C VAL A 12 8.64 16.34 -13.16
N ARG A 13 9.62 15.49 -13.46
CA ARG A 13 9.33 14.18 -14.03
C ARG A 13 8.50 13.35 -13.06
N LYS A 14 7.88 12.30 -13.59
CA LYS A 14 7.05 11.42 -12.78
C LYS A 14 7.88 10.74 -11.71
N ILE A 15 7.21 9.98 -10.84
CA ILE A 15 7.89 9.28 -9.76
C ILE A 15 9.17 8.60 -10.28
N PRO A 16 10.08 8.20 -9.40
CA PRO A 16 11.34 7.51 -9.80
C PRO A 16 11.08 6.28 -10.67
N SER A 17 11.81 5.19 -10.39
CA SER A 17 11.66 3.94 -11.13
C SER A 17 10.53 3.10 -10.55
N THR A 18 9.73 3.71 -9.68
CA THR A 18 8.62 2.99 -9.05
C THR A 18 7.39 3.05 -9.93
N ARG A 19 6.62 1.96 -9.95
CA ARG A 19 5.41 1.90 -10.78
C ARG A 19 4.24 1.37 -9.94
N LYS A 20 3.05 1.88 -10.25
CA LYS A 20 1.86 1.45 -9.53
C LYS A 20 1.32 0.16 -10.11
N ILE A 21 0.85 -0.73 -9.21
CA ILE A 21 0.32 -2.03 -9.62
C ILE A 21 -1.03 -2.29 -8.95
N LYS A 22 -1.91 -2.98 -9.65
CA LYS A 22 -3.23 -3.31 -9.11
C LYS A 22 -3.29 -4.80 -8.76
N ILE A 23 -2.90 -5.12 -7.52
CA ILE A 23 -2.90 -6.52 -7.07
C ILE A 23 -4.11 -6.77 -6.16
N THR A 24 -4.86 -7.81 -6.48
CA THR A 24 -6.03 -8.16 -5.69
C THR A 24 -5.62 -8.63 -4.30
N PHE A 25 -6.39 -8.24 -3.30
CA PHE A 25 -6.11 -8.62 -1.91
C PHE A 25 -7.23 -9.51 -1.36
N ALA A 26 -6.82 -10.58 -0.69
CA ALA A 26 -7.76 -11.52 -0.08
C ALA A 26 -7.26 -11.91 1.31
N LEU A 27 -8.19 -12.08 2.25
CA LEU A 27 -7.85 -12.46 3.63
C LEU A 27 -7.09 -11.36 4.33
N ASP A 28 -7.59 -10.13 4.21
CA ASP A 28 -6.96 -8.98 4.85
C ASP A 28 -8.00 -8.20 5.66
N ALA A 29 -9.17 -8.80 5.87
CA ALA A 29 -10.24 -8.17 6.65
C ALA A 29 -10.30 -6.66 6.41
N THR A 30 -10.13 -5.88 7.48
CA THR A 30 -10.16 -4.43 7.36
C THR A 30 -9.25 -3.99 6.23
N PHE A 31 -7.97 -4.32 6.34
CA PHE A 31 -7.00 -3.93 5.31
C PHE A 31 -7.61 -4.09 3.92
N ASP A 32 -8.28 -5.21 3.69
CA ASP A 32 -8.90 -5.45 2.40
C ASP A 32 -9.85 -4.32 2.05
N SER A 33 -10.75 -4.01 2.97
CA SER A 33 -11.72 -2.93 2.75
C SER A 33 -11.04 -1.57 2.72
N VAL A 34 -10.08 -1.36 3.63
CA VAL A 34 -9.40 -0.08 3.72
C VAL A 34 -8.61 0.22 2.44
N LEU A 35 -7.77 -0.73 2.03
CA LEU A 35 -6.97 -0.55 0.81
C LEU A 35 -7.86 -0.50 -0.42
N SER A 36 -8.86 -1.37 -0.47
CA SER A 36 -9.77 -1.42 -1.60
C SER A 36 -10.48 -0.09 -1.78
N LYS A 37 -10.93 0.49 -0.67
CA LYS A 37 -11.64 1.76 -0.70
C LYS A 37 -10.67 2.93 -0.83
N ALA A 38 -9.45 2.74 -0.35
CA ALA A 38 -8.44 3.79 -0.39
C ALA A 38 -7.82 3.89 -1.79
N CYS A 39 -7.00 2.91 -2.13
CA CYS A 39 -6.35 2.91 -3.44
C CYS A 39 -6.05 1.48 -3.88
N SER A 40 -6.91 0.95 -4.74
CA SER A 40 -6.72 -0.41 -5.24
C SER A 40 -5.32 -0.58 -5.80
N GLU A 41 -4.76 0.51 -6.32
CA GLU A 41 -3.40 0.49 -6.88
C GLU A 41 -2.38 0.70 -5.77
N PHE A 42 -1.22 0.05 -5.88
CA PHE A 42 -0.17 0.18 -4.87
C PHE A 42 1.17 0.49 -5.54
N GLU A 43 1.93 1.39 -4.94
CA GLU A 43 3.23 1.76 -5.48
C GLU A 43 4.27 0.70 -5.16
N VAL A 44 5.10 0.36 -6.16
CA VAL A 44 6.15 -0.64 -5.96
C VAL A 44 7.42 -0.23 -6.70
N ASP A 45 8.57 -0.72 -6.21
CA ASP A 45 9.85 -0.41 -6.84
C ASP A 45 10.83 -1.57 -6.66
N LYS A 46 11.69 -1.77 -7.65
CA LYS A 46 12.68 -2.85 -7.59
C LYS A 46 13.26 -2.97 -6.19
N ASP A 47 13.27 -1.85 -5.45
CA ASP A 47 13.80 -1.82 -4.09
C ASP A 47 12.89 -1.00 -3.19
N VAL A 48 11.93 -1.67 -2.57
CA VAL A 48 10.99 -1.00 -1.66
C VAL A 48 10.74 -1.86 -0.43
N THR A 49 10.29 -1.23 0.64
CA THR A 49 10.01 -1.94 1.90
C THR A 49 8.55 -1.75 2.30
N LEU A 50 7.92 -2.83 2.75
CA LEU A 50 6.52 -2.79 3.17
C LEU A 50 6.21 -1.49 3.90
N ASP A 51 7.24 -0.90 4.49
CA ASP A 51 7.08 0.35 5.22
C ASP A 51 6.53 1.42 4.31
N GLU A 52 7.04 1.47 3.09
CA GLU A 52 6.56 2.45 2.12
C GLU A 52 5.11 2.18 1.77
N LEU A 53 4.72 0.90 1.77
CA LEU A 53 3.34 0.53 1.46
C LEU A 53 2.40 1.13 2.49
N LEU A 54 2.78 1.05 3.76
CA LEU A 54 1.94 1.61 4.81
C LEU A 54 1.93 3.15 4.73
N ASP A 55 3.10 3.74 4.48
CA ASP A 55 3.22 5.18 4.38
C ASP A 55 2.44 5.75 3.19
N VAL A 56 2.55 5.10 2.04
CA VAL A 56 1.86 5.58 0.85
C VAL A 56 0.37 5.34 0.95
N VAL A 57 -0.01 4.19 1.49
CA VAL A 57 -1.42 3.85 1.63
C VAL A 57 -2.11 4.87 2.54
N LEU A 58 -1.51 5.14 3.68
CA LEU A 58 -2.10 6.10 4.60
C LEU A 58 -2.14 7.48 3.96
N ASP A 59 -0.98 7.94 3.48
CA ASP A 59 -0.90 9.25 2.84
C ASP A 59 -1.96 9.35 1.75
N ALA A 60 -2.16 8.27 1.01
CA ALA A 60 -3.15 8.25 -0.06
C ALA A 60 -4.54 8.48 0.51
N VAL A 61 -4.83 7.85 1.65
CA VAL A 61 -6.14 8.00 2.27
C VAL A 61 -6.37 9.46 2.69
N GLU A 62 -5.36 10.05 3.33
CA GLU A 62 -5.46 11.42 3.80
C GLU A 62 -5.54 12.38 2.63
N SER A 63 -4.71 12.14 1.62
CA SER A 63 -4.69 12.99 0.45
C SER A 63 -6.03 12.97 -0.26
N THR A 64 -6.57 11.77 -0.47
CA THR A 64 -7.86 11.63 -1.13
C THR A 64 -8.98 12.03 -0.19
N LEU A 65 -9.30 11.13 0.75
CA LEU A 65 -10.37 11.40 1.72
C LEU A 65 -9.79 11.63 3.10
N SER A 66 -9.86 12.87 3.56
CA SER A 66 -9.34 13.22 4.88
C SER A 66 -10.32 12.76 5.97
N PRO A 67 -11.60 12.99 5.77
CA PRO A 67 -12.65 12.59 6.75
C PRO A 67 -12.68 11.07 6.98
N CYS A 68 -12.70 10.67 8.25
CA CYS A 68 -12.74 9.25 8.60
C CYS A 68 -13.78 8.99 9.69
N LYS A 69 -13.64 9.70 10.80
CA LYS A 69 -14.57 9.56 11.92
C LYS A 69 -15.95 10.09 11.55
N GLU A 70 -16.02 10.83 10.45
CA GLU A 70 -17.30 11.38 10.00
C GLU A 70 -18.14 10.30 9.35
N HIS A 71 -17.74 9.04 9.53
CA HIS A 71 -18.47 7.91 8.95
C HIS A 71 -18.82 6.90 10.03
N ASP A 72 -20.02 7.03 10.59
CA ASP A 72 -20.47 6.12 11.64
C ASP A 72 -20.56 4.70 11.10
N VAL A 73 -20.93 4.57 9.84
CA VAL A 73 -21.05 3.25 9.22
C VAL A 73 -19.70 2.54 9.23
N ILE A 74 -18.64 3.28 8.85
CA ILE A 74 -17.29 2.70 8.83
C ILE A 74 -16.72 2.63 10.24
N GLY A 75 -16.59 3.80 10.88
CA GLY A 75 -16.06 3.87 12.24
C GLY A 75 -14.78 3.03 12.35
N THR A 76 -14.14 3.09 13.52
CA THR A 76 -12.90 2.34 13.72
C THR A 76 -11.81 2.82 12.75
N LYS A 77 -12.23 3.41 11.63
CA LYS A 77 -11.29 3.89 10.63
C LYS A 77 -10.32 4.88 11.27
N VAL A 78 -10.87 5.98 11.75
CA VAL A 78 -10.05 7.02 12.36
C VAL A 78 -9.14 6.42 13.43
N CYS A 79 -9.65 5.39 14.10
CA CYS A 79 -8.88 4.72 15.13
C CYS A 79 -7.69 3.97 14.52
N ALA A 80 -7.98 3.16 13.51
CA ALA A 80 -6.94 2.39 12.84
C ALA A 80 -5.95 3.31 12.12
N LEU A 81 -6.49 4.36 11.51
CA LEU A 81 -5.65 5.32 10.78
C LEU A 81 -4.71 6.02 11.76
N LEU A 82 -5.22 6.38 12.93
CA LEU A 82 -4.41 7.05 13.93
C LEU A 82 -3.29 6.12 14.38
N ASP A 83 -3.63 4.85 14.61
CA ASP A 83 -2.64 3.87 15.04
C ASP A 83 -1.50 3.78 14.01
N ARG A 84 -1.88 3.66 12.74
CA ARG A 84 -0.89 3.58 11.67
C ARG A 84 -0.08 4.86 11.58
N LEU A 85 -0.73 5.99 11.82
CA LEU A 85 -0.05 7.28 11.75
C LEU A 85 1.06 7.35 12.79
N ALA A 86 0.80 6.78 13.96
CA ALA A 86 1.80 6.79 15.03
C ALA A 86 3.08 6.13 14.55
N GLY A 87 2.96 5.24 13.58
CA GLY A 87 4.14 4.54 13.05
C GLY A 87 3.73 3.45 12.08
N ASP A 88 3.04 2.44 12.60
CA ASP A 88 2.59 1.32 11.76
C ASP A 88 1.71 0.37 12.58
N TYR A 89 1.25 -0.69 11.93
CA TYR A 89 0.40 -1.67 12.59
C TYR A 89 0.44 -3.00 11.86
N VAL A 90 -0.14 -3.03 10.66
CA VAL A 90 -0.18 -4.25 9.85
C VAL A 90 1.17 -4.48 9.16
N TYR A 91 1.43 -5.73 8.81
CA TYR A 91 2.68 -6.10 8.14
C TYR A 91 2.43 -7.20 7.11
N LEU A 92 3.32 -7.26 6.13
CA LEU A 92 3.20 -8.25 5.05
C LEU A 92 4.48 -9.04 4.93
N PHE A 93 4.37 -10.26 4.41
CA PHE A 93 5.53 -11.12 4.23
C PHE A 93 5.32 -12.06 3.05
N ASP A 94 6.41 -12.38 2.35
CA ASP A 94 6.33 -13.26 1.19
C ASP A 94 6.27 -14.71 1.63
N GLU A 95 5.95 -15.60 0.68
CA GLU A 95 5.86 -17.01 0.98
C GLU A 95 7.14 -17.50 1.67
N GLY A 96 8.15 -16.64 1.70
CA GLY A 96 9.43 -16.98 2.34
C GLY A 96 9.43 -16.59 3.80
N GLY A 97 9.54 -15.30 4.08
CA GLY A 97 9.55 -14.82 5.45
C GLY A 97 10.15 -13.43 5.54
N ASP A 98 11.06 -13.12 4.61
CA ASP A 98 11.71 -11.82 4.60
C ASP A 98 10.71 -10.74 4.20
N GLU A 99 10.77 -9.60 4.88
CA GLU A 99 9.86 -8.49 4.59
C GLU A 99 10.28 -7.78 3.31
N VAL A 100 9.76 -8.25 2.18
CA VAL A 100 10.08 -7.67 0.88
C VAL A 100 8.89 -7.78 -0.07
N ILE A 101 8.79 -6.81 -0.97
CA ILE A 101 7.70 -6.80 -1.95
C ILE A 101 8.05 -7.70 -3.14
N ALA A 102 7.13 -8.61 -3.49
CA ALA A 102 7.36 -9.52 -4.60
C ALA A 102 6.04 -9.85 -5.30
N PRO A 103 6.10 -10.50 -6.44
CA PRO A 103 4.88 -10.88 -7.22
C PRO A 103 3.81 -11.54 -6.33
N ARG A 104 4.25 -12.46 -5.47
CA ARG A 104 3.34 -13.17 -4.57
C ARG A 104 3.52 -12.66 -3.14
N MET A 105 2.89 -11.54 -2.84
CA MET A 105 2.98 -10.95 -1.50
C MET A 105 1.69 -11.19 -0.74
N TYR A 106 1.76 -11.06 0.58
CA TYR A 106 0.59 -11.25 1.42
C TYR A 106 0.60 -10.25 2.56
N CYS A 107 -0.37 -9.32 2.56
CA CYS A 107 -0.46 -8.29 3.59
C CYS A 107 -1.55 -8.63 4.60
N SER A 108 -1.18 -8.59 5.88
CA SER A 108 -2.14 -8.90 6.94
C SER A 108 -1.53 -8.68 8.32
N PHE A 109 -2.22 -9.18 9.35
CA PHE A 109 -1.73 -9.04 10.72
C PHE A 109 -1.17 -10.38 11.19
N SER A 110 -0.72 -11.19 10.25
CA SER A 110 -0.15 -12.51 10.57
C SER A 110 1.33 -12.54 10.19
N ALA A 111 2.06 -13.50 10.76
CA ALA A 111 3.49 -13.64 10.50
C ALA A 111 3.77 -14.89 9.66
N PRO A 112 4.97 -15.05 9.18
CA PRO A 112 5.36 -16.25 8.36
C PRO A 112 5.01 -17.57 9.04
N ASP A 113 5.23 -17.63 10.36
CA ASP A 113 4.94 -18.84 11.13
C ASP A 113 3.82 -18.59 12.14
N ASP A 114 2.81 -17.82 11.70
CA ASP A 114 1.67 -17.51 12.57
C ASP A 114 1.19 -18.77 13.28
N GLY A 1 21.58 13.51 -30.79
CA GLY A 1 22.72 14.00 -29.96
C GLY A 1 22.41 15.39 -29.44
N LYS A 2 21.17 15.84 -29.64
CA LYS A 2 20.76 17.16 -29.19
C LYS A 2 20.73 17.22 -27.66
N LYS A 3 21.38 18.22 -27.08
CA LYS A 3 21.40 18.38 -25.64
C LYS A 3 20.14 19.06 -25.16
N VAL A 4 19.12 18.27 -24.84
CA VAL A 4 17.85 18.80 -24.36
C VAL A 4 17.22 17.85 -23.35
N GLU A 5 16.57 18.43 -22.34
CA GLU A 5 15.93 17.63 -21.30
C GLU A 5 14.90 16.69 -21.92
N PHE A 6 14.68 16.82 -23.23
CA PHE A 6 13.72 15.98 -23.93
C PHE A 6 13.88 14.53 -23.50
N ASN A 7 12.75 13.87 -23.23
CA ASN A 7 12.77 12.47 -22.81
C ASN A 7 11.45 12.11 -22.12
N ASP A 8 10.79 13.11 -21.55
CA ASP A 8 9.53 12.88 -20.85
C ASP A 8 9.69 11.78 -19.80
N LYS A 9 8.72 11.68 -18.91
CA LYS A 9 8.78 10.67 -17.85
C LYS A 9 8.41 9.30 -18.40
N PRO A 10 8.86 8.26 -17.73
CA PRO A 10 8.56 6.86 -18.14
C PRO A 10 7.13 6.45 -17.80
N LYS A 11 6.29 7.42 -17.50
CA LYS A 11 4.91 7.14 -17.14
C LYS A 11 4.14 6.62 -18.34
N VAL A 12 4.22 7.33 -19.46
CA VAL A 12 3.52 6.92 -20.67
C VAL A 12 4.38 6.00 -21.51
N ARG A 13 5.38 5.39 -20.89
CA ARG A 13 6.27 4.48 -21.60
C ARG A 13 6.55 3.25 -20.75
N LYS A 14 6.78 2.12 -21.42
CA LYS A 14 7.07 0.87 -20.72
C LYS A 14 8.21 1.06 -19.74
N ILE A 15 7.87 1.28 -18.48
CA ILE A 15 8.87 1.47 -17.44
C ILE A 15 10.01 0.46 -17.59
N PRO A 16 11.17 0.80 -17.10
CA PRO A 16 12.35 -0.10 -17.16
C PRO A 16 12.18 -1.36 -16.30
N SER A 17 12.57 -1.26 -15.04
CA SER A 17 12.46 -2.39 -14.11
C SER A 17 11.44 -2.08 -13.02
N THR A 18 10.86 -0.89 -13.08
CA THR A 18 9.86 -0.49 -12.09
C THR A 18 8.48 -0.94 -12.53
N ARG A 19 7.52 -0.88 -11.59
CA ARG A 19 6.15 -1.30 -11.89
C ARG A 19 5.19 -0.67 -10.92
N LYS A 20 3.90 -0.93 -11.10
CA LYS A 20 2.86 -0.38 -10.22
C LYS A 20 2.13 -1.50 -9.50
N ILE A 21 1.81 -1.26 -8.23
CA ILE A 21 1.11 -2.26 -7.42
C ILE A 21 -0.38 -1.93 -7.36
N LYS A 22 -1.21 -2.98 -7.41
CA LYS A 22 -2.66 -2.80 -7.36
C LYS A 22 -3.27 -3.77 -6.36
N ILE A 23 -2.43 -4.50 -5.64
CA ILE A 23 -2.91 -5.46 -4.64
C ILE A 23 -2.55 -5.00 -3.25
N THR A 24 -3.55 -4.91 -2.39
CA THR A 24 -3.33 -4.49 -1.01
C THR A 24 -4.17 -5.33 -0.05
N PHE A 25 -3.63 -5.57 1.15
CA PHE A 25 -4.34 -6.36 2.14
C PHE A 25 -5.60 -5.63 2.60
N ALA A 26 -6.69 -6.37 2.73
CA ALA A 26 -7.96 -5.78 3.17
C ALA A 26 -8.60 -6.62 4.26
N LEU A 27 -9.05 -5.96 5.32
CA LEU A 27 -9.68 -6.66 6.43
C LEU A 27 -11.01 -7.27 6.00
N ASP A 28 -11.76 -6.53 5.19
CA ASP A 28 -13.05 -7.01 4.71
C ASP A 28 -13.47 -6.26 3.45
N ALA A 29 -14.71 -6.48 3.03
CA ALA A 29 -15.22 -5.82 1.82
C ALA A 29 -15.15 -4.30 1.97
N THR A 30 -15.59 -3.80 3.12
CA THR A 30 -15.59 -2.36 3.37
C THR A 30 -14.16 -1.82 3.31
N PHE A 31 -13.28 -2.43 4.10
CA PHE A 31 -11.88 -2.00 4.15
C PHE A 31 -11.24 -2.16 2.77
N ASP A 32 -11.75 -3.11 1.99
CA ASP A 32 -11.22 -3.35 0.65
C ASP A 32 -11.54 -2.18 -0.28
N SER A 33 -12.78 -1.70 -0.22
CA SER A 33 -13.19 -0.58 -1.06
C SER A 33 -12.49 0.70 -0.61
N VAL A 34 -12.30 0.84 0.69
CA VAL A 34 -11.65 2.03 1.24
C VAL A 34 -10.23 2.15 0.71
N LEU A 35 -9.47 1.06 0.81
CA LEU A 35 -8.09 1.05 0.33
C LEU A 35 -8.04 1.25 -1.18
N SER A 36 -8.95 0.57 -1.88
CA SER A 36 -8.98 0.67 -3.33
C SER A 36 -9.26 2.11 -3.77
N LYS A 37 -10.22 2.74 -3.12
CA LYS A 37 -10.59 4.11 -3.44
C LYS A 37 -9.53 5.08 -2.92
N ALA A 38 -8.85 4.68 -1.86
CA ALA A 38 -7.83 5.53 -1.25
C ALA A 38 -6.72 5.83 -2.27
N CYS A 39 -6.51 4.91 -3.19
CA CYS A 39 -5.47 5.07 -4.21
C CYS A 39 -5.72 4.15 -5.38
N SER A 40 -6.26 2.97 -5.10
CA SER A 40 -6.53 1.99 -6.15
C SER A 40 -5.24 1.42 -6.72
N GLU A 41 -4.27 2.30 -6.94
CA GLU A 41 -2.98 1.87 -7.48
C GLU A 41 -1.88 2.85 -7.06
N PHE A 42 -0.70 2.31 -6.79
CA PHE A 42 0.44 3.14 -6.39
C PHE A 42 1.69 2.75 -7.16
N GLU A 43 2.43 3.76 -7.63
CA GLU A 43 3.66 3.50 -8.37
C GLU A 43 4.72 2.90 -7.46
N VAL A 44 5.40 1.87 -7.96
CA VAL A 44 6.45 1.21 -7.18
C VAL A 44 7.76 1.22 -7.95
N ASP A 45 8.85 1.56 -7.25
CA ASP A 45 10.17 1.61 -7.87
C ASP A 45 11.26 1.38 -6.83
N LYS A 46 12.47 1.08 -7.30
CA LYS A 46 13.59 0.83 -6.40
C LYS A 46 14.01 2.13 -5.75
N ASP A 47 13.59 2.31 -4.49
CA ASP A 47 13.93 3.53 -3.75
C ASP A 47 13.01 3.68 -2.54
N VAL A 48 11.71 3.49 -2.76
CA VAL A 48 10.73 3.63 -1.69
C VAL A 48 10.32 2.26 -1.16
N THR A 49 10.73 1.97 0.06
CA THR A 49 10.41 0.69 0.68
C THR A 49 9.06 0.78 1.40
N LEU A 50 8.57 -0.37 1.88
CA LEU A 50 7.30 -0.41 2.57
C LEU A 50 7.19 0.75 3.55
N ASP A 51 8.32 1.20 4.09
CA ASP A 51 8.33 2.30 5.04
C ASP A 51 7.78 3.57 4.39
N GLU A 52 8.33 3.92 3.23
CA GLU A 52 7.88 5.11 2.52
C GLU A 52 6.44 4.93 2.06
N LEU A 53 6.11 3.73 1.61
CA LEU A 53 4.76 3.44 1.15
C LEU A 53 3.77 3.60 2.31
N LEU A 54 4.18 3.16 3.49
CA LEU A 54 3.32 3.26 4.67
C LEU A 54 3.02 4.73 4.98
N ASP A 55 4.05 5.56 4.91
CA ASP A 55 3.87 6.98 5.20
C ASP A 55 3.10 7.66 4.07
N VAL A 56 3.34 7.20 2.84
CA VAL A 56 2.67 7.78 1.68
C VAL A 56 1.20 7.36 1.63
N VAL A 57 0.97 6.06 1.66
CA VAL A 57 -0.39 5.54 1.60
C VAL A 57 -1.23 6.14 2.71
N LEU A 58 -0.66 6.19 3.91
CA LEU A 58 -1.38 6.77 5.04
C LEU A 58 -1.69 8.24 4.78
N ASP A 59 -0.66 9.01 4.49
CA ASP A 59 -0.84 10.44 4.22
C ASP A 59 -1.90 10.63 3.14
N ALA A 60 -1.84 9.80 2.11
CA ALA A 60 -2.80 9.89 1.01
C ALA A 60 -4.21 9.54 1.51
N VAL A 61 -4.30 8.53 2.37
CA VAL A 61 -5.59 8.12 2.91
C VAL A 61 -6.18 9.22 3.78
N GLU A 62 -5.36 9.78 4.65
CA GLU A 62 -5.82 10.83 5.55
C GLU A 62 -6.20 12.08 4.76
N SER A 63 -5.33 12.49 3.84
CA SER A 63 -5.59 13.67 3.03
C SER A 63 -6.81 13.46 2.14
N THR A 64 -6.79 12.39 1.36
CA THR A 64 -7.90 12.10 0.46
C THR A 64 -9.16 11.76 1.25
N LEU A 65 -9.18 10.57 1.85
CA LEU A 65 -10.34 10.15 2.64
C LEU A 65 -10.00 10.14 4.12
N SER A 66 -10.08 11.32 4.74
CA SER A 66 -9.80 11.43 6.17
C SER A 66 -10.99 10.95 7.00
N PRO A 67 -12.18 11.35 6.61
CA PRO A 67 -13.43 10.96 7.32
C PRO A 67 -13.68 9.46 7.27
N CYS A 68 -13.73 8.84 8.44
CA CYS A 68 -13.96 7.39 8.53
C CYS A 68 -15.01 7.08 9.59
N LYS A 69 -15.25 8.04 10.48
CA LYS A 69 -16.21 7.84 11.55
C LYS A 69 -17.62 7.72 10.99
N GLU A 70 -17.81 8.21 9.77
CA GLU A 70 -19.11 8.16 9.12
C GLU A 70 -19.36 6.78 8.52
N HIS A 71 -18.76 5.76 9.12
CA HIS A 71 -18.92 4.38 8.64
C HIS A 71 -19.39 3.47 9.77
N ASP A 72 -19.94 2.33 9.39
CA ASP A 72 -20.42 1.37 10.38
C ASP A 72 -19.27 0.50 10.91
N VAL A 73 -18.71 -0.31 10.02
CA VAL A 73 -17.60 -1.20 10.40
C VAL A 73 -16.28 -0.44 10.39
N ILE A 74 -16.04 0.30 9.32
CA ILE A 74 -14.80 1.06 9.17
C ILE A 74 -14.74 2.16 10.22
N GLY A 75 -15.88 2.46 10.83
CA GLY A 75 -15.94 3.50 11.85
C GLY A 75 -14.84 3.30 12.89
N THR A 76 -14.34 2.06 12.99
CA THR A 76 -13.27 1.75 13.93
C THR A 76 -11.90 2.11 13.35
N LYS A 77 -11.88 2.36 12.05
CA LYS A 77 -10.63 2.72 11.38
C LYS A 77 -10.01 3.93 12.06
N VAL A 78 -10.84 4.83 12.57
CA VAL A 78 -10.33 6.02 13.24
C VAL A 78 -9.46 5.63 14.43
N CYS A 79 -9.97 4.74 15.26
CA CYS A 79 -9.23 4.29 16.43
C CYS A 79 -7.93 3.60 16.00
N ALA A 80 -8.01 2.83 14.92
CA ALA A 80 -6.84 2.14 14.40
C ALA A 80 -5.82 3.14 13.89
N LEU A 81 -6.31 4.22 13.28
CA LEU A 81 -5.43 5.23 12.72
C LEU A 81 -4.56 5.83 13.81
N LEU A 82 -5.18 6.24 14.90
CA LEU A 82 -4.44 6.82 16.01
C LEU A 82 -3.47 5.81 16.59
N ASP A 83 -3.93 4.57 16.71
CA ASP A 83 -3.10 3.51 17.25
C ASP A 83 -1.87 3.32 16.37
N ARG A 84 -2.09 3.24 15.06
CA ARG A 84 -0.99 3.06 14.11
C ARG A 84 -0.07 4.28 14.12
N LEU A 85 -0.67 5.46 14.17
CA LEU A 85 0.08 6.69 14.18
C LEU A 85 0.91 6.80 15.46
N ALA A 86 0.48 6.09 16.49
CA ALA A 86 1.17 6.13 17.78
C ALA A 86 2.64 5.72 17.61
N GLY A 87 2.86 4.70 16.79
CA GLY A 87 4.22 4.22 16.55
C GLY A 87 4.21 2.76 16.11
N ASP A 88 3.33 1.98 16.71
CA ASP A 88 3.22 0.57 16.37
C ASP A 88 2.36 0.37 15.14
N TYR A 89 2.96 -0.15 14.06
CA TYR A 89 2.24 -0.39 12.82
C TYR A 89 2.50 -1.79 12.30
N VAL A 90 1.47 -2.40 11.72
CA VAL A 90 1.60 -3.75 11.19
C VAL A 90 2.81 -3.86 10.28
N TYR A 91 3.52 -4.99 10.37
CA TYR A 91 4.70 -5.19 9.55
C TYR A 91 4.32 -5.78 8.20
N LEU A 92 5.11 -5.48 7.19
CA LEU A 92 4.86 -5.99 5.84
C LEU A 92 6.09 -6.66 5.26
N PHE A 93 5.93 -7.89 4.79
CA PHE A 93 7.05 -8.63 4.20
C PHE A 93 6.56 -9.56 3.10
N ASP A 94 7.42 -9.83 2.13
CA ASP A 94 7.06 -10.71 1.01
C ASP A 94 7.12 -12.17 1.43
N GLU A 95 6.80 -13.06 0.50
CA GLU A 95 6.83 -14.49 0.79
C GLU A 95 8.26 -14.96 1.03
N GLY A 96 9.12 -14.05 1.48
CA GLY A 96 10.52 -14.38 1.76
C GLY A 96 10.92 -13.90 3.15
N GLY A 97 11.29 -12.63 3.25
CA GLY A 97 11.70 -12.05 4.52
C GLY A 97 12.33 -10.68 4.32
N ASP A 98 12.90 -10.46 3.15
CA ASP A 98 13.52 -9.17 2.84
C ASP A 98 12.47 -8.10 2.64
N GLU A 99 12.75 -6.89 3.13
CA GLU A 99 11.81 -5.78 2.99
C GLU A 99 11.73 -5.33 1.54
N VAL A 100 10.82 -5.94 0.79
CA VAL A 100 10.64 -5.59 -0.62
C VAL A 100 9.19 -5.77 -1.04
N ILE A 101 8.67 -4.81 -1.81
CA ILE A 101 7.29 -4.88 -2.26
C ILE A 101 7.17 -5.85 -3.43
N ALA A 102 6.20 -6.76 -3.34
CA ALA A 102 5.99 -7.74 -4.41
C ALA A 102 4.48 -7.95 -4.64
N PRO A 103 4.15 -8.63 -5.70
CA PRO A 103 2.73 -8.93 -6.04
C PRO A 103 1.99 -9.57 -4.87
N ARG A 104 2.67 -10.42 -4.11
CA ARG A 104 2.06 -11.10 -2.97
C ARG A 104 2.94 -10.93 -1.73
N MET A 105 2.35 -10.37 -0.67
CA MET A 105 3.08 -10.15 0.57
C MET A 105 2.12 -10.13 1.76
N TYR A 106 2.60 -10.57 2.92
CA TYR A 106 1.77 -10.58 4.11
C TYR A 106 1.86 -9.24 4.83
N CYS A 107 0.70 -8.69 5.18
CA CYS A 107 0.63 -7.41 5.88
C CYS A 107 -0.19 -7.54 7.17
N SER A 108 0.49 -7.50 8.31
CA SER A 108 -0.19 -7.61 9.59
C SER A 108 0.81 -7.46 10.75
N PHE A 109 0.30 -7.53 11.97
CA PHE A 109 1.16 -7.40 13.15
C PHE A 109 2.06 -8.63 13.28
N SER A 110 1.48 -9.81 13.01
CA SER A 110 2.24 -11.05 13.12
C SER A 110 3.47 -10.99 12.24
N ALA A 111 4.53 -11.69 12.65
CA ALA A 111 5.77 -11.71 11.90
C ALA A 111 5.80 -12.89 10.93
N PRO A 112 6.78 -12.93 10.05
CA PRO A 112 6.93 -14.04 9.07
C PRO A 112 6.91 -15.41 9.74
N ASP A 113 7.55 -15.51 10.90
CA ASP A 113 7.59 -16.77 11.63
C ASP A 113 6.18 -17.23 11.99
N ASP A 114 5.41 -16.32 12.54
CA ASP A 114 4.04 -16.63 12.94
C ASP A 114 4.02 -17.84 13.86
N GLY A 1 11.86 -3.97 -48.87
CA GLY A 1 12.71 -2.80 -48.52
C GLY A 1 11.99 -1.93 -47.50
N LYS A 2 11.52 -2.56 -46.43
CA LYS A 2 10.81 -1.84 -45.37
C LYS A 2 11.81 -1.10 -44.47
N LYS A 3 11.36 0.00 -43.89
CA LYS A 3 12.21 0.78 -42.99
C LYS A 3 12.02 0.35 -41.55
N VAL A 4 11.09 -0.58 -41.34
CA VAL A 4 10.82 -1.09 -40.00
C VAL A 4 10.52 0.06 -39.04
N GLU A 5 10.11 1.19 -39.59
CA GLU A 5 9.79 2.35 -38.79
C GLU A 5 8.43 2.18 -38.13
N PHE A 6 8.13 0.96 -37.71
CA PHE A 6 6.85 0.66 -37.07
C PHE A 6 7.04 0.42 -35.58
N ASN A 7 6.03 -0.18 -34.95
CA ASN A 7 6.07 -0.45 -33.53
C ASN A 7 6.22 0.83 -32.74
N ASP A 8 5.53 0.92 -31.61
CA ASP A 8 5.60 2.11 -30.76
C ASP A 8 6.63 1.92 -29.66
N LYS A 9 7.89 2.19 -29.97
CA LYS A 9 8.96 2.04 -28.98
C LYS A 9 9.88 3.27 -28.97
N PRO A 10 10.40 3.65 -27.82
CA PRO A 10 11.31 4.81 -27.70
C PRO A 10 12.67 4.57 -28.35
N LYS A 11 13.33 3.51 -27.90
CA LYS A 11 14.64 3.16 -28.44
C LYS A 11 15.06 1.77 -27.96
N VAL A 12 16.37 1.48 -28.07
CA VAL A 12 16.88 0.19 -27.64
C VAL A 12 16.69 0.01 -26.14
N ARG A 13 17.17 0.98 -25.36
CA ARG A 13 17.05 0.91 -23.91
C ARG A 13 15.66 0.39 -23.51
N LYS A 14 15.63 -0.78 -22.91
CA LYS A 14 14.36 -1.37 -22.51
C LYS A 14 13.56 -0.37 -21.71
N ILE A 15 12.35 -0.75 -21.36
CA ILE A 15 11.47 0.12 -20.61
C ILE A 15 12.16 0.61 -19.33
N PRO A 16 11.63 1.65 -18.71
CA PRO A 16 12.20 2.20 -17.45
C PRO A 16 12.30 1.14 -16.35
N SER A 17 13.31 1.28 -15.50
CA SER A 17 13.52 0.34 -14.41
C SER A 17 12.39 0.45 -13.40
N THR A 18 11.36 1.20 -13.74
CA THR A 18 10.21 1.38 -12.85
C THR A 18 9.20 0.27 -13.07
N ARG A 19 8.33 0.07 -12.08
CA ARG A 19 7.31 -0.98 -12.17
C ARG A 19 6.03 -0.53 -11.47
N LYS A 20 5.00 -1.38 -11.54
CA LYS A 20 3.72 -1.07 -10.91
C LYS A 20 3.08 -2.34 -10.38
N ILE A 21 2.58 -2.25 -9.14
CA ILE A 21 1.93 -3.38 -8.50
C ILE A 21 0.60 -2.96 -7.88
N LYS A 22 -0.35 -3.89 -7.84
CA LYS A 22 -1.67 -3.62 -7.26
C LYS A 22 -1.88 -4.46 -6.01
N ILE A 23 -1.12 -4.15 -4.96
CA ILE A 23 -1.24 -4.89 -3.70
C ILE A 23 -2.18 -4.17 -2.75
N THR A 24 -3.19 -4.89 -2.28
CA THR A 24 -4.16 -4.32 -1.35
C THR A 24 -4.92 -5.42 -0.63
N PHE A 25 -5.20 -5.20 0.66
CA PHE A 25 -5.94 -6.17 1.46
C PHE A 25 -7.11 -5.50 2.18
N ALA A 26 -8.26 -6.15 2.12
CA ALA A 26 -9.47 -5.63 2.76
C ALA A 26 -10.18 -6.74 3.53
N LEU A 27 -10.75 -6.37 4.68
CA LEU A 27 -11.47 -7.33 5.51
C LEU A 27 -12.97 -7.24 5.25
N ASP A 28 -13.37 -6.28 4.44
CA ASP A 28 -14.78 -6.10 4.10
C ASP A 28 -14.93 -5.44 2.74
N ALA A 29 -16.14 -5.53 2.19
CA ALA A 29 -16.41 -4.92 0.88
C ALA A 29 -16.28 -3.40 0.95
N THR A 30 -16.73 -2.82 2.05
CA THR A 30 -16.66 -1.38 2.22
C THR A 30 -15.22 -0.89 2.17
N PHE A 31 -14.35 -1.59 2.90
CA PHE A 31 -12.93 -1.24 2.93
C PHE A 31 -12.29 -1.45 1.55
N ASP A 32 -12.86 -2.38 0.79
CA ASP A 32 -12.34 -2.66 -0.54
C ASP A 32 -12.70 -1.54 -1.51
N SER A 33 -13.93 -1.04 -1.40
CA SER A 33 -14.40 0.02 -2.28
C SER A 33 -13.63 1.32 -2.03
N VAL A 34 -13.51 1.70 -0.77
CA VAL A 34 -12.79 2.93 -0.42
C VAL A 34 -11.31 2.80 -0.77
N LEU A 35 -10.73 1.64 -0.47
CA LEU A 35 -9.32 1.42 -0.77
C LEU A 35 -9.06 1.49 -2.27
N SER A 36 -9.94 0.87 -3.05
CA SER A 36 -9.80 0.87 -4.50
C SER A 36 -10.01 2.28 -5.05
N LYS A 37 -11.03 2.96 -4.55
CA LYS A 37 -11.33 4.31 -5.01
C LYS A 37 -10.20 5.27 -4.64
N ALA A 38 -9.59 5.03 -3.47
CA ALA A 38 -8.51 5.89 -3.00
C ALA A 38 -7.19 5.50 -3.65
N CYS A 39 -6.79 4.23 -3.47
CA CYS A 39 -5.54 3.74 -4.04
C CYS A 39 -5.73 2.33 -4.61
N SER A 40 -6.02 2.25 -5.91
CA SER A 40 -6.21 0.97 -6.58
C SER A 40 -4.94 0.58 -7.35
N GLU A 41 -3.94 1.45 -7.33
CA GLU A 41 -2.69 1.19 -8.04
C GLU A 41 -1.52 1.77 -7.27
N PHE A 42 -0.52 0.93 -6.98
CA PHE A 42 0.68 1.38 -6.26
C PHE A 42 1.88 1.36 -7.19
N GLU A 43 2.38 2.55 -7.50
CA GLU A 43 3.54 2.68 -8.38
C GLU A 43 4.79 2.20 -7.66
N VAL A 44 5.80 1.80 -8.43
CA VAL A 44 7.07 1.34 -7.87
C VAL A 44 8.24 2.02 -8.55
N ASP A 45 9.11 2.64 -7.74
CA ASP A 45 10.28 3.33 -8.26
C ASP A 45 11.44 3.23 -7.28
N LYS A 46 12.65 3.24 -7.82
CA LYS A 46 13.85 3.14 -6.99
C LYS A 46 14.08 4.44 -6.23
N ASP A 47 13.04 5.28 -6.17
CA ASP A 47 13.13 6.56 -5.47
C ASP A 47 12.24 6.56 -4.23
N VAL A 48 11.50 5.47 -4.03
CA VAL A 48 10.61 5.34 -2.88
C VAL A 48 11.02 4.17 -2.01
N THR A 49 11.10 4.40 -0.71
CA THR A 49 11.49 3.36 0.24
C THR A 49 10.26 2.79 0.94
N LEU A 50 10.38 1.58 1.45
CA LEU A 50 9.27 0.94 2.14
C LEU A 50 8.66 1.88 3.18
N ASP A 51 9.52 2.59 3.91
CA ASP A 51 9.05 3.53 4.92
C ASP A 51 8.16 4.59 4.29
N GLU A 52 8.65 5.19 3.21
CA GLU A 52 7.89 6.21 2.50
C GLU A 52 6.62 5.62 1.92
N LEU A 53 6.72 4.37 1.47
CA LEU A 53 5.55 3.71 0.90
C LEU A 53 4.44 3.59 1.93
N LEU A 54 4.82 3.21 3.15
CA LEU A 54 3.84 3.05 4.22
C LEU A 54 3.20 4.39 4.54
N ASP A 55 3.99 5.44 4.54
CA ASP A 55 3.48 6.77 4.81
C ASP A 55 2.54 7.23 3.69
N VAL A 56 2.95 6.99 2.44
CA VAL A 56 2.15 7.42 1.30
C VAL A 56 0.81 6.68 1.25
N VAL A 57 0.85 5.36 1.32
CA VAL A 57 -0.37 4.58 1.25
C VAL A 57 -1.31 4.98 2.38
N LEU A 58 -0.77 5.09 3.59
CA LEU A 58 -1.60 5.45 4.73
C LEU A 58 -2.13 6.88 4.57
N ASP A 59 -1.23 7.82 4.37
CA ASP A 59 -1.62 9.21 4.24
C ASP A 59 -2.57 9.36 3.06
N ALA A 60 -2.39 8.52 2.05
CA ALA A 60 -3.23 8.57 0.86
C ALA A 60 -4.68 8.22 1.19
N VAL A 61 -4.89 7.03 1.76
CA VAL A 61 -6.23 6.61 2.11
C VAL A 61 -6.79 7.45 3.25
N GLU A 62 -5.97 7.69 4.27
CA GLU A 62 -6.39 8.47 5.42
C GLU A 62 -6.81 9.87 4.98
N SER A 63 -6.03 10.47 4.11
CA SER A 63 -6.34 11.81 3.62
C SER A 63 -7.66 11.80 2.85
N THR A 64 -7.82 10.81 1.96
CA THR A 64 -9.04 10.73 1.16
C THR A 64 -10.23 10.49 2.06
N LEU A 65 -10.14 9.46 2.91
CA LEU A 65 -11.23 9.14 3.83
C LEU A 65 -10.82 9.43 5.28
N SER A 66 -10.76 10.73 5.61
CA SER A 66 -10.39 11.13 6.96
C SER A 66 -11.58 10.93 7.93
N PRO A 67 -12.75 11.37 7.53
CA PRO A 67 -13.97 11.25 8.38
C PRO A 67 -14.61 9.87 8.29
N CYS A 68 -14.46 9.08 9.35
CA CYS A 68 -15.02 7.73 9.39
C CYS A 68 -15.74 7.50 10.71
N LYS A 69 -15.50 8.38 11.68
CA LYS A 69 -16.11 8.26 12.99
C LYS A 69 -17.62 8.07 12.87
N GLU A 70 -18.14 8.19 11.64
CA GLU A 70 -19.56 8.05 11.40
C GLU A 70 -19.99 6.59 11.53
N HIS A 71 -19.12 5.68 11.07
CA HIS A 71 -19.40 4.26 11.16
C HIS A 71 -19.04 3.71 12.53
N ASP A 72 -19.67 2.59 12.91
CA ASP A 72 -19.40 1.98 14.19
C ASP A 72 -18.06 1.24 14.17
N VAL A 73 -17.95 0.26 13.27
CA VAL A 73 -16.72 -0.53 13.15
C VAL A 73 -15.84 0.06 12.04
N ILE A 74 -16.44 0.37 10.91
CA ILE A 74 -15.72 0.93 9.78
C ILE A 74 -15.26 2.36 10.10
N GLY A 75 -15.61 2.83 11.29
CA GLY A 75 -15.25 4.18 11.72
C GLY A 75 -14.14 4.14 12.76
N THR A 76 -14.24 3.19 13.69
CA THR A 76 -13.24 3.06 14.74
C THR A 76 -11.83 3.09 14.15
N LYS A 77 -11.75 2.95 12.83
CA LYS A 77 -10.46 2.96 12.16
C LYS A 77 -9.70 4.23 12.48
N VAL A 78 -10.42 5.34 12.58
CA VAL A 78 -9.78 6.62 12.87
C VAL A 78 -9.05 6.55 14.22
N CYS A 79 -9.73 6.00 15.22
CA CYS A 79 -9.14 5.88 16.54
C CYS A 79 -7.92 4.96 16.51
N ALA A 80 -8.08 3.80 15.89
CA ALA A 80 -6.99 2.84 15.80
C ALA A 80 -5.85 3.42 14.97
N LEU A 81 -6.21 4.18 13.95
CA LEU A 81 -5.22 4.79 13.09
C LEU A 81 -4.35 5.75 13.87
N LEU A 82 -4.97 6.54 14.72
CA LEU A 82 -4.22 7.50 15.52
C LEU A 82 -3.32 6.76 16.50
N ASP A 83 -3.86 5.69 17.09
CA ASP A 83 -3.10 4.91 18.06
C ASP A 83 -1.87 4.26 17.43
N ARG A 84 -2.07 3.58 16.31
CA ARG A 84 -0.98 2.91 15.62
C ARG A 84 -0.04 3.93 14.98
N LEU A 85 -0.63 4.97 14.41
CA LEU A 85 0.15 6.00 13.77
C LEU A 85 1.07 6.69 14.78
N ALA A 86 0.54 6.93 15.98
CA ALA A 86 1.31 7.60 17.01
C ALA A 86 2.23 6.61 17.73
N GLY A 87 1.72 5.41 17.99
CA GLY A 87 2.50 4.38 18.67
C GLY A 87 3.27 3.53 17.68
N ASP A 88 2.58 2.55 17.09
CA ASP A 88 3.20 1.65 16.13
C ASP A 88 2.31 1.45 14.92
N TYR A 89 2.59 2.20 13.86
CA TYR A 89 1.82 2.13 12.63
C TYR A 89 1.78 0.70 12.12
N VAL A 90 2.60 0.41 11.12
CA VAL A 90 2.68 -0.91 10.53
C VAL A 90 4.09 -1.23 10.09
N TYR A 91 4.37 -2.52 9.86
CA TYR A 91 5.69 -2.95 9.42
C TYR A 91 5.59 -3.69 8.11
N LEU A 92 6.57 -3.47 7.23
CA LEU A 92 6.60 -4.13 5.92
C LEU A 92 7.87 -4.93 5.75
N PHE A 93 7.72 -6.21 5.43
CA PHE A 93 8.87 -7.10 5.24
C PHE A 93 8.77 -7.82 3.90
N ASP A 94 9.92 -8.22 3.36
CA ASP A 94 9.96 -8.93 2.09
C ASP A 94 9.49 -10.36 2.25
N GLU A 95 9.44 -11.10 1.14
CA GLU A 95 8.99 -12.48 1.18
C GLU A 95 9.70 -13.24 2.31
N GLY A 96 11.02 -13.28 2.26
CA GLY A 96 11.79 -13.98 3.28
C GLY A 96 11.61 -13.32 4.64
N GLY A 97 11.72 -11.99 4.67
CA GLY A 97 11.56 -11.25 5.92
C GLY A 97 12.38 -9.96 5.89
N ASP A 98 13.28 -9.86 4.92
CA ASP A 98 14.12 -8.67 4.80
C ASP A 98 13.29 -7.45 4.44
N GLU A 99 13.63 -6.30 5.02
CA GLU A 99 12.88 -5.08 4.76
C GLU A 99 13.24 -4.51 3.39
N VAL A 100 12.54 -4.96 2.36
CA VAL A 100 12.78 -4.48 1.00
C VAL A 100 11.50 -4.54 0.18
N ILE A 101 11.26 -3.50 -0.60
CA ILE A 101 10.06 -3.44 -1.44
C ILE A 101 10.09 -4.56 -2.48
N ALA A 102 8.98 -5.28 -2.60
CA ALA A 102 8.90 -6.37 -3.56
C ALA A 102 7.44 -6.58 -4.00
N PRO A 103 7.24 -7.24 -5.11
CA PRO A 103 5.88 -7.53 -5.65
C PRO A 103 5.06 -8.39 -4.69
N ARG A 104 5.75 -9.17 -3.85
CA ARG A 104 5.08 -10.05 -2.89
C ARG A 104 5.55 -9.77 -1.47
N MET A 105 5.38 -8.53 -1.04
CA MET A 105 5.79 -8.12 0.30
C MET A 105 4.58 -8.03 1.21
N TYR A 106 4.76 -8.39 2.47
CA TYR A 106 3.67 -8.33 3.45
C TYR A 106 3.75 -7.03 4.25
N CYS A 107 2.63 -6.30 4.30
CA CYS A 107 2.56 -5.04 5.03
C CYS A 107 1.40 -5.06 6.02
N SER A 108 1.74 -5.07 7.29
CA SER A 108 0.71 -5.08 8.35
C SER A 108 1.34 -4.87 9.72
N PHE A 109 0.50 -4.65 10.73
CA PHE A 109 0.98 -4.43 12.09
C PHE A 109 1.68 -5.68 12.61
N SER A 110 1.04 -6.83 12.42
CA SER A 110 1.61 -8.09 12.89
C SER A 110 2.97 -8.33 12.24
N ALA A 111 3.88 -8.93 13.01
CA ALA A 111 5.21 -9.20 12.50
C ALA A 111 5.21 -10.43 11.59
N PRO A 112 6.30 -10.71 10.91
CA PRO A 112 6.41 -11.88 10.00
C PRO A 112 5.99 -13.18 10.70
N ASP A 113 6.41 -13.35 11.95
CA ASP A 113 6.07 -14.54 12.72
C ASP A 113 4.75 -14.37 13.44
N ASP A 114 4.49 -13.14 13.87
CA ASP A 114 3.26 -12.84 14.59
C ASP A 114 3.05 -13.80 15.75
N GLY A 1 23.55 -8.84 -45.23
CA GLY A 1 23.10 -7.48 -44.80
C GLY A 1 21.80 -7.59 -44.04
N LYS A 2 21.90 -7.79 -42.73
CA LYS A 2 20.72 -7.92 -41.89
C LYS A 2 20.03 -6.57 -41.73
N LYS A 3 18.98 -6.35 -42.52
CA LYS A 3 18.25 -5.09 -42.46
C LYS A 3 17.63 -4.89 -41.08
N VAL A 4 17.00 -5.94 -40.56
CA VAL A 4 16.38 -5.86 -39.24
C VAL A 4 17.42 -6.02 -38.14
N GLU A 5 17.35 -5.17 -37.12
CA GLU A 5 18.29 -5.22 -36.02
C GLU A 5 18.53 -6.66 -35.58
N PHE A 6 19.73 -6.92 -35.06
CA PHE A 6 20.07 -8.27 -34.61
C PHE A 6 19.30 -8.61 -33.34
N ASN A 7 19.52 -7.83 -32.29
CA ASN A 7 18.85 -8.06 -31.02
C ASN A 7 19.34 -7.07 -29.97
N ASP A 8 18.43 -6.21 -29.50
CA ASP A 8 18.78 -5.22 -28.48
C ASP A 8 17.57 -4.90 -27.61
N LYS A 9 16.54 -4.35 -28.23
CA LYS A 9 15.35 -3.99 -27.50
C LYS A 9 14.79 -5.20 -26.74
N PRO A 10 14.18 -4.98 -25.60
CA PRO A 10 13.60 -6.07 -24.77
C PRO A 10 12.36 -6.67 -25.42
N LYS A 11 12.45 -7.94 -25.81
CA LYS A 11 11.33 -8.64 -26.45
C LYS A 11 10.49 -7.66 -27.28
N VAL A 12 9.26 -7.43 -26.82
CA VAL A 12 8.36 -6.50 -27.50
C VAL A 12 7.71 -5.55 -26.51
N ARG A 13 8.30 -5.43 -25.32
CA ARG A 13 7.76 -4.54 -24.29
C ARG A 13 8.90 -3.79 -23.60
N LYS A 14 8.68 -2.50 -23.37
CA LYS A 14 9.69 -1.67 -22.71
C LYS A 14 9.83 -2.08 -21.26
N ILE A 15 11.07 -2.04 -20.77
CA ILE A 15 11.36 -2.42 -19.38
C ILE A 15 11.77 -1.17 -18.57
N PRO A 16 10.85 -0.57 -17.86
CA PRO A 16 11.13 0.65 -17.05
C PRO A 16 11.85 0.31 -15.74
N SER A 17 12.60 1.28 -15.22
CA SER A 17 13.33 1.09 -13.98
C SER A 17 12.37 1.08 -12.79
N THR A 18 11.10 1.39 -13.06
CA THR A 18 10.08 1.44 -12.01
C THR A 18 8.87 0.62 -12.41
N ARG A 19 7.96 0.41 -11.45
CA ARG A 19 6.76 -0.38 -11.70
C ARG A 19 5.60 0.13 -10.85
N LYS A 20 4.38 -0.21 -11.26
CA LYS A 20 3.19 0.19 -10.53
C LYS A 20 2.68 -0.96 -9.68
N ILE A 21 2.20 -0.64 -8.48
CA ILE A 21 1.69 -1.65 -7.56
C ILE A 21 0.17 -1.57 -7.47
N LYS A 22 -0.48 -2.72 -7.65
CA LYS A 22 -1.93 -2.79 -7.58
C LYS A 22 -2.36 -3.80 -6.52
N ILE A 23 -1.43 -4.15 -5.63
CA ILE A 23 -1.70 -5.11 -4.57
C ILE A 23 -1.79 -4.43 -3.21
N THR A 24 -2.86 -4.74 -2.47
CA THR A 24 -3.05 -4.14 -1.15
C THR A 24 -3.61 -5.18 -0.18
N PHE A 25 -3.21 -5.09 1.08
CA PHE A 25 -3.68 -6.02 2.09
C PHE A 25 -5.01 -5.56 2.66
N ALA A 26 -6.05 -6.34 2.42
CA ALA A 26 -7.39 -6.00 2.92
C ALA A 26 -8.06 -7.23 3.53
N LEU A 27 -8.80 -7.02 4.61
CA LEU A 27 -9.49 -8.11 5.28
C LEU A 27 -10.91 -8.26 4.76
N ASP A 28 -11.80 -7.40 5.24
CA ASP A 28 -13.19 -7.44 4.81
C ASP A 28 -13.38 -6.70 3.50
N ALA A 29 -14.55 -6.86 2.88
CA ALA A 29 -14.84 -6.21 1.62
C ALA A 29 -14.88 -4.69 1.80
N THR A 30 -15.42 -4.25 2.93
CA THR A 30 -15.53 -2.82 3.20
C THR A 30 -14.16 -2.15 3.10
N PHE A 31 -13.21 -2.62 3.90
CA PHE A 31 -11.87 -2.07 3.90
C PHE A 31 -11.19 -2.34 2.55
N ASP A 32 -11.65 -3.37 1.86
CA ASP A 32 -11.08 -3.71 0.57
C ASP A 32 -11.41 -2.64 -0.47
N SER A 33 -12.67 -2.23 -0.51
CA SER A 33 -13.10 -1.21 -1.46
C SER A 33 -12.56 0.16 -1.07
N VAL A 34 -12.54 0.43 0.23
CA VAL A 34 -12.04 1.72 0.71
C VAL A 34 -10.56 1.88 0.34
N LEU A 35 -9.77 0.86 0.61
CA LEU A 35 -8.35 0.90 0.29
C LEU A 35 -8.14 0.96 -1.20
N SER A 36 -8.90 0.16 -1.93
CA SER A 36 -8.78 0.14 -3.37
C SER A 36 -9.13 1.50 -3.97
N LYS A 37 -10.26 2.05 -3.52
CA LYS A 37 -10.70 3.35 -4.03
C LYS A 37 -9.69 4.43 -3.69
N ALA A 38 -9.22 4.43 -2.44
CA ALA A 38 -8.24 5.41 -2.01
C ALA A 38 -6.92 5.20 -2.72
N CYS A 39 -6.71 4.00 -3.22
CA CYS A 39 -5.46 3.67 -3.92
C CYS A 39 -5.62 2.39 -4.73
N SER A 40 -6.27 2.49 -5.88
CA SER A 40 -6.46 1.32 -6.74
C SER A 40 -5.22 1.09 -7.61
N GLU A 41 -4.28 2.03 -7.54
CA GLU A 41 -3.06 1.90 -8.33
C GLU A 41 -2.06 2.98 -7.91
N PHE A 42 -0.84 2.56 -7.60
CA PHE A 42 0.20 3.51 -7.18
C PHE A 42 1.47 3.28 -8.01
N GLU A 43 2.32 4.30 -8.08
CA GLU A 43 3.57 4.22 -8.83
C GLU A 43 4.76 4.18 -7.89
N VAL A 44 5.50 3.08 -7.91
CA VAL A 44 6.67 2.92 -7.04
C VAL A 44 7.91 2.67 -7.89
N ASP A 45 8.96 3.44 -7.62
CA ASP A 45 10.22 3.30 -8.35
C ASP A 45 11.32 2.81 -7.41
N LYS A 46 12.45 2.43 -7.98
CA LYS A 46 13.57 1.94 -7.19
C LYS A 46 13.92 2.93 -6.08
N ASP A 47 13.24 2.80 -4.94
CA ASP A 47 13.49 3.70 -3.82
C ASP A 47 12.39 3.54 -2.77
N VAL A 48 11.21 3.12 -3.20
CA VAL A 48 10.09 2.94 -2.28
C VAL A 48 10.25 1.66 -1.49
N THR A 49 10.12 1.77 -0.17
CA THR A 49 10.24 0.61 0.70
C THR A 49 8.99 0.45 1.55
N LEU A 50 8.77 -0.77 2.04
CA LEU A 50 7.58 -1.06 2.86
C LEU A 50 7.26 0.12 3.76
N ASP A 51 8.29 0.76 4.30
CA ASP A 51 8.10 1.91 5.18
C ASP A 51 7.45 3.05 4.40
N GLU A 52 7.96 3.32 3.20
CA GLU A 52 7.41 4.39 2.38
C GLU A 52 5.99 4.04 1.93
N LEU A 53 5.77 2.77 1.61
CA LEU A 53 4.46 2.33 1.19
C LEU A 53 3.43 2.54 2.29
N LEU A 54 3.81 2.20 3.51
CA LEU A 54 2.90 2.35 4.63
C LEU A 54 2.62 3.83 4.91
N ASP A 55 3.66 4.64 4.79
CA ASP A 55 3.53 6.07 5.06
C ASP A 55 2.64 6.76 4.03
N VAL A 56 2.86 6.43 2.77
CA VAL A 56 2.08 7.03 1.68
C VAL A 56 0.69 6.41 1.61
N VAL A 57 0.62 5.10 1.68
CA VAL A 57 -0.66 4.41 1.60
C VAL A 57 -1.58 4.90 2.71
N LEU A 58 -1.06 4.96 3.93
CA LEU A 58 -1.87 5.42 5.04
C LEU A 58 -2.25 6.88 4.85
N ASP A 59 -1.25 7.74 4.68
CA ASP A 59 -1.50 9.16 4.49
C ASP A 59 -2.52 9.37 3.38
N ALA A 60 -2.39 8.58 2.32
CA ALA A 60 -3.32 8.68 1.19
C ALA A 60 -4.74 8.39 1.63
N VAL A 61 -4.92 7.33 2.41
CA VAL A 61 -6.25 6.97 2.90
C VAL A 61 -6.82 8.07 3.77
N GLU A 62 -6.01 8.58 4.69
CA GLU A 62 -6.46 9.63 5.59
C GLU A 62 -6.80 10.90 4.81
N SER A 63 -5.95 11.24 3.85
CA SER A 63 -6.17 12.44 3.05
C SER A 63 -7.48 12.33 2.25
N THR A 64 -7.59 11.26 1.46
CA THR A 64 -8.78 11.05 0.65
C THR A 64 -10.02 10.91 1.53
N LEU A 65 -9.91 10.05 2.55
CA LEU A 65 -11.02 9.83 3.47
C LEU A 65 -10.74 10.45 4.83
N SER A 66 -11.19 11.68 5.03
CA SER A 66 -10.99 12.36 6.29
C SER A 66 -12.01 11.89 7.33
N PRO A 67 -13.27 11.80 6.96
CA PRO A 67 -14.35 11.37 7.87
C PRO A 67 -14.46 9.85 7.95
N CYS A 68 -14.22 9.30 9.14
CA CYS A 68 -14.30 7.86 9.35
C CYS A 68 -15.15 7.54 10.57
N LYS A 69 -15.07 8.41 11.57
CA LYS A 69 -15.83 8.21 12.80
C LYS A 69 -17.33 8.29 12.53
N GLU A 70 -17.70 9.04 11.50
CA GLU A 70 -19.11 9.20 11.14
C GLU A 70 -19.64 7.92 10.50
N HIS A 71 -18.80 7.26 9.71
CA HIS A 71 -19.19 6.03 9.05
C HIS A 71 -18.85 4.82 9.93
N ASP A 72 -19.88 4.20 10.48
CA ASP A 72 -19.67 3.03 11.34
C ASP A 72 -19.07 1.88 10.54
N VAL A 73 -19.38 1.84 9.26
CA VAL A 73 -18.87 0.77 8.39
C VAL A 73 -17.36 0.78 8.38
N ILE A 74 -16.78 1.97 8.24
CA ILE A 74 -15.32 2.10 8.21
C ILE A 74 -14.81 2.64 9.54
N GLY A 75 -15.73 3.09 10.38
CA GLY A 75 -15.37 3.64 11.69
C GLY A 75 -14.40 2.71 12.40
N THR A 76 -14.04 3.07 13.64
CA THR A 76 -13.12 2.26 14.42
C THR A 76 -11.69 2.41 13.90
N LYS A 77 -11.58 2.63 12.60
CA LYS A 77 -10.28 2.80 11.98
C LYS A 77 -9.57 4.02 12.56
N VAL A 78 -10.36 5.04 12.90
CA VAL A 78 -9.80 6.27 13.46
C VAL A 78 -9.06 5.95 14.76
N CYS A 79 -9.65 5.09 15.57
CA CYS A 79 -9.03 4.71 16.84
C CYS A 79 -7.71 3.97 16.57
N ALA A 80 -7.76 2.98 15.69
CA ALA A 80 -6.55 2.23 15.35
C ALA A 80 -5.52 3.15 14.71
N LEU A 81 -5.96 3.95 13.74
CA LEU A 81 -5.07 4.86 13.06
C LEU A 81 -4.32 5.70 14.09
N LEU A 82 -5.01 6.14 15.12
CA LEU A 82 -4.37 6.96 16.15
C LEU A 82 -3.24 6.17 16.80
N ASP A 83 -3.54 4.95 17.23
CA ASP A 83 -2.52 4.12 17.86
C ASP A 83 -1.40 3.81 16.89
N ARG A 84 -1.76 3.52 15.64
CA ARG A 84 -0.76 3.22 14.61
C ARG A 84 0.09 4.45 14.32
N LEU A 85 -0.56 5.59 14.26
CA LEU A 85 0.15 6.83 13.97
C LEU A 85 1.16 7.13 15.07
N ALA A 86 0.86 6.67 16.27
CA ALA A 86 1.76 6.90 17.41
C ALA A 86 3.14 6.31 17.12
N GLY A 87 3.29 5.71 15.94
CA GLY A 87 4.55 5.11 15.56
C GLY A 87 4.41 4.31 14.26
N ASP A 88 3.78 3.14 14.36
CA ASP A 88 3.59 2.28 13.20
C ASP A 88 2.91 0.98 13.61
N TYR A 89 3.66 0.10 14.25
CA TYR A 89 3.13 -1.18 14.69
C TYR A 89 2.97 -2.15 13.51
N VAL A 90 2.01 -1.86 12.65
CA VAL A 90 1.76 -2.72 11.50
C VAL A 90 3.04 -2.92 10.72
N TYR A 91 3.34 -4.18 10.38
CA TYR A 91 4.55 -4.51 9.63
C TYR A 91 4.18 -5.19 8.32
N LEU A 92 5.10 -5.18 7.38
CA LEU A 92 4.87 -5.82 6.07
C LEU A 92 5.95 -6.84 5.79
N PHE A 93 5.52 -8.06 5.47
CA PHE A 93 6.44 -9.16 5.16
C PHE A 93 6.07 -9.84 3.85
N ASP A 94 7.07 -10.38 3.16
CA ASP A 94 6.84 -11.05 1.89
C ASP A 94 6.40 -12.50 2.13
N GLU A 95 6.58 -13.34 1.12
CA GLU A 95 6.19 -14.75 1.24
C GLU A 95 6.89 -15.40 2.43
N GLY A 96 8.21 -15.21 2.51
CA GLY A 96 8.99 -15.78 3.60
C GLY A 96 8.80 -14.97 4.88
N GLY A 97 9.87 -14.32 5.32
CA GLY A 97 9.81 -13.50 6.53
C GLY A 97 10.86 -12.41 6.50
N ASP A 98 10.96 -11.72 5.36
CA ASP A 98 11.93 -10.64 5.20
C ASP A 98 11.23 -9.36 4.77
N GLU A 99 11.53 -8.25 5.45
CA GLU A 99 10.91 -6.98 5.13
C GLU A 99 11.42 -6.45 3.79
N VAL A 100 10.73 -6.83 2.73
CA VAL A 100 11.12 -6.39 1.39
C VAL A 100 9.93 -6.48 0.42
N ILE A 101 9.88 -5.56 -0.52
CA ILE A 101 8.79 -5.56 -1.50
C ILE A 101 8.97 -6.69 -2.49
N ALA A 102 7.92 -7.48 -2.67
CA ALA A 102 7.98 -8.60 -3.60
C ALA A 102 6.63 -8.80 -4.30
N PRO A 103 6.59 -9.67 -5.28
CA PRO A 103 5.33 -9.96 -6.04
C PRO A 103 4.16 -10.26 -5.11
N ARG A 104 4.45 -10.95 -4.00
CA ARG A 104 3.42 -11.30 -3.02
C ARG A 104 3.85 -10.93 -1.62
N MET A 105 2.96 -10.25 -0.90
CA MET A 105 3.26 -9.84 0.46
C MET A 105 1.98 -9.48 1.20
N TYR A 106 2.08 -9.33 2.52
CA TYR A 106 0.92 -8.98 3.34
C TYR A 106 1.32 -7.96 4.40
N CYS A 107 0.42 -7.01 4.66
CA CYS A 107 0.65 -5.98 5.66
C CYS A 107 -0.31 -6.12 6.83
N SER A 108 0.24 -6.46 7.99
CA SER A 108 -0.58 -6.64 9.19
C SER A 108 0.28 -6.58 10.45
N PHE A 109 -0.37 -6.54 11.60
CA PHE A 109 0.34 -6.49 12.88
C PHE A 109 1.09 -7.79 13.13
N SER A 110 0.45 -8.92 12.80
CA SER A 110 1.07 -10.22 13.00
C SER A 110 2.41 -10.29 12.31
N ALA A 111 3.33 -11.07 12.87
CA ALA A 111 4.67 -11.20 12.30
C ALA A 111 4.81 -12.55 11.59
N PRO A 112 5.89 -12.73 10.87
CA PRO A 112 6.16 -13.99 10.14
C PRO A 112 6.02 -15.23 11.05
N ASP A 113 6.51 -15.10 12.28
CA ASP A 113 6.43 -16.21 13.22
C ASP A 113 5.06 -16.26 13.87
N ASP A 114 4.03 -15.93 13.10
CA ASP A 114 2.67 -15.94 13.61
C ASP A 114 2.34 -17.27 14.27
N GLY A 1 -1.62 7.50 -16.79
CA GLY A 1 -1.51 8.54 -17.86
C GLY A 1 -0.90 7.93 -19.10
N LYS A 2 -0.55 8.80 -20.06
CA LYS A 2 0.02 8.35 -21.33
C LYS A 2 1.06 7.23 -21.09
N LYS A 3 1.44 6.50 -22.15
CA LYS A 3 2.41 5.42 -21.98
C LYS A 3 3.70 5.96 -21.40
N VAL A 4 4.83 5.30 -21.67
CA VAL A 4 6.12 5.73 -21.14
C VAL A 4 6.13 7.27 -20.98
N GLU A 5 5.44 7.97 -21.89
CA GLU A 5 5.30 9.44 -21.86
C GLU A 5 4.55 9.99 -23.10
N PHE A 6 3.73 9.15 -23.80
CA PHE A 6 2.99 9.66 -24.99
C PHE A 6 1.51 9.21 -25.07
N ASN A 7 1.19 7.95 -24.71
CA ASN A 7 -0.22 7.48 -24.81
C ASN A 7 -0.42 6.02 -24.37
N ASP A 8 -1.10 5.86 -23.21
CA ASP A 8 -1.43 4.54 -22.63
C ASP A 8 -0.47 4.17 -21.49
N LYS A 9 0.04 2.95 -21.53
CA LYS A 9 0.98 2.46 -20.50
C LYS A 9 2.33 2.16 -21.16
N PRO A 10 3.43 2.23 -20.43
CA PRO A 10 4.79 1.97 -21.00
C PRO A 10 4.83 0.82 -22.01
N LYS A 11 5.26 1.12 -23.25
CA LYS A 11 5.38 0.10 -24.31
C LYS A 11 6.71 0.27 -25.08
N VAL A 12 6.72 1.17 -26.06
CA VAL A 12 7.91 1.43 -26.87
C VAL A 12 9.13 1.72 -26.01
N ARG A 13 9.42 3.00 -25.78
CA ARG A 13 10.58 3.40 -24.98
C ARG A 13 10.78 2.46 -23.80
N LYS A 14 11.90 2.64 -23.10
CA LYS A 14 12.20 1.80 -21.95
C LYS A 14 11.26 2.14 -20.79
N ILE A 15 10.79 1.11 -20.10
CA ILE A 15 9.89 1.33 -18.97
C ILE A 15 10.62 2.06 -17.85
N PRO A 16 10.04 3.08 -17.26
CA PRO A 16 10.69 3.83 -16.14
C PRO A 16 11.31 2.88 -15.13
N SER A 17 12.37 3.34 -14.47
CA SER A 17 13.03 2.52 -13.47
C SER A 17 12.06 2.19 -12.34
N THR A 18 10.78 2.52 -12.53
CA THR A 18 9.77 2.26 -11.52
C THR A 18 8.88 1.08 -11.89
N ARG A 19 7.93 0.76 -11.01
CA ARG A 19 7.01 -0.34 -11.22
C ARG A 19 5.64 -0.03 -10.64
N LYS A 20 4.59 -0.73 -10.84
CA LYS A 20 3.21 -0.49 -10.45
C LYS A 20 2.64 -1.68 -9.69
N ILE A 21 2.24 -1.42 -8.44
CA ILE A 21 1.69 -2.45 -7.57
C ILE A 21 0.17 -2.30 -7.46
N LYS A 22 -0.50 -3.45 -7.34
CA LYS A 22 -1.95 -3.50 -7.23
C LYS A 22 -2.37 -4.45 -6.12
N ILE A 23 -1.39 -4.89 -5.32
CA ILE A 23 -1.66 -5.83 -4.22
C ILE A 23 -1.88 -5.10 -2.90
N THR A 24 -3.13 -5.13 -2.43
CA THR A 24 -3.50 -4.49 -1.17
C THR A 24 -4.03 -5.55 -0.20
N PHE A 25 -3.62 -5.46 1.07
CA PHE A 25 -4.07 -6.43 2.06
C PHE A 25 -5.41 -5.99 2.66
N ALA A 26 -6.44 -6.79 2.40
CA ALA A 26 -7.78 -6.49 2.90
C ALA A 26 -8.02 -7.15 4.25
N LEU A 27 -8.05 -6.33 5.31
CA LEU A 27 -8.29 -6.83 6.65
C LEU A 27 -9.74 -7.30 6.77
N ASP A 28 -10.63 -6.53 6.15
CA ASP A 28 -12.05 -6.82 6.14
C ASP A 28 -12.67 -6.26 4.88
N ALA A 29 -13.94 -6.58 4.64
CA ALA A 29 -14.62 -6.08 3.45
C ALA A 29 -14.61 -4.54 3.45
N THR A 30 -14.52 -3.96 4.67
CA THR A 30 -14.50 -2.51 4.79
C THR A 30 -13.31 -1.93 4.05
N PHE A 31 -12.06 -2.24 4.46
CA PHE A 31 -10.89 -1.73 3.76
C PHE A 31 -10.68 -2.50 2.46
N ASP A 32 -11.72 -3.19 2.05
CA ASP A 32 -11.68 -3.91 0.80
C ASP A 32 -12.13 -2.96 -0.28
N SER A 33 -13.39 -2.56 -0.19
CA SER A 33 -13.93 -1.60 -1.13
C SER A 33 -13.25 -0.25 -0.90
N VAL A 34 -13.07 0.10 0.39
CA VAL A 34 -12.46 1.38 0.74
C VAL A 34 -10.98 1.47 0.34
N LEU A 35 -10.16 0.47 0.69
CA LEU A 35 -8.74 0.53 0.34
C LEU A 35 -8.57 0.50 -1.18
N SER A 36 -9.34 -0.36 -1.85
CA SER A 36 -9.25 -0.46 -3.31
C SER A 36 -9.64 0.86 -3.99
N LYS A 37 -10.73 1.47 -3.53
CA LYS A 37 -11.20 2.74 -4.11
C LYS A 37 -10.19 3.88 -3.92
N ALA A 38 -9.64 3.99 -2.72
CA ALA A 38 -8.67 5.03 -2.42
C ALA A 38 -7.31 4.68 -2.98
N CYS A 39 -7.05 3.38 -3.09
CA CYS A 39 -5.75 2.91 -3.59
C CYS A 39 -5.84 1.59 -4.36
N SER A 40 -6.24 1.70 -5.63
CA SER A 40 -6.31 0.52 -6.51
C SER A 40 -4.97 0.35 -7.25
N GLU A 41 -4.16 1.41 -7.22
CA GLU A 41 -2.85 1.40 -7.90
C GLU A 41 -1.81 2.31 -7.24
N PHE A 42 -0.55 1.86 -7.26
CA PHE A 42 0.56 2.64 -6.72
C PHE A 42 1.81 2.52 -7.59
N GLU A 43 2.59 3.60 -7.64
CA GLU A 43 3.82 3.64 -8.43
C GLU A 43 5.04 3.66 -7.51
N VAL A 44 5.88 2.63 -7.63
CA VAL A 44 7.04 2.52 -6.74
C VAL A 44 8.40 2.46 -7.48
N ASP A 45 9.16 3.56 -7.29
CA ASP A 45 10.53 3.66 -7.82
C ASP A 45 11.32 2.54 -7.14
N LYS A 46 12.47 2.07 -7.63
CA LYS A 46 13.16 1.00 -6.94
C LYS A 46 13.99 1.56 -5.78
N ASP A 47 13.49 2.60 -5.13
CA ASP A 47 14.18 3.19 -4.00
C ASP A 47 13.19 3.38 -2.86
N VAL A 48 11.96 2.93 -3.09
CA VAL A 48 10.90 3.03 -2.09
C VAL A 48 10.93 1.79 -1.20
N THR A 49 11.03 2.03 0.10
CA THR A 49 11.07 0.95 1.06
C THR A 49 9.72 0.81 1.75
N LEU A 50 9.37 -0.42 2.10
CA LEU A 50 8.09 -0.71 2.74
C LEU A 50 7.66 0.44 3.65
N ASP A 51 8.64 1.10 4.28
CA ASP A 51 8.36 2.23 5.16
C ASP A 51 7.67 3.35 4.38
N GLU A 52 8.25 3.71 3.23
CA GLU A 52 7.67 4.77 2.38
C GLU A 52 6.34 4.30 1.79
N LEU A 53 6.28 3.03 1.42
CA LEU A 53 5.05 2.48 0.84
C LEU A 53 3.93 2.60 1.85
N LEU A 54 4.23 2.22 3.08
CA LEU A 54 3.26 2.30 4.18
C LEU A 54 2.87 3.75 4.42
N ASP A 55 3.87 4.63 4.40
CA ASP A 55 3.64 6.03 4.64
C ASP A 55 2.70 6.63 3.59
N VAL A 56 2.98 6.40 2.30
CA VAL A 56 2.16 6.94 1.23
C VAL A 56 0.79 6.27 1.20
N VAL A 57 0.78 4.99 1.51
CA VAL A 57 -0.46 4.22 1.54
C VAL A 57 -1.39 4.76 2.61
N LEU A 58 -0.83 4.95 3.79
CA LEU A 58 -1.61 5.46 4.92
C LEU A 58 -2.09 6.87 4.60
N ASP A 59 -1.19 7.70 4.06
CA ASP A 59 -1.52 9.08 3.71
C ASP A 59 -2.59 9.12 2.63
N ALA A 60 -2.45 8.27 1.61
CA ALA A 60 -3.41 8.24 0.51
C ALA A 60 -4.81 7.88 1.01
N VAL A 61 -4.89 6.83 1.83
CA VAL A 61 -6.16 6.39 2.38
C VAL A 61 -6.74 7.45 3.30
N GLU A 62 -5.89 8.06 4.10
CA GLU A 62 -6.31 9.11 5.02
C GLU A 62 -6.81 10.32 4.23
N SER A 63 -6.12 10.65 3.14
CA SER A 63 -6.50 11.79 2.29
C SER A 63 -7.85 11.55 1.61
N THR A 64 -8.07 10.34 1.09
CA THR A 64 -9.33 10.03 0.40
C THR A 64 -10.46 9.85 1.39
N LEU A 65 -10.18 9.10 2.46
CA LEU A 65 -11.20 8.84 3.48
C LEU A 65 -10.89 9.61 4.76
N SER A 66 -11.06 10.93 4.70
CA SER A 66 -10.81 11.78 5.86
C SER A 66 -11.97 11.70 6.86
N PRO A 67 -13.20 11.77 6.38
CA PRO A 67 -14.41 11.72 7.25
C PRO A 67 -14.80 10.29 7.66
N CYS A 68 -13.86 9.59 8.29
CA CYS A 68 -14.12 8.21 8.75
C CYS A 68 -14.83 8.24 10.11
N LYS A 69 -14.50 9.23 10.93
CA LYS A 69 -15.10 9.39 12.26
C LYS A 69 -16.61 9.64 12.17
N GLU A 70 -17.07 10.08 11.01
CA GLU A 70 -18.49 10.37 10.83
C GLU A 70 -19.33 9.10 10.78
N HIS A 71 -18.80 8.06 10.15
CA HIS A 71 -19.51 6.79 10.05
C HIS A 71 -19.21 5.92 11.27
N ASP A 72 -20.24 5.55 12.01
CA ASP A 72 -20.05 4.71 13.20
C ASP A 72 -19.47 3.35 12.84
N VAL A 73 -19.95 2.77 11.75
CA VAL A 73 -19.47 1.47 11.32
C VAL A 73 -17.97 1.54 11.01
N ILE A 74 -17.57 2.55 10.25
CA ILE A 74 -16.17 2.73 9.90
C ILE A 74 -15.41 3.43 11.04
N GLY A 75 -16.13 4.22 11.85
CA GLY A 75 -15.51 4.93 12.98
C GLY A 75 -14.22 4.26 13.42
N THR A 76 -14.35 3.18 14.18
CA THR A 76 -13.21 2.43 14.72
C THR A 76 -11.95 2.57 13.86
N LYS A 77 -12.10 2.70 12.55
CA LYS A 77 -10.95 2.86 11.66
C LYS A 77 -10.09 4.05 12.08
N VAL A 78 -10.70 5.07 12.68
CA VAL A 78 -9.97 6.24 13.15
C VAL A 78 -9.06 5.86 14.32
N CYS A 79 -9.62 5.12 15.27
CA CYS A 79 -8.86 4.69 16.44
C CYS A 79 -7.71 3.80 16.02
N ALA A 80 -7.99 2.87 15.10
CA ALA A 80 -6.97 1.96 14.60
C ALA A 80 -5.92 2.75 13.81
N LEU A 81 -6.38 3.71 13.02
CA LEU A 81 -5.49 4.55 12.23
C LEU A 81 -4.58 5.35 13.13
N LEU A 82 -5.16 5.94 14.18
CA LEU A 82 -4.38 6.73 15.12
C LEU A 82 -3.35 5.86 15.83
N ASP A 83 -3.76 4.65 16.23
CA ASP A 83 -2.86 3.73 16.90
C ASP A 83 -1.73 3.31 15.96
N ARG A 84 -2.07 3.11 14.68
CA ARG A 84 -1.08 2.73 13.69
C ARG A 84 -0.07 3.85 13.49
N LEU A 85 -0.58 5.08 13.47
CA LEU A 85 0.28 6.24 13.29
C LEU A 85 1.07 6.52 14.57
N ALA A 86 0.55 6.03 15.71
CA ALA A 86 1.19 6.25 17.00
C ALA A 86 2.57 5.60 17.06
N GLY A 87 2.70 4.38 16.54
CA GLY A 87 4.00 3.70 16.56
C GLY A 87 3.95 2.35 15.86
N ASP A 88 3.04 1.48 16.30
CA ASP A 88 2.92 0.14 15.71
C ASP A 88 1.96 0.19 14.51
N TYR A 89 2.48 -0.09 13.33
CA TYR A 89 1.67 -0.06 12.11
C TYR A 89 1.47 -1.49 11.58
N VAL A 90 2.07 -1.79 10.44
CA VAL A 90 1.99 -3.12 9.84
C VAL A 90 3.28 -3.37 9.04
N TYR A 91 4.05 -4.35 9.47
CA TYR A 91 5.31 -4.68 8.79
C TYR A 91 4.97 -5.36 7.47
N LEU A 92 5.87 -5.42 6.49
CA LEU A 92 5.55 -6.07 5.22
C LEU A 92 6.83 -6.71 4.70
N PHE A 93 6.75 -7.96 4.23
CA PHE A 93 7.95 -8.63 3.72
C PHE A 93 7.62 -9.58 2.57
N ASP A 94 8.66 -9.95 1.83
CA ASP A 94 8.49 -10.84 0.68
C ASP A 94 8.34 -12.29 1.15
N GLU A 95 8.23 -13.20 0.18
CA GLU A 95 8.08 -14.62 0.49
C GLU A 95 9.41 -15.21 0.96
N GLY A 96 10.04 -14.55 1.93
CA GLY A 96 11.32 -15.01 2.48
C GLY A 96 11.48 -14.53 3.91
N GLY A 97 11.35 -13.22 4.10
CA GLY A 97 11.49 -12.63 5.44
C GLY A 97 12.23 -11.30 5.34
N ASP A 98 12.95 -11.12 4.24
CA ASP A 98 13.70 -9.90 4.01
C ASP A 98 12.75 -8.73 3.74
N GLU A 99 13.04 -7.58 4.34
CA GLU A 99 12.21 -6.40 4.15
C GLU A 99 12.47 -5.80 2.77
N VAL A 100 11.71 -6.25 1.78
CA VAL A 100 11.87 -5.78 0.41
C VAL A 100 10.53 -5.81 -0.33
N ILE A 101 10.36 -4.89 -1.27
CA ILE A 101 9.14 -4.84 -2.07
C ILE A 101 9.29 -5.71 -3.30
N ALA A 102 8.37 -6.66 -3.45
CA ALA A 102 8.39 -7.58 -4.60
C ALA A 102 6.97 -7.80 -5.10
N PRO A 103 6.81 -8.57 -6.14
CA PRO A 103 5.46 -8.86 -6.71
C PRO A 103 4.50 -9.41 -5.65
N ARG A 104 5.05 -10.20 -4.74
CA ARG A 104 4.25 -10.79 -3.67
C ARG A 104 4.79 -10.38 -2.29
N MET A 105 4.17 -9.37 -1.70
CA MET A 105 4.59 -8.88 -0.38
C MET A 105 3.48 -9.07 0.64
N TYR A 106 3.84 -9.63 1.80
CA TYR A 106 2.88 -9.86 2.87
C TYR A 106 2.87 -8.67 3.83
N CYS A 107 1.80 -7.86 3.75
CA CYS A 107 1.68 -6.68 4.60
C CYS A 107 0.78 -6.97 5.80
N SER A 108 1.34 -6.86 7.00
CA SER A 108 0.58 -7.09 8.22
C SER A 108 1.42 -6.76 9.46
N PHE A 109 0.76 -6.72 10.62
CA PHE A 109 1.46 -6.43 11.86
C PHE A 109 1.99 -7.73 12.45
N SER A 110 2.21 -8.71 11.60
CA SER A 110 2.73 -10.01 12.01
C SER A 110 4.08 -10.27 11.37
N ALA A 111 5.09 -10.48 12.21
CA ALA A 111 6.45 -10.74 11.74
C ALA A 111 6.49 -11.94 10.79
N PRO A 112 7.54 -12.07 10.01
CA PRO A 112 7.68 -13.20 9.03
C PRO A 112 7.46 -14.57 9.68
N ASP A 113 8.07 -14.78 10.84
CA ASP A 113 7.90 -16.03 11.58
C ASP A 113 6.52 -16.03 12.25
N ASP A 114 6.14 -14.85 12.69
CA ASP A 114 4.84 -14.63 13.34
C ASP A 114 4.71 -15.55 14.57
#